data_5GV0
# 
_entry.id   5GV0 
# 
_audit_conform.dict_name       mmcif_pdbx.dic 
_audit_conform.dict_version    5.397 
_audit_conform.dict_location   http://mmcif.pdb.org/dictionaries/ascii/mmcif_pdbx.dic 
# 
loop_
_database_2.database_id 
_database_2.database_code 
_database_2.pdbx_database_accession 
_database_2.pdbx_DOI 
PDB   5GV0         pdb_00005gv0 10.2210/pdb5gv0/pdb 
WWPDB D_1300001363 ?            ?                   
# 
loop_
_pdbx_audit_revision_history.ordinal 
_pdbx_audit_revision_history.data_content_type 
_pdbx_audit_revision_history.major_revision 
_pdbx_audit_revision_history.minor_revision 
_pdbx_audit_revision_history.revision_date 
1 'Structure model' 1 0 2016-10-12 
2 'Structure model' 1 1 2016-10-19 
3 'Structure model' 1 2 2020-02-26 
4 'Structure model' 1 3 2020-07-29 
5 'Structure model' 1 4 2024-10-16 
# 
loop_
_pdbx_audit_revision_details.ordinal 
_pdbx_audit_revision_details.revision_ordinal 
_pdbx_audit_revision_details.data_content_type 
_pdbx_audit_revision_details.provider 
_pdbx_audit_revision_details.type 
_pdbx_audit_revision_details.description 
_pdbx_audit_revision_details.details 
1 1 'Structure model' repository 'Initial release' ?                          ? 
2 4 'Structure model' repository Remediation       'Carbohydrate remediation' ? 
# 
loop_
_pdbx_audit_revision_group.ordinal 
_pdbx_audit_revision_group.revision_ordinal 
_pdbx_audit_revision_group.data_content_type 
_pdbx_audit_revision_group.group 
1  2 'Structure model' 'Database references'  
2  3 'Structure model' 'Data collection'      
3  3 'Structure model' 'Database references'  
4  3 'Structure model' 'Derived calculations' 
5  4 'Structure model' 'Data collection'      
6  4 'Structure model' 'Derived calculations' 
7  4 'Structure model' 'Structure summary'    
8  5 'Structure model' 'Data collection'      
9  5 'Structure model' 'Database references'  
10 5 'Structure model' 'Structure summary'    
# 
loop_
_pdbx_audit_revision_category.ordinal 
_pdbx_audit_revision_category.revision_ordinal 
_pdbx_audit_revision_category.data_content_type 
_pdbx_audit_revision_category.category 
1  3 'Structure model' chem_comp                 
2  3 'Structure model' citation                  
3  3 'Structure model' diffrn_source             
4  3 'Structure model' pdbx_struct_oper_list     
5  4 'Structure model' chem_comp                 
6  4 'Structure model' entity                    
7  4 'Structure model' pdbx_chem_comp_identifier 
8  4 'Structure model' pdbx_entity_nonpoly       
9  4 'Structure model' struct_conn               
10 4 'Structure model' struct_site               
11 4 'Structure model' struct_site_gen           
12 5 'Structure model' chem_comp                 
13 5 'Structure model' chem_comp_atom            
14 5 'Structure model' chem_comp_bond            
15 5 'Structure model' database_2                
16 5 'Structure model' pdbx_entry_details        
17 5 'Structure model' pdbx_modification_feature 
# 
loop_
_pdbx_audit_revision_item.ordinal 
_pdbx_audit_revision_item.revision_ordinal 
_pdbx_audit_revision_item.data_content_type 
_pdbx_audit_revision_item.item 
1  3 'Structure model' '_chem_comp.type'                           
2  3 'Structure model' '_citation.journal_id_CSD'                  
3  3 'Structure model' '_diffrn_source.pdbx_synchrotron_site'      
4  3 'Structure model' '_pdbx_struct_oper_list.symmetry_operation' 
5  4 'Structure model' '_chem_comp.name'                           
6  4 'Structure model' '_entity.pdbx_description'                  
7  4 'Structure model' '_pdbx_entity_nonpoly.name'                 
8  4 'Structure model' '_struct_conn.pdbx_role'                    
9  5 'Structure model' '_chem_comp.pdbx_synonyms'                  
10 5 'Structure model' '_database_2.pdbx_DOI'                      
11 5 'Structure model' '_database_2.pdbx_database_accession'       
# 
_pdbx_database_status.status_code                     REL 
_pdbx_database_status.status_code_sf                  REL 
_pdbx_database_status.status_code_mr                  ? 
_pdbx_database_status.entry_id                        5GV0 
_pdbx_database_status.recvd_initial_deposition_date   2016-09-01 
_pdbx_database_status.SG_entry                        N 
_pdbx_database_status.deposit_site                    PDBJ 
_pdbx_database_status.process_site                    PDBJ 
_pdbx_database_status.status_code_cs                  ? 
_pdbx_database_status.methods_development_category    ? 
_pdbx_database_status.pdb_format_compatible           Y 
_pdbx_database_status.status_code_nmr_data            ? 
# 
_pdbx_database_related.content_type   unspecified 
_pdbx_database_related.db_id          5GV3 
_pdbx_database_related.db_name        PDB 
_pdbx_database_related.details        . 
# 
loop_
_audit_author.name 
_audit_author.pdbx_ordinal 
'Tomabechi, Y.'      1 
'Ehara, H.'          2 
'Kukimoto-Niino, M.' 3 
'Shirouzu, M.'       4 
# 
_citation.abstract                  ? 
_citation.abstract_id_CAS           ? 
_citation.book_id_ISBN              ? 
_citation.book_publisher            ? 
_citation.book_publisher_city       ? 
_citation.book_title                ? 
_citation.coordinate_linkage        ? 
_citation.country                   US 
_citation.database_id_Medline       ? 
_citation.details                   ? 
_citation.id                        primary 
_citation.journal_abbrev            Biochem.Biophys.Res.Commun. 
_citation.journal_id_ASTM           BBRCA9 
_citation.journal_id_CSD            0146 
_citation.journal_id_ISSN           1090-2104 
_citation.journal_full              ? 
_citation.journal_issue             ? 
_citation.journal_volume            479 
_citation.language                  ? 
_citation.page_first                489 
_citation.page_last                 495 
_citation.title                     
'Lysosome-associated membrane proteins-1 and -2 (LAMP-1 and LAMP-2) assemble via distinct modes' 
_citation.year                      2016 
_citation.database_id_CSD           ? 
_citation.pdbx_database_id_DOI      10.1016/j.bbrc.2016.09.093 
_citation.pdbx_database_id_PubMed   27663661 
_citation.unpublished_flag          ? 
# 
loop_
_citation_author.citation_id 
_citation_author.name 
_citation_author.ordinal 
_citation_author.identifier_ORCID 
primary 'Terasawa, K.'       1  ? 
primary 'Tomabechi, Y.'      2  ? 
primary 'Ikeda, M.'          3  ? 
primary 'Ehara, H.'          4  ? 
primary 'Kukimoto-Niino, M.' 5  ? 
primary 'Wakiyama, M.'       6  ? 
primary 'Podyma-Inoue, K.A.' 7  ? 
primary 'Rajapakshe, A.R.'   8  ? 
primary 'Watabe, T.'         9  ? 
primary 'Shirouzu, M.'       10 ? 
primary 'Hara-Yokoyama, M.'  11 ? 
# 
loop_
_entity.id 
_entity.type 
_entity.src_method 
_entity.pdbx_description 
_entity.formula_weight 
_entity.pdbx_number_of_molecules 
_entity.pdbx_ec 
_entity.pdbx_mutation 
_entity.pdbx_fragment 
_entity.details 
1 polymer     man 'Lysosome-associated membrane glycoprotein 1' 18253.611 1   ? ? 'UNP residues 208-370' ? 
2 non-polymer man 'SULFATE ION'                                 96.063    2   ? ? ?                      ? 
3 non-polymer syn 2-acetamido-2-deoxy-beta-D-glucopyranose      221.208   4   ? ? ?                      ? 
4 water       nat water                                         18.015    201 ? ? ?                      ? 
# 
_entity_name_com.entity_id   1 
_entity_name_com.name        
;Lysosome-associated membrane protein 1,120 kDa lysosomal membrane glycoprotein,CD107 antigen-like family member A,LGP-120,Lysosomal membrane glycoprotein A,LGP-A,P2B
;
# 
_entity_poly.entity_id                      1 
_entity_poly.type                           'polypeptide(L)' 
_entity_poly.nstd_linkage                   no 
_entity_poly.nstd_monomer                   no 
_entity_poly.pdbx_seq_one_letter_code       
;DPTVSKYNVTGNNGTCLLASMALQLNITYLKKDNKTVTRAFNISPNDTSSGSCGINLVTLKVENKNRALELQFGMNASSS
LFFLQGVRLNMTLPDALVPTFSISNHSLKALQATVGNSYKCNTEEHIFVSKMLSLNVFSVQVQAFKVDSDRFGSVEECVQ
DGNNGSSL
;
_entity_poly.pdbx_seq_one_letter_code_can   
;DPTVSKYNVTGNNGTCLLASMALQLNITYLKKDNKTVTRAFNISPNDTSSGSCGINLVTLKVENKNRALELQFGMNASSS
LFFLQGVRLNMTLPDALVPTFSISNHSLKALQATVGNSYKCNTEEHIFVSKMLSLNVFSVQVQAFKVDSDRFGSVEECVQ
DGNNGSSL
;
_entity_poly.pdbx_strand_id                 A 
_entity_poly.pdbx_target_identifier         ? 
# 
loop_
_pdbx_entity_nonpoly.entity_id 
_pdbx_entity_nonpoly.name 
_pdbx_entity_nonpoly.comp_id 
2 'SULFATE ION'                            SO4 
3 2-acetamido-2-deoxy-beta-D-glucopyranose NAG 
4 water                                    HOH 
# 
loop_
_entity_poly_seq.entity_id 
_entity_poly_seq.num 
_entity_poly_seq.mon_id 
_entity_poly_seq.hetero 
1 1   ASP n 
1 2   PRO n 
1 3   THR n 
1 4   VAL n 
1 5   SER n 
1 6   LYS n 
1 7   TYR n 
1 8   ASN n 
1 9   VAL n 
1 10  THR n 
1 11  GLY n 
1 12  ASN n 
1 13  ASN n 
1 14  GLY n 
1 15  THR n 
1 16  CYS n 
1 17  LEU n 
1 18  LEU n 
1 19  ALA n 
1 20  SER n 
1 21  MET n 
1 22  ALA n 
1 23  LEU n 
1 24  GLN n 
1 25  LEU n 
1 26  ASN n 
1 27  ILE n 
1 28  THR n 
1 29  TYR n 
1 30  LEU n 
1 31  LYS n 
1 32  LYS n 
1 33  ASP n 
1 34  ASN n 
1 35  LYS n 
1 36  THR n 
1 37  VAL n 
1 38  THR n 
1 39  ARG n 
1 40  ALA n 
1 41  PHE n 
1 42  ASN n 
1 43  ILE n 
1 44  SER n 
1 45  PRO n 
1 46  ASN n 
1 47  ASP n 
1 48  THR n 
1 49  SER n 
1 50  SER n 
1 51  GLY n 
1 52  SER n 
1 53  CYS n 
1 54  GLY n 
1 55  ILE n 
1 56  ASN n 
1 57  LEU n 
1 58  VAL n 
1 59  THR n 
1 60  LEU n 
1 61  LYS n 
1 62  VAL n 
1 63  GLU n 
1 64  ASN n 
1 65  LYS n 
1 66  ASN n 
1 67  ARG n 
1 68  ALA n 
1 69  LEU n 
1 70  GLU n 
1 71  LEU n 
1 72  GLN n 
1 73  PHE n 
1 74  GLY n 
1 75  MET n 
1 76  ASN n 
1 77  ALA n 
1 78  SER n 
1 79  SER n 
1 80  SER n 
1 81  LEU n 
1 82  PHE n 
1 83  PHE n 
1 84  LEU n 
1 85  GLN n 
1 86  GLY n 
1 87  VAL n 
1 88  ARG n 
1 89  LEU n 
1 90  ASN n 
1 91  MET n 
1 92  THR n 
1 93  LEU n 
1 94  PRO n 
1 95  ASP n 
1 96  ALA n 
1 97  LEU n 
1 98  VAL n 
1 99  PRO n 
1 100 THR n 
1 101 PHE n 
1 102 SER n 
1 103 ILE n 
1 104 SER n 
1 105 ASN n 
1 106 HIS n 
1 107 SER n 
1 108 LEU n 
1 109 LYS n 
1 110 ALA n 
1 111 LEU n 
1 112 GLN n 
1 113 ALA n 
1 114 THR n 
1 115 VAL n 
1 116 GLY n 
1 117 ASN n 
1 118 SER n 
1 119 TYR n 
1 120 LYS n 
1 121 CYS n 
1 122 ASN n 
1 123 THR n 
1 124 GLU n 
1 125 GLU n 
1 126 HIS n 
1 127 ILE n 
1 128 PHE n 
1 129 VAL n 
1 130 SER n 
1 131 LYS n 
1 132 MET n 
1 133 LEU n 
1 134 SER n 
1 135 LEU n 
1 136 ASN n 
1 137 VAL n 
1 138 PHE n 
1 139 SER n 
1 140 VAL n 
1 141 GLN n 
1 142 VAL n 
1 143 GLN n 
1 144 ALA n 
1 145 PHE n 
1 146 LYS n 
1 147 VAL n 
1 148 ASP n 
1 149 SER n 
1 150 ASP n 
1 151 ARG n 
1 152 PHE n 
1 153 GLY n 
1 154 SER n 
1 155 VAL n 
1 156 GLU n 
1 157 GLU n 
1 158 CYS n 
1 159 VAL n 
1 160 GLN n 
1 161 ASP n 
1 162 GLY n 
1 163 ASN n 
1 164 ASN n 
1 165 GLY n 
1 166 SER n 
1 167 SER n 
1 168 LEU n 
# 
_entity_src_gen.entity_id                          1 
_entity_src_gen.pdbx_src_id                        1 
_entity_src_gen.pdbx_alt_source_flag               sample 
_entity_src_gen.pdbx_seq_type                      'Biological sequence' 
_entity_src_gen.pdbx_beg_seq_num                   1 
_entity_src_gen.pdbx_end_seq_num                   168 
_entity_src_gen.gene_src_common_name               Mouse 
_entity_src_gen.gene_src_genus                     ? 
_entity_src_gen.pdbx_gene_src_gene                 'Lamp1, Lamp-1' 
_entity_src_gen.gene_src_species                   ? 
_entity_src_gen.gene_src_strain                    ? 
_entity_src_gen.gene_src_tissue                    ? 
_entity_src_gen.gene_src_tissue_fraction           ? 
_entity_src_gen.gene_src_details                   ? 
_entity_src_gen.pdbx_gene_src_fragment             ? 
_entity_src_gen.pdbx_gene_src_scientific_name      'Mus musculus' 
_entity_src_gen.pdbx_gene_src_ncbi_taxonomy_id     10090 
_entity_src_gen.pdbx_gene_src_variant              ? 
_entity_src_gen.pdbx_gene_src_cell_line            ? 
_entity_src_gen.pdbx_gene_src_atcc                 ? 
_entity_src_gen.pdbx_gene_src_organ                ? 
_entity_src_gen.pdbx_gene_src_organelle            ? 
_entity_src_gen.pdbx_gene_src_cell                 ? 
_entity_src_gen.pdbx_gene_src_cellular_location    ? 
_entity_src_gen.host_org_common_name               ? 
_entity_src_gen.pdbx_host_org_scientific_name      'Homo sapiens' 
_entity_src_gen.pdbx_host_org_ncbi_taxonomy_id     9606 
_entity_src_gen.host_org_genus                     ? 
_entity_src_gen.pdbx_host_org_gene                 ? 
_entity_src_gen.pdbx_host_org_organ                ? 
_entity_src_gen.host_org_species                   ? 
_entity_src_gen.pdbx_host_org_tissue               ? 
_entity_src_gen.pdbx_host_org_tissue_fraction      ? 
_entity_src_gen.pdbx_host_org_strain               ? 
_entity_src_gen.pdbx_host_org_variant              ? 
_entity_src_gen.pdbx_host_org_cell_line            HEK293 
_entity_src_gen.pdbx_host_org_atcc                 ? 
_entity_src_gen.pdbx_host_org_culture_collection   ? 
_entity_src_gen.pdbx_host_org_cell                 ? 
_entity_src_gen.pdbx_host_org_organelle            ? 
_entity_src_gen.pdbx_host_org_cellular_location    ? 
_entity_src_gen.pdbx_host_org_vector_type          plasmid 
_entity_src_gen.pdbx_host_org_vector               ? 
_entity_src_gen.host_org_details                   ? 
_entity_src_gen.expression_system_id               ? 
_entity_src_gen.plasmid_name                       pOriP 
_entity_src_gen.plasmid_details                    ? 
_entity_src_gen.pdbx_description                   ? 
# 
loop_
_chem_comp.id 
_chem_comp.type 
_chem_comp.mon_nstd_flag 
_chem_comp.name 
_chem_comp.pdbx_synonyms 
_chem_comp.formula 
_chem_comp.formula_weight 
ALA 'L-peptide linking'          y ALANINE                                  ? 'C3 H7 N O2'     89.093  
ARG 'L-peptide linking'          y ARGININE                                 ? 'C6 H15 N4 O2 1' 175.209 
ASN 'L-peptide linking'          y ASPARAGINE                               ? 'C4 H8 N2 O3'    132.118 
ASP 'L-peptide linking'          y 'ASPARTIC ACID'                          ? 'C4 H7 N O4'     133.103 
CYS 'L-peptide linking'          y CYSTEINE                                 ? 'C3 H7 N O2 S'   121.158 
GLN 'L-peptide linking'          y GLUTAMINE                                ? 'C5 H10 N2 O3'   146.144 
GLU 'L-peptide linking'          y 'GLUTAMIC ACID'                          ? 'C5 H9 N O4'     147.129 
GLY 'peptide linking'            y GLYCINE                                  ? 'C2 H5 N O2'     75.067  
HIS 'L-peptide linking'          y HISTIDINE                                ? 'C6 H10 N3 O2 1' 156.162 
HOH non-polymer                  . WATER                                    ? 'H2 O'           18.015  
ILE 'L-peptide linking'          y ISOLEUCINE                               ? 'C6 H13 N O2'    131.173 
LEU 'L-peptide linking'          y LEUCINE                                  ? 'C6 H13 N O2'    131.173 
LYS 'L-peptide linking'          y LYSINE                                   ? 'C6 H15 N2 O2 1' 147.195 
MET 'L-peptide linking'          y METHIONINE                               ? 'C5 H11 N O2 S'  149.211 
NAG 'D-saccharide, beta linking' . 2-acetamido-2-deoxy-beta-D-glucopyranose 
;N-acetyl-beta-D-glucosamine; 2-acetamido-2-deoxy-beta-D-glucose; 2-acetamido-2-deoxy-D-glucose; 2-acetamido-2-deoxy-glucose; N-ACETYL-D-GLUCOSAMINE
;
'C8 H15 N O6'    221.208 
PHE 'L-peptide linking'          y PHENYLALANINE                            ? 'C9 H11 N O2'    165.189 
PRO 'L-peptide linking'          y PROLINE                                  ? 'C5 H9 N O2'     115.130 
SER 'L-peptide linking'          y SERINE                                   ? 'C3 H7 N O3'     105.093 
SO4 non-polymer                  . 'SULFATE ION'                            ? 'O4 S -2'        96.063  
THR 'L-peptide linking'          y THREONINE                                ? 'C4 H9 N O3'     119.119 
TYR 'L-peptide linking'          y TYROSINE                                 ? 'C9 H11 N O3'    181.189 
VAL 'L-peptide linking'          y VALINE                                   ? 'C5 H11 N O2'    117.146 
# 
loop_
_pdbx_chem_comp_identifier.comp_id 
_pdbx_chem_comp_identifier.type 
_pdbx_chem_comp_identifier.program 
_pdbx_chem_comp_identifier.program_version 
_pdbx_chem_comp_identifier.identifier 
NAG 'CONDENSED IUPAC CARBOHYDRATE SYMBOL' GMML     1.0 DGlcpNAcb                      
NAG 'COMMON NAME'                         GMML     1.0 N-acetyl-b-D-glucopyranosamine 
NAG 'IUPAC CARBOHYDRATE SYMBOL'           PDB-CARE 1.0 b-D-GlcpNAc                    
NAG 'SNFG CARBOHYDRATE SYMBOL'            GMML     1.0 GlcNAc                         
# 
loop_
_pdbx_poly_seq_scheme.asym_id 
_pdbx_poly_seq_scheme.entity_id 
_pdbx_poly_seq_scheme.seq_id 
_pdbx_poly_seq_scheme.mon_id 
_pdbx_poly_seq_scheme.ndb_seq_num 
_pdbx_poly_seq_scheme.pdb_seq_num 
_pdbx_poly_seq_scheme.auth_seq_num 
_pdbx_poly_seq_scheme.pdb_mon_id 
_pdbx_poly_seq_scheme.auth_mon_id 
_pdbx_poly_seq_scheme.pdb_strand_id 
_pdbx_poly_seq_scheme.pdb_ins_code 
_pdbx_poly_seq_scheme.hetero 
A 1 1   ASP 1   207 207 ASP ASP A . n 
A 1 2   PRO 2   208 208 PRO PRO A . n 
A 1 3   THR 3   209 209 THR THR A . n 
A 1 4   VAL 4   210 210 VAL VAL A . n 
A 1 5   SER 5   211 211 SER SER A . n 
A 1 6   LYS 6   212 212 LYS LYS A . n 
A 1 7   TYR 7   213 213 TYR TYR A . n 
A 1 8   ASN 8   214 214 ASN ASN A . n 
A 1 9   VAL 9   215 215 VAL VAL A . n 
A 1 10  THR 10  216 216 THR THR A . n 
A 1 11  GLY 11  217 217 GLY GLY A . n 
A 1 12  ASN 12  218 218 ASN ASN A . n 
A 1 13  ASN 13  219 219 ASN ASN A . n 
A 1 14  GLY 14  220 220 GLY GLY A . n 
A 1 15  THR 15  221 221 THR THR A . n 
A 1 16  CYS 16  222 222 CYS CYS A . n 
A 1 17  LEU 17  223 223 LEU LEU A . n 
A 1 18  LEU 18  224 224 LEU LEU A . n 
A 1 19  ALA 19  225 225 ALA ALA A . n 
A 1 20  SER 20  226 226 SER SER A . n 
A 1 21  MET 21  227 227 MET MET A . n 
A 1 22  ALA 22  228 228 ALA ALA A . n 
A 1 23  LEU 23  229 229 LEU LEU A . n 
A 1 24  GLN 24  230 230 GLN GLN A . n 
A 1 25  LEU 25  231 231 LEU LEU A . n 
A 1 26  ASN 26  232 232 ASN ASN A . n 
A 1 27  ILE 27  233 233 ILE ILE A . n 
A 1 28  THR 28  234 234 THR THR A . n 
A 1 29  TYR 29  235 235 TYR TYR A . n 
A 1 30  LEU 30  236 236 LEU LEU A . n 
A 1 31  LYS 31  237 237 LYS LYS A . n 
A 1 32  LYS 32  238 238 LYS LYS A . n 
A 1 33  ASP 33  239 239 ASP ASP A . n 
A 1 34  ASN 34  240 240 ASN ASN A . n 
A 1 35  LYS 35  241 241 LYS LYS A . n 
A 1 36  THR 36  242 242 THR THR A . n 
A 1 37  VAL 37  243 243 VAL VAL A . n 
A 1 38  THR 38  244 244 THR THR A . n 
A 1 39  ARG 39  245 245 ARG ARG A . n 
A 1 40  ALA 40  246 246 ALA ALA A . n 
A 1 41  PHE 41  247 247 PHE PHE A . n 
A 1 42  ASN 42  248 248 ASN ASN A . n 
A 1 43  ILE 43  249 249 ILE ILE A . n 
A 1 44  SER 44  250 250 SER SER A . n 
A 1 45  PRO 45  251 251 PRO PRO A . n 
A 1 46  ASN 46  252 252 ASN ASN A . n 
A 1 47  ASP 47  253 253 ASP ASP A . n 
A 1 48  THR 48  254 254 THR THR A . n 
A 1 49  SER 49  255 255 SER SER A . n 
A 1 50  SER 50  256 256 SER SER A . n 
A 1 51  GLY 51  257 257 GLY GLY A . n 
A 1 52  SER 52  258 258 SER SER A . n 
A 1 53  CYS 53  259 259 CYS CYS A . n 
A 1 54  GLY 54  260 260 GLY GLY A . n 
A 1 55  ILE 55  261 261 ILE ILE A . n 
A 1 56  ASN 56  262 262 ASN ASN A . n 
A 1 57  LEU 57  263 263 LEU LEU A . n 
A 1 58  VAL 58  264 264 VAL VAL A . n 
A 1 59  THR 59  265 265 THR THR A . n 
A 1 60  LEU 60  266 266 LEU LEU A . n 
A 1 61  LYS 61  267 267 LYS LYS A . n 
A 1 62  VAL 62  268 268 VAL VAL A . n 
A 1 63  GLU 63  269 269 GLU GLU A . n 
A 1 64  ASN 64  270 270 ASN ASN A . n 
A 1 65  LYS 65  271 271 LYS LYS A . n 
A 1 66  ASN 66  272 272 ASN ASN A . n 
A 1 67  ARG 67  273 273 ARG ARG A . n 
A 1 68  ALA 68  274 274 ALA ALA A . n 
A 1 69  LEU 69  275 275 LEU LEU A . n 
A 1 70  GLU 70  276 276 GLU GLU A . n 
A 1 71  LEU 71  277 277 LEU LEU A . n 
A 1 72  GLN 72  278 278 GLN GLN A . n 
A 1 73  PHE 73  279 279 PHE PHE A . n 
A 1 74  GLY 74  280 280 GLY GLY A . n 
A 1 75  MET 75  281 281 MET MET A . n 
A 1 76  ASN 76  282 282 ASN ASN A . n 
A 1 77  ALA 77  283 283 ALA ALA A . n 
A 1 78  SER 78  284 284 SER SER A . n 
A 1 79  SER 79  285 285 SER SER A . n 
A 1 80  SER 80  286 286 SER SER A . n 
A 1 81  LEU 81  287 287 LEU LEU A . n 
A 1 82  PHE 82  288 288 PHE PHE A . n 
A 1 83  PHE 83  289 289 PHE PHE A . n 
A 1 84  LEU 84  290 290 LEU LEU A . n 
A 1 85  GLN 85  291 291 GLN GLN A . n 
A 1 86  GLY 86  292 292 GLY GLY A . n 
A 1 87  VAL 87  293 293 VAL VAL A . n 
A 1 88  ARG 88  294 294 ARG ARG A . n 
A 1 89  LEU 89  295 295 LEU LEU A . n 
A 1 90  ASN 90  296 296 ASN ASN A . n 
A 1 91  MET 91  297 297 MET MET A . n 
A 1 92  THR 92  298 298 THR THR A . n 
A 1 93  LEU 93  299 299 LEU LEU A . n 
A 1 94  PRO 94  300 300 PRO PRO A . n 
A 1 95  ASP 95  301 301 ASP ASP A . n 
A 1 96  ALA 96  302 302 ALA ALA A . n 
A 1 97  LEU 97  303 303 LEU LEU A . n 
A 1 98  VAL 98  304 304 VAL VAL A . n 
A 1 99  PRO 99  305 305 PRO PRO A . n 
A 1 100 THR 100 306 306 THR THR A . n 
A 1 101 PHE 101 307 307 PHE PHE A . n 
A 1 102 SER 102 308 308 SER SER A . n 
A 1 103 ILE 103 309 309 ILE ILE A . n 
A 1 104 SER 104 310 310 SER SER A . n 
A 1 105 ASN 105 311 311 ASN ASN A . n 
A 1 106 HIS 106 312 312 HIS HIS A . n 
A 1 107 SER 107 313 313 SER SER A . n 
A 1 108 LEU 108 314 314 LEU LEU A . n 
A 1 109 LYS 109 315 315 LYS LYS A . n 
A 1 110 ALA 110 316 316 ALA ALA A . n 
A 1 111 LEU 111 317 317 LEU LEU A . n 
A 1 112 GLN 112 318 318 GLN GLN A . n 
A 1 113 ALA 113 319 319 ALA ALA A . n 
A 1 114 THR 114 320 320 THR THR A . n 
A 1 115 VAL 115 321 321 VAL VAL A . n 
A 1 116 GLY 116 322 322 GLY GLY A . n 
A 1 117 ASN 117 323 323 ASN ASN A . n 
A 1 118 SER 118 324 324 SER SER A . n 
A 1 119 TYR 119 325 325 TYR TYR A . n 
A 1 120 LYS 120 326 326 LYS LYS A . n 
A 1 121 CYS 121 327 327 CYS CYS A . n 
A 1 122 ASN 122 328 328 ASN ASN A . n 
A 1 123 THR 123 329 329 THR THR A . n 
A 1 124 GLU 124 330 330 GLU GLU A . n 
A 1 125 GLU 125 331 331 GLU GLU A . n 
A 1 126 HIS 126 332 332 HIS HIS A . n 
A 1 127 ILE 127 333 333 ILE ILE A . n 
A 1 128 PHE 128 334 334 PHE PHE A . n 
A 1 129 VAL 129 335 335 VAL VAL A . n 
A 1 130 SER 130 336 336 SER SER A . n 
A 1 131 LYS 131 337 337 LYS LYS A . n 
A 1 132 MET 132 338 338 MET MET A . n 
A 1 133 LEU 133 339 339 LEU LEU A . n 
A 1 134 SER 134 340 340 SER SER A . n 
A 1 135 LEU 135 341 341 LEU LEU A . n 
A 1 136 ASN 136 342 342 ASN ASN A . n 
A 1 137 VAL 137 343 343 VAL VAL A . n 
A 1 138 PHE 138 344 344 PHE PHE A . n 
A 1 139 SER 139 345 345 SER SER A . n 
A 1 140 VAL 140 346 346 VAL VAL A . n 
A 1 141 GLN 141 347 347 GLN GLN A . n 
A 1 142 VAL 142 348 348 VAL VAL A . n 
A 1 143 GLN 143 349 349 GLN GLN A . n 
A 1 144 ALA 144 350 350 ALA ALA A . n 
A 1 145 PHE 145 351 351 PHE PHE A . n 
A 1 146 LYS 146 352 352 LYS LYS A . n 
A 1 147 VAL 147 353 353 VAL VAL A . n 
A 1 148 ASP 148 354 354 ASP ASP A . n 
A 1 149 SER 149 355 355 SER SER A . n 
A 1 150 ASP 150 356 356 ASP ASP A . n 
A 1 151 ARG 151 357 357 ARG ARG A . n 
A 1 152 PHE 152 358 358 PHE PHE A . n 
A 1 153 GLY 153 359 359 GLY GLY A . n 
A 1 154 SER 154 360 360 SER SER A . n 
A 1 155 VAL 155 361 361 VAL VAL A . n 
A 1 156 GLU 156 362 362 GLU GLU A . n 
A 1 157 GLU 157 363 363 GLU GLU A . n 
A 1 158 CYS 158 364 364 CYS CYS A . n 
A 1 159 VAL 159 365 365 VAL VAL A . n 
A 1 160 GLN 160 366 366 GLN GLN A . n 
A 1 161 ASP 161 367 367 ASP ASP A . n 
A 1 162 GLY 162 368 368 GLY GLY A . n 
A 1 163 ASN 163 369 ?   ?   ?   A . n 
A 1 164 ASN 164 370 ?   ?   ?   A . n 
A 1 165 GLY 165 371 ?   ?   ?   A . n 
A 1 166 SER 166 372 ?   ?   ?   A . n 
A 1 167 SER 167 373 ?   ?   ?   A . n 
A 1 168 LEU 168 374 ?   ?   ?   A . n 
# 
loop_
_pdbx_nonpoly_scheme.asym_id 
_pdbx_nonpoly_scheme.entity_id 
_pdbx_nonpoly_scheme.mon_id 
_pdbx_nonpoly_scheme.ndb_seq_num 
_pdbx_nonpoly_scheme.pdb_seq_num 
_pdbx_nonpoly_scheme.auth_seq_num 
_pdbx_nonpoly_scheme.pdb_mon_id 
_pdbx_nonpoly_scheme.auth_mon_id 
_pdbx_nonpoly_scheme.pdb_strand_id 
_pdbx_nonpoly_scheme.pdb_ins_code 
B 2 SO4 1   401 1   SO4 SO4 A . 
C 2 SO4 1   402 2   SO4 SO4 A . 
D 3 NAG 1   403 1   NAG NAG A . 
E 3 NAG 1   404 2   NAG NAG A . 
F 3 NAG 1   405 3   NAG NAG A . 
G 3 NAG 1   406 4   NAG NAG A . 
H 4 HOH 1   501 183 HOH HOH A . 
H 4 HOH 2   502 189 HOH HOH A . 
H 4 HOH 3   503 175 HOH HOH A . 
H 4 HOH 4   504 103 HOH HOH A . 
H 4 HOH 5   505 139 HOH HOH A . 
H 4 HOH 6   506 102 HOH HOH A . 
H 4 HOH 7   507 177 HOH HOH A . 
H 4 HOH 8   508 120 HOH HOH A . 
H 4 HOH 9   509 166 HOH HOH A . 
H 4 HOH 10  510 99  HOH HOH A . 
H 4 HOH 11  511 66  HOH HOH A . 
H 4 HOH 12  512 133 HOH HOH A . 
H 4 HOH 13  513 146 HOH HOH A . 
H 4 HOH 14  514 184 HOH HOH A . 
H 4 HOH 15  515 96  HOH HOH A . 
H 4 HOH 16  516 137 HOH HOH A . 
H 4 HOH 17  517 91  HOH HOH A . 
H 4 HOH 18  518 2   HOH HOH A . 
H 4 HOH 19  519 80  HOH HOH A . 
H 4 HOH 20  520 143 HOH HOH A . 
H 4 HOH 21  521 92  HOH HOH A . 
H 4 HOH 22  522 42  HOH HOH A . 
H 4 HOH 23  523 113 HOH HOH A . 
H 4 HOH 24  524 176 HOH HOH A . 
H 4 HOH 25  525 77  HOH HOH A . 
H 4 HOH 26  526 43  HOH HOH A . 
H 4 HOH 27  527 31  HOH HOH A . 
H 4 HOH 28  528 57  HOH HOH A . 
H 4 HOH 29  529 41  HOH HOH A . 
H 4 HOH 30  530 125 HOH HOH A . 
H 4 HOH 31  531 163 HOH HOH A . 
H 4 HOH 32  532 30  HOH HOH A . 
H 4 HOH 33  533 54  HOH HOH A . 
H 4 HOH 34  534 20  HOH HOH A . 
H 4 HOH 35  535 109 HOH HOH A . 
H 4 HOH 36  536 37  HOH HOH A . 
H 4 HOH 37  537 18  HOH HOH A . 
H 4 HOH 38  538 16  HOH HOH A . 
H 4 HOH 39  539 4   HOH HOH A . 
H 4 HOH 40  540 84  HOH HOH A . 
H 4 HOH 41  541 6   HOH HOH A . 
H 4 HOH 42  542 112 HOH HOH A . 
H 4 HOH 43  543 142 HOH HOH A . 
H 4 HOH 44  544 135 HOH HOH A . 
H 4 HOH 45  545 13  HOH HOH A . 
H 4 HOH 46  546 111 HOH HOH A . 
H 4 HOH 47  547 35  HOH HOH A . 
H 4 HOH 48  548 85  HOH HOH A . 
H 4 HOH 49  549 48  HOH HOH A . 
H 4 HOH 50  550 29  HOH HOH A . 
H 4 HOH 51  551 5   HOH HOH A . 
H 4 HOH 52  552 152 HOH HOH A . 
H 4 HOH 53  553 128 HOH HOH A . 
H 4 HOH 54  554 105 HOH HOH A . 
H 4 HOH 55  555 71  HOH HOH A . 
H 4 HOH 56  556 1   HOH HOH A . 
H 4 HOH 57  557 123 HOH HOH A . 
H 4 HOH 58  558 22  HOH HOH A . 
H 4 HOH 59  559 60  HOH HOH A . 
H 4 HOH 60  560 33  HOH HOH A . 
H 4 HOH 61  561 47  HOH HOH A . 
H 4 HOH 62  562 101 HOH HOH A . 
H 4 HOH 63  563 14  HOH HOH A . 
H 4 HOH 64  564 68  HOH HOH A . 
H 4 HOH 65  565 83  HOH HOH A . 
H 4 HOH 66  566 34  HOH HOH A . 
H 4 HOH 67  567 107 HOH HOH A . 
H 4 HOH 68  568 63  HOH HOH A . 
H 4 HOH 69  569 94  HOH HOH A . 
H 4 HOH 70  570 67  HOH HOH A . 
H 4 HOH 71  571 28  HOH HOH A . 
H 4 HOH 72  572 21  HOH HOH A . 
H 4 HOH 73  573 51  HOH HOH A . 
H 4 HOH 74  574 45  HOH HOH A . 
H 4 HOH 75  575 193 HOH HOH A . 
H 4 HOH 76  576 62  HOH HOH A . 
H 4 HOH 77  577 167 HOH HOH A . 
H 4 HOH 78  578 148 HOH HOH A . 
H 4 HOH 79  579 81  HOH HOH A . 
H 4 HOH 80  580 24  HOH HOH A . 
H 4 HOH 81  581 32  HOH HOH A . 
H 4 HOH 82  582 116 HOH HOH A . 
H 4 HOH 83  583 50  HOH HOH A . 
H 4 HOH 84  584 56  HOH HOH A . 
H 4 HOH 85  585 181 HOH HOH A . 
H 4 HOH 86  586 58  HOH HOH A . 
H 4 HOH 87  587 110 HOH HOH A . 
H 4 HOH 88  588 15  HOH HOH A . 
H 4 HOH 89  589 79  HOH HOH A . 
H 4 HOH 90  590 46  HOH HOH A . 
H 4 HOH 91  591 87  HOH HOH A . 
H 4 HOH 92  592 44  HOH HOH A . 
H 4 HOH 93  593 27  HOH HOH A . 
H 4 HOH 94  594 173 HOH HOH A . 
H 4 HOH 95  595 75  HOH HOH A . 
H 4 HOH 96  596 171 HOH HOH A . 
H 4 HOH 97  597 3   HOH HOH A . 
H 4 HOH 98  598 131 HOH HOH A . 
H 4 HOH 99  599 197 HOH HOH A . 
H 4 HOH 100 600 11  HOH HOH A . 
H 4 HOH 101 601 69  HOH HOH A . 
H 4 HOH 102 602 17  HOH HOH A . 
H 4 HOH 103 603 98  HOH HOH A . 
H 4 HOH 104 604 196 HOH HOH A . 
H 4 HOH 105 605 144 HOH HOH A . 
H 4 HOH 106 606 23  HOH HOH A . 
H 4 HOH 107 607 82  HOH HOH A . 
H 4 HOH 108 608 9   HOH HOH A . 
H 4 HOH 109 609 86  HOH HOH A . 
H 4 HOH 110 610 78  HOH HOH A . 
H 4 HOH 111 611 168 HOH HOH A . 
H 4 HOH 112 612 76  HOH HOH A . 
H 4 HOH 113 613 151 HOH HOH A . 
H 4 HOH 114 614 65  HOH HOH A . 
H 4 HOH 115 615 194 HOH HOH A . 
H 4 HOH 116 616 190 HOH HOH A . 
H 4 HOH 117 617 108 HOH HOH A . 
H 4 HOH 118 618 72  HOH HOH A . 
H 4 HOH 119 619 150 HOH HOH A . 
H 4 HOH 120 620 117 HOH HOH A . 
H 4 HOH 121 621 147 HOH HOH A . 
H 4 HOH 122 622 39  HOH HOH A . 
H 4 HOH 123 623 145 HOH HOH A . 
H 4 HOH 124 624 53  HOH HOH A . 
H 4 HOH 125 625 70  HOH HOH A . 
H 4 HOH 126 626 8   HOH HOH A . 
H 4 HOH 127 627 59  HOH HOH A . 
H 4 HOH 128 628 64  HOH HOH A . 
H 4 HOH 129 629 136 HOH HOH A . 
H 4 HOH 130 630 36  HOH HOH A . 
H 4 HOH 131 631 127 HOH HOH A . 
H 4 HOH 132 632 195 HOH HOH A . 
H 4 HOH 133 633 7   HOH HOH A . 
H 4 HOH 134 634 180 HOH HOH A . 
H 4 HOH 135 635 10  HOH HOH A . 
H 4 HOH 136 636 74  HOH HOH A . 
H 4 HOH 137 637 121 HOH HOH A . 
H 4 HOH 138 638 89  HOH HOH A . 
H 4 HOH 139 639 174 HOH HOH A . 
H 4 HOH 140 640 52  HOH HOH A . 
H 4 HOH 141 641 191 HOH HOH A . 
H 4 HOH 142 642 55  HOH HOH A . 
H 4 HOH 143 643 90  HOH HOH A . 
H 4 HOH 144 644 124 HOH HOH A . 
H 4 HOH 145 645 61  HOH HOH A . 
H 4 HOH 146 646 100 HOH HOH A . 
H 4 HOH 147 647 114 HOH HOH A . 
H 4 HOH 148 648 155 HOH HOH A . 
H 4 HOH 149 649 73  HOH HOH A . 
H 4 HOH 150 650 97  HOH HOH A . 
H 4 HOH 151 651 182 HOH HOH A . 
H 4 HOH 152 652 162 HOH HOH A . 
H 4 HOH 153 653 40  HOH HOH A . 
H 4 HOH 154 654 49  HOH HOH A . 
H 4 HOH 155 655 38  HOH HOH A . 
H 4 HOH 156 656 19  HOH HOH A . 
H 4 HOH 157 657 165 HOH HOH A . 
H 4 HOH 158 658 178 HOH HOH A . 
H 4 HOH 159 659 198 HOH HOH A . 
H 4 HOH 160 660 141 HOH HOH A . 
H 4 HOH 161 661 200 HOH HOH A . 
H 4 HOH 162 662 93  HOH HOH A . 
H 4 HOH 163 663 156 HOH HOH A . 
H 4 HOH 164 664 119 HOH HOH A . 
H 4 HOH 165 665 164 HOH HOH A . 
H 4 HOH 166 666 115 HOH HOH A . 
H 4 HOH 167 667 169 HOH HOH A . 
H 4 HOH 168 668 130 HOH HOH A . 
H 4 HOH 169 669 157 HOH HOH A . 
H 4 HOH 170 670 153 HOH HOH A . 
H 4 HOH 171 671 104 HOH HOH A . 
H 4 HOH 172 672 186 HOH HOH A . 
H 4 HOH 173 673 192 HOH HOH A . 
H 4 HOH 174 674 118 HOH HOH A . 
H 4 HOH 175 675 170 HOH HOH A . 
H 4 HOH 176 676 154 HOH HOH A . 
H 4 HOH 177 677 201 HOH HOH A . 
H 4 HOH 178 678 185 HOH HOH A . 
H 4 HOH 179 679 106 HOH HOH A . 
H 4 HOH 180 680 132 HOH HOH A . 
H 4 HOH 181 681 138 HOH HOH A . 
H 4 HOH 182 682 26  HOH HOH A . 
H 4 HOH 183 683 140 HOH HOH A . 
H 4 HOH 184 684 187 HOH HOH A . 
H 4 HOH 185 685 160 HOH HOH A . 
H 4 HOH 186 686 149 HOH HOH A . 
H 4 HOH 187 687 88  HOH HOH A . 
H 4 HOH 188 688 129 HOH HOH A . 
H 4 HOH 189 689 172 HOH HOH A . 
H 4 HOH 190 690 25  HOH HOH A . 
H 4 HOH 191 691 159 HOH HOH A . 
H 4 HOH 192 692 179 HOH HOH A . 
H 4 HOH 193 693 161 HOH HOH A . 
H 4 HOH 194 694 126 HOH HOH A . 
H 4 HOH 195 695 158 HOH HOH A . 
H 4 HOH 196 696 188 HOH HOH A . 
H 4 HOH 197 697 122 HOH HOH A . 
H 4 HOH 198 698 12  HOH HOH A . 
H 4 HOH 199 699 199 HOH HOH A . 
H 4 HOH 200 700 95  HOH HOH A . 
H 4 HOH 201 701 134 HOH HOH A . 
# 
loop_
_software.citation_id 
_software.classification 
_software.compiler_name 
_software.compiler_version 
_software.contact_author 
_software.contact_author_email 
_software.date 
_software.description 
_software.dependencies 
_software.hardware 
_software.language 
_software.location 
_software.mods 
_software.name 
_software.os 
_software.os_version 
_software.type 
_software.version 
_software.pdbx_ordinal 
? refinement        ? ? ? ? ? ? ? ? ? ? ? PHENIX      ? ? ? 1.9_1690 1 
? 'data collection' ? ? ? ? ? ? ? ? ? ? ? HKL-2000    ? ? ? .        2 
? 'data scaling'    ? ? ? ? ? ? ? ? ? ? ? HKL-2000    ? ? ? .        3 
? 'data extraction' ? ? ? ? ? ? ? ? ? ? ? PDB_EXTRACT ? ? ? 3.20     4 
? 'data reduction'  ? ? ? ? ? ? ? ? ? ? ? HKL-2000    ? ? ? .        5 
? phasing           ? ? ? ? ? ? ? ? ? ? ? PHENIX      ? ? ? .        6 
# 
_cell.angle_alpha                  90.000 
_cell.angle_alpha_esd              ? 
_cell.angle_beta                   90.000 
_cell.angle_beta_esd               ? 
_cell.angle_gamma                  90.000 
_cell.angle_gamma_esd              ? 
_cell.entry_id                     5GV0 
_cell.details                      ? 
_cell.formula_units_Z              ? 
_cell.length_a                     31.596 
_cell.length_a_esd                 ? 
_cell.length_b                     50.047 
_cell.length_b_esd                 ? 
_cell.length_c                     95.144 
_cell.length_c_esd                 ? 
_cell.volume                       ? 
_cell.volume_esd                   ? 
_cell.Z_PDB                        4 
_cell.reciprocal_angle_alpha       ? 
_cell.reciprocal_angle_beta        ? 
_cell.reciprocal_angle_gamma       ? 
_cell.reciprocal_angle_alpha_esd   ? 
_cell.reciprocal_angle_beta_esd    ? 
_cell.reciprocal_angle_gamma_esd   ? 
_cell.reciprocal_length_a          ? 
_cell.reciprocal_length_b          ? 
_cell.reciprocal_length_c          ? 
_cell.reciprocal_length_a_esd      ? 
_cell.reciprocal_length_b_esd      ? 
_cell.reciprocal_length_c_esd      ? 
_cell.pdbx_unique_axis             ? 
# 
_symmetry.entry_id                         5GV0 
_symmetry.cell_setting                     ? 
_symmetry.Int_Tables_number                19 
_symmetry.space_group_name_Hall            ? 
_symmetry.space_group_name_H-M             'P 21 21 21' 
_symmetry.pdbx_full_space_group_name_H-M   ? 
# 
_exptl.absorpt_coefficient_mu     ? 
_exptl.absorpt_correction_T_max   ? 
_exptl.absorpt_correction_T_min   ? 
_exptl.absorpt_correction_type    ? 
_exptl.absorpt_process_details    ? 
_exptl.entry_id                   5GV0 
_exptl.crystals_number            1 
_exptl.details                    ? 
_exptl.method                     'X-RAY DIFFRACTION' 
_exptl.method_details             ? 
# 
_exptl_crystal.colour                      ? 
_exptl_crystal.density_diffrn              ? 
_exptl_crystal.density_Matthews            2.13 
_exptl_crystal.density_method              ? 
_exptl_crystal.density_percent_sol         42.18 
_exptl_crystal.description                 ? 
_exptl_crystal.F_000                       ? 
_exptl_crystal.id                          1 
_exptl_crystal.preparation                 ? 
_exptl_crystal.size_max                    ? 
_exptl_crystal.size_mid                    ? 
_exptl_crystal.size_min                    ? 
_exptl_crystal.size_rad                    ? 
_exptl_crystal.colour_lustre               ? 
_exptl_crystal.colour_modifier             ? 
_exptl_crystal.colour_primary              ? 
_exptl_crystal.density_meas                ? 
_exptl_crystal.density_meas_esd            ? 
_exptl_crystal.density_meas_gt             ? 
_exptl_crystal.density_meas_lt             ? 
_exptl_crystal.density_meas_temp           ? 
_exptl_crystal.density_meas_temp_esd       ? 
_exptl_crystal.density_meas_temp_gt        ? 
_exptl_crystal.density_meas_temp_lt        ? 
_exptl_crystal.pdbx_crystal_image_url      ? 
_exptl_crystal.pdbx_crystal_image_format   ? 
_exptl_crystal.pdbx_mosaicity              ? 
_exptl_crystal.pdbx_mosaicity_esd          ? 
# 
_exptl_crystal_grow.apparatus       ? 
_exptl_crystal_grow.atmosphere      ? 
_exptl_crystal_grow.crystal_id      1 
_exptl_crystal_grow.details         ? 
_exptl_crystal_grow.method          'VAPOR DIFFUSION, SITTING DROP' 
_exptl_crystal_grow.method_ref      ? 
_exptl_crystal_grow.pH              ? 
_exptl_crystal_grow.pressure        ? 
_exptl_crystal_grow.pressure_esd    ? 
_exptl_crystal_grow.seeding         ? 
_exptl_crystal_grow.seeding_ref     ? 
_exptl_crystal_grow.temp            293 
_exptl_crystal_grow.temp_details    ? 
_exptl_crystal_grow.temp_esd        ? 
_exptl_crystal_grow.time            ? 
_exptl_crystal_grow.pdbx_details    '2M ammonium sulphate, 0.1M sodium HEPES (pH 7.5), 2% (v/v) polyethylene glycol 400' 
_exptl_crystal_grow.pdbx_pH_range   ? 
# 
_diffrn.ambient_environment    ? 
_diffrn.ambient_temp           100 
_diffrn.ambient_temp_details   ? 
_diffrn.ambient_temp_esd       ? 
_diffrn.crystal_id             1 
_diffrn.crystal_support        ? 
_diffrn.crystal_treatment      ? 
_diffrn.details                ? 
_diffrn.id                     1 
_diffrn.ambient_pressure       ? 
_diffrn.ambient_pressure_esd   ? 
_diffrn.ambient_pressure_gt    ? 
_diffrn.ambient_pressure_lt    ? 
_diffrn.ambient_temp_gt        ? 
_diffrn.ambient_temp_lt        ? 
# 
_diffrn_detector.details                      ? 
_diffrn_detector.detector                     CCD 
_diffrn_detector.diffrn_id                    1 
_diffrn_detector.type                         'MARMOSAIC 225 mm CCD' 
_diffrn_detector.area_resol_mean              ? 
_diffrn_detector.dtime                        ? 
_diffrn_detector.pdbx_frames_total            ? 
_diffrn_detector.pdbx_collection_time_total   ? 
_diffrn_detector.pdbx_collection_date         2014-10-06 
# 
_diffrn_radiation.collimation                      ? 
_diffrn_radiation.diffrn_id                        1 
_diffrn_radiation.filter_edge                      ? 
_diffrn_radiation.inhomogeneity                    ? 
_diffrn_radiation.monochromator                    ? 
_diffrn_radiation.polarisn_norm                    ? 
_diffrn_radiation.polarisn_ratio                   ? 
_diffrn_radiation.probe                            ? 
_diffrn_radiation.type                             ? 
_diffrn_radiation.xray_symbol                      ? 
_diffrn_radiation.wavelength_id                    1 
_diffrn_radiation.pdbx_monochromatic_or_laue_m_l   M 
_diffrn_radiation.pdbx_wavelength_list             ? 
_diffrn_radiation.pdbx_wavelength                  ? 
_diffrn_radiation.pdbx_diffrn_protocol             'SINGLE WAVELENGTH' 
_diffrn_radiation.pdbx_analyzer                    ? 
_diffrn_radiation.pdbx_scattering_type             x-ray 
# 
_diffrn_radiation_wavelength.id           1 
_diffrn_radiation_wavelength.wavelength   1 
_diffrn_radiation_wavelength.wt           1.0 
# 
_diffrn_source.current                     ? 
_diffrn_source.details                     ? 
_diffrn_source.diffrn_id                   1 
_diffrn_source.power                       ? 
_diffrn_source.size                        ? 
_diffrn_source.source                      SYNCHROTRON 
_diffrn_source.target                      ? 
_diffrn_source.type                        'SPRING-8 BEAMLINE BL26B2' 
_diffrn_source.voltage                     ? 
_diffrn_source.take-off_angle              ? 
_diffrn_source.pdbx_wavelength_list        1 
_diffrn_source.pdbx_wavelength             ? 
_diffrn_source.pdbx_synchrotron_beamline   BL26B2 
_diffrn_source.pdbx_synchrotron_site       SPring-8 
# 
_reflns.B_iso_Wilson_estimate            ? 
_reflns.entry_id                         5GV0 
_reflns.data_reduction_details           ? 
_reflns.data_reduction_method            ? 
_reflns.d_resolution_high                1.500 
_reflns.d_resolution_low                 50.000 
_reflns.details                          ? 
_reflns.limit_h_max                      ? 
_reflns.limit_h_min                      ? 
_reflns.limit_k_max                      ? 
_reflns.limit_k_min                      ? 
_reflns.limit_l_max                      ? 
_reflns.limit_l_min                      ? 
_reflns.number_all                       ? 
_reflns.number_obs                       24809 
_reflns.observed_criterion               ? 
_reflns.observed_criterion_F_max         ? 
_reflns.observed_criterion_F_min         ? 
_reflns.observed_criterion_I_max         ? 
_reflns.observed_criterion_I_min         ? 
_reflns.observed_criterion_sigma_F       ? 
_reflns.observed_criterion_sigma_I       ? 
_reflns.percent_possible_obs             99.300 
_reflns.R_free_details                   ? 
_reflns.Rmerge_F_all                     ? 
_reflns.Rmerge_F_obs                     ? 
_reflns.Friedel_coverage                 ? 
_reflns.number_gt                        ? 
_reflns.threshold_expression             ? 
_reflns.pdbx_redundancy                  6.600 
_reflns.pdbx_Rmerge_I_obs                0.059 
_reflns.pdbx_Rmerge_I_all                ? 
_reflns.pdbx_Rsym_value                  ? 
_reflns.pdbx_netI_over_av_sigmaI         50.639 
_reflns.pdbx_netI_over_sigmaI            16.400 
_reflns.pdbx_res_netI_over_av_sigmaI_2   ? 
_reflns.pdbx_res_netI_over_sigmaI_2      ? 
_reflns.pdbx_chi_squared                 ? 
_reflns.pdbx_scaling_rejects             ? 
_reflns.pdbx_d_res_high_opt              ? 
_reflns.pdbx_d_res_low_opt               ? 
_reflns.pdbx_d_res_opt_method            ? 
_reflns.phase_calculation_details        ? 
_reflns.pdbx_Rrim_I_all                  ? 
_reflns.pdbx_Rpim_I_all                  ? 
_reflns.pdbx_d_opt                       ? 
_reflns.pdbx_number_measured_all         ? 
_reflns.pdbx_diffrn_id                   1 
_reflns.pdbx_ordinal                     1 
_reflns.pdbx_CC_half                     ? 
_reflns.pdbx_R_split                     ? 
# 
loop_
_reflns_shell.d_res_high 
_reflns_shell.d_res_low 
_reflns_shell.meanI_over_sigI_all 
_reflns_shell.meanI_over_sigI_obs 
_reflns_shell.number_measured_all 
_reflns_shell.number_measured_obs 
_reflns_shell.number_possible 
_reflns_shell.number_unique_all 
_reflns_shell.number_unique_obs 
_reflns_shell.percent_possible_all 
_reflns_shell.percent_possible_obs 
_reflns_shell.Rmerge_F_all 
_reflns_shell.Rmerge_F_obs 
_reflns_shell.Rmerge_I_all 
_reflns_shell.Rmerge_I_obs 
_reflns_shell.meanI_over_sigI_gt 
_reflns_shell.meanI_over_uI_all 
_reflns_shell.meanI_over_uI_gt 
_reflns_shell.number_measured_gt 
_reflns_shell.number_unique_gt 
_reflns_shell.percent_possible_gt 
_reflns_shell.Rmerge_F_gt 
_reflns_shell.Rmerge_I_gt 
_reflns_shell.pdbx_redundancy 
_reflns_shell.pdbx_Rsym_value 
_reflns_shell.pdbx_chi_squared 
_reflns_shell.pdbx_netI_over_sigmaI_all 
_reflns_shell.pdbx_netI_over_sigmaI_obs 
_reflns_shell.pdbx_Rrim_I_all 
_reflns_shell.pdbx_Rpim_I_all 
_reflns_shell.pdbx_rejects 
_reflns_shell.pdbx_ordinal 
_reflns_shell.pdbx_diffrn_id 
_reflns_shell.pdbx_CC_half 
_reflns_shell.pdbx_R_split 
1.500 1.530  ? ? ? ? ? ? ? 94.100  ? ? ? ? 0.148 ? ? ? ? ? ? ? ? 4.500 ? ? ? ? ? ? ? 1  1 0.980 ? 
1.530 1.550  ? ? ? ? ? ? ? 99.300  ? ? ? ? 0.153 ? ? ? ? ? ? ? ? 4.900 ? ? ? ? ? ? ? 2  1 0.982 ? 
1.550 1.580  ? ? ? ? ? ? ? 99.800  ? ? ? ? 0.143 ? ? ? ? ? ? ? ? 5.700 ? ? ? ? ? ? ? 3  1 0.987 ? 
1.580 1.620  ? ? ? ? ? ? ? 99.900  ? ? ? ? 0.136 ? ? ? ? ? ? ? ? 7.000 ? ? ? ? ? ? ? 4  1 0.992 ? 
1.620 1.650  ? ? ? ? ? ? ? 99.800  ? ? ? ? 0.118 ? ? ? ? ? ? ? ? 7.100 ? ? ? ? ? ? ? 5  1 0.990 ? 
1.650 1.690  ? ? ? ? ? ? ? 100.000 ? ? ? ? 0.114 ? ? ? ? ? ? ? ? 7.100 ? ? ? ? ? ? ? 6  1 0.992 ? 
1.690 1.730  ? ? ? ? ? ? ? 100.000 ? ? ? ? 0.108 ? ? ? ? ? ? ? ? 7.000 ? ? ? ? ? ? ? 7  1 0.991 ? 
1.730 1.780  ? ? ? ? ? ? ? 99.900  ? ? ? ? 0.097 ? ? ? ? ? ? ? ? 7.000 ? ? ? ? ? ? ? 8  1 0.993 ? 
1.780 1.830  ? ? ? ? ? ? ? 99.700  ? ? ? ? 0.088 ? ? ? ? ? ? ? ? 7.000 ? ? ? ? ? ? ? 9  1 0.993 ? 
1.830 1.890  ? ? ? ? ? ? ? 99.800  ? ? ? ? 0.085 ? ? ? ? ? ? ? ? 6.900 ? ? ? ? ? ? ? 10 1 0.994 ? 
1.890 1.960  ? ? ? ? ? ? ? 99.900  ? ? ? ? 0.076 ? ? ? ? ? ? ? ? 6.800 ? ? ? ? ? ? ? 11 1 0.995 ? 
1.960 2.040  ? ? ? ? ? ? ? 99.800  ? ? ? ? 0.071 ? ? ? ? ? ? ? ? 6.800 ? ? ? ? ? ? ? 12 1 0.995 ? 
2.040 2.130  ? ? ? ? ? ? ? 99.900  ? ? ? ? 0.067 ? ? ? ? ? ? ? ? 6.900 ? ? ? ? ? ? ? 13 1 0.995 ? 
2.130 2.240  ? ? ? ? ? ? ? 100.000 ? ? ? ? 0.065 ? ? ? ? ? ? ? ? 7.000 ? ? ? ? ? ? ? 14 1 0.996 ? 
2.240 2.380  ? ? ? ? ? ? ? 99.900  ? ? ? ? 0.066 ? ? ? ? ? ? ? ? 7.000 ? ? ? ? ? ? ? 15 1 0.996 ? 
2.380 2.560  ? ? ? ? ? ? ? 99.900  ? ? ? ? 0.067 ? ? ? ? ? ? ? ? 7.000 ? ? ? ? ? ? ? 16 1 0.995 ? 
2.560 2.820  ? ? ? ? ? ? ? 99.900  ? ? ? ? 0.066 ? ? ? ? ? ? ? ? 6.600 ? ? ? ? ? ? ? 17 1 0.997 ? 
2.820 3.230  ? ? ? ? ? ? ? 100.000 ? ? ? ? 0.061 ? ? ? ? ? ? ? ? 6.300 ? ? ? ? ? ? ? 18 1 0.997 ? 
3.230 4.070  ? ? ? ? ? ? ? 99.200  ? ? ? ? 0.052 ? ? ? ? ? ? ? ? 6.500 ? ? ? ? ? ? ? 19 1 0.997 ? 
4.070 50.000 ? ? ? ? ? ? ? 95.600  ? ? ? ? 0.037 ? ? ? ? ? ? ? ? 6.300 ? ? ? ? ? ? ? 20 1 0.999 ? 
# 
_refine.aniso_B[1][1]                            ? 
_refine.aniso_B[1][2]                            ? 
_refine.aniso_B[1][3]                            ? 
_refine.aniso_B[2][2]                            ? 
_refine.aniso_B[2][3]                            ? 
_refine.aniso_B[3][3]                            ? 
_refine.B_iso_max                                79.350 
_refine.B_iso_mean                               19.8439 
_refine.B_iso_min                                7.860 
_refine.correlation_coeff_Fo_to_Fc               ? 
_refine.correlation_coeff_Fo_to_Fc_free          ? 
_refine.details                                  ? 
_refine.diff_density_max                         ? 
_refine.diff_density_max_esd                     ? 
_refine.diff_density_min                         ? 
_refine.diff_density_min_esd                     ? 
_refine.diff_density_rms                         ? 
_refine.diff_density_rms_esd                     ? 
_refine.entry_id                                 5GV0 
_refine.pdbx_refine_id                           'X-RAY DIFFRACTION' 
_refine.ls_abs_structure_details                 ? 
_refine.ls_abs_structure_Flack                   ? 
_refine.ls_abs_structure_Flack_esd               ? 
_refine.ls_abs_structure_Rogers                  ? 
_refine.ls_abs_structure_Rogers_esd              ? 
_refine.ls_d_res_high                            1.5000 
_refine.ls_d_res_low                             34.4800 
_refine.ls_extinction_coef                       ? 
_refine.ls_extinction_coef_esd                   ? 
_refine.ls_extinction_expression                 ? 
_refine.ls_extinction_method                     ? 
_refine.ls_goodness_of_fit_all                   ? 
_refine.ls_goodness_of_fit_all_esd               ? 
_refine.ls_goodness_of_fit_obs                   ? 
_refine.ls_goodness_of_fit_obs_esd               ? 
_refine.ls_hydrogen_treatment                    ? 
_refine.ls_matrix_type                           ? 
_refine.ls_number_constraints                    ? 
_refine.ls_number_parameters                     ? 
_refine.ls_number_reflns_all                     ? 
_refine.ls_number_reflns_obs                     24751 
_refine.ls_number_reflns_R_free                  2000 
_refine.ls_number_reflns_R_work                  ? 
_refine.ls_number_restraints                     ? 
_refine.ls_percent_reflns_obs                    99.2600 
_refine.ls_percent_reflns_R_free                 8.0800 
_refine.ls_R_factor_all                          ? 
_refine.ls_R_factor_obs                          0.1761 
_refine.ls_R_factor_R_free                       0.1963 
_refine.ls_R_factor_R_free_error                 ? 
_refine.ls_R_factor_R_free_error_details         ? 
_refine.ls_R_factor_R_work                       0.1743 
_refine.ls_R_Fsqd_factor_obs                     ? 
_refine.ls_R_I_factor_obs                        ? 
_refine.ls_redundancy_reflns_all                 ? 
_refine.ls_redundancy_reflns_obs                 ? 
_refine.ls_restrained_S_all                      ? 
_refine.ls_restrained_S_obs                      ? 
_refine.ls_shift_over_esd_max                    ? 
_refine.ls_shift_over_esd_mean                   ? 
_refine.ls_structure_factor_coef                 ? 
_refine.ls_weighting_details                     ? 
_refine.ls_weighting_scheme                      ? 
_refine.ls_wR_factor_all                         ? 
_refine.ls_wR_factor_obs                         ? 
_refine.ls_wR_factor_R_free                      ? 
_refine.ls_wR_factor_R_work                      ? 
_refine.occupancy_max                            ? 
_refine.occupancy_min                            ? 
_refine.solvent_model_details                    ? 
_refine.solvent_model_param_bsol                 ? 
_refine.solvent_model_param_ksol                 ? 
_refine.ls_R_factor_gt                           ? 
_refine.ls_goodness_of_fit_gt                    ? 
_refine.ls_goodness_of_fit_ref                   ? 
_refine.ls_shift_over_su_max                     ? 
_refine.ls_shift_over_su_max_lt                  ? 
_refine.ls_shift_over_su_mean                    ? 
_refine.ls_shift_over_su_mean_lt                 ? 
_refine.pdbx_ls_sigma_I                          ? 
_refine.pdbx_ls_sigma_F                          1.390 
_refine.pdbx_ls_sigma_Fsqd                       ? 
_refine.pdbx_data_cutoff_high_absF               ? 
_refine.pdbx_data_cutoff_high_rms_absF           ? 
_refine.pdbx_data_cutoff_low_absF                ? 
_refine.pdbx_isotropic_thermal_model             ? 
_refine.pdbx_ls_cross_valid_method               'FREE R-VALUE' 
_refine.pdbx_method_to_determine_struct          SAD 
_refine.pdbx_starting_model                      ? 
_refine.pdbx_stereochemistry_target_values       ? 
_refine.pdbx_R_Free_selection_details            ? 
_refine.pdbx_stereochem_target_val_spec_case     ? 
_refine.pdbx_overall_ESU_R                       ? 
_refine.pdbx_overall_ESU_R_Free                  ? 
_refine.pdbx_solvent_vdw_probe_radii             1.1100 
_refine.pdbx_solvent_ion_probe_radii             ? 
_refine.pdbx_solvent_shrinkage_radii             0.9000 
_refine.pdbx_real_space_R                        ? 
_refine.pdbx_density_correlation                 ? 
_refine.pdbx_pd_number_of_powder_patterns        ? 
_refine.pdbx_pd_number_of_points                 ? 
_refine.pdbx_pd_meas_number_of_points            ? 
_refine.pdbx_pd_proc_ls_prof_R_factor            ? 
_refine.pdbx_pd_proc_ls_prof_wR_factor           ? 
_refine.pdbx_pd_Marquardt_correlation_coeff      ? 
_refine.pdbx_pd_Fsqrd_R_factor                   ? 
_refine.pdbx_pd_ls_matrix_band_width             ? 
_refine.pdbx_overall_phase_error                 18.6200 
_refine.pdbx_overall_SU_R_free_Cruickshank_DPI   ? 
_refine.pdbx_overall_SU_R_free_Blow_DPI          ? 
_refine.pdbx_overall_SU_R_Blow_DPI               ? 
_refine.pdbx_TLS_residual_ADP_flag               ? 
_refine.pdbx_diffrn_id                           1 
_refine.overall_SU_B                             ? 
_refine.overall_SU_ML                            0.1200 
_refine.overall_SU_R_Cruickshank_DPI             ? 
_refine.overall_SU_R_free                        ? 
_refine.overall_FOM_free_R_set                   ? 
_refine.overall_FOM_work_R_set                   ? 
_refine.pdbx_average_fsc_overall                 ? 
_refine.pdbx_average_fsc_work                    ? 
_refine.pdbx_average_fsc_free                    ? 
# 
_refine_hist.cycle_id                         final 
_refine_hist.pdbx_refine_id                   'X-RAY DIFFRACTION' 
_refine_hist.d_res_high                       1.5000 
_refine_hist.d_res_low                        34.4800 
_refine_hist.pdbx_number_atoms_ligand         66 
_refine_hist.number_atoms_solvent             201 
_refine_hist.number_atoms_total               1503 
_refine_hist.pdbx_number_residues_total       162 
_refine_hist.pdbx_B_iso_mean_ligand           29.73 
_refine_hist.pdbx_B_iso_mean_solvent          30.52 
_refine_hist.pdbx_number_atoms_protein        1236 
_refine_hist.pdbx_number_atoms_nucleic_acid   0 
# 
loop_
_refine_ls_restr.pdbx_refine_id 
_refine_ls_restr.criterion 
_refine_ls_restr.dev_ideal 
_refine_ls_restr.dev_ideal_target 
_refine_ls_restr.number 
_refine_ls_restr.rejects 
_refine_ls_restr.type 
_refine_ls_restr.weight 
_refine_ls_restr.pdbx_restraint_function 
'X-RAY DIFFRACTION' ? 0.005  ? 1323 ? f_bond_d           ? ? 
'X-RAY DIFFRACTION' ? 1.037  ? 1795 ? f_angle_d          ? ? 
'X-RAY DIFFRACTION' ? 0.043  ? 223  ? f_chiral_restr     ? ? 
'X-RAY DIFFRACTION' ? 0.004  ? 227  ? f_plane_restr      ? ? 
'X-RAY DIFFRACTION' ? 11.691 ? 472  ? f_dihedral_angle_d ? ? 
# 
loop_
_refine_ls_shell.pdbx_refine_id 
_refine_ls_shell.d_res_high 
_refine_ls_shell.d_res_low 
_refine_ls_shell.number_reflns_all 
_refine_ls_shell.number_reflns_obs 
_refine_ls_shell.number_reflns_R_free 
_refine_ls_shell.number_reflns_R_work 
_refine_ls_shell.percent_reflns_obs 
_refine_ls_shell.percent_reflns_R_free 
_refine_ls_shell.R_factor_all 
_refine_ls_shell.R_factor_obs 
_refine_ls_shell.R_factor_R_free 
_refine_ls_shell.R_factor_R_free_error 
_refine_ls_shell.R_factor_R_work 
_refine_ls_shell.redundancy_reflns_all 
_refine_ls_shell.redundancy_reflns_obs 
_refine_ls_shell.wR_factor_all 
_refine_ls_shell.wR_factor_obs 
_refine_ls_shell.wR_factor_R_free 
_refine_ls_shell.wR_factor_R_work 
_refine_ls_shell.pdbx_total_number_of_bins_used 
_refine_ls_shell.pdbx_phase_error 
_refine_ls_shell.pdbx_fsc_work 
_refine_ls_shell.pdbx_fsc_free 
'X-RAY DIFFRACTION' 1.5003 1.5378  1664 . 135 1529 95.0000  . . . 0.2390 . 0.1871 . . . . . . 14 . . . 
'X-RAY DIFFRACTION' 1.5378 1.5794  1757 . 141 1616 100.0000 . . . 0.2247 . 0.1798 . . . . . . 14 . . . 
'X-RAY DIFFRACTION' 1.5794 1.6259  1728 . 140 1588 100.0000 . . . 0.2077 . 0.1756 . . . . . . 14 . . . 
'X-RAY DIFFRACTION' 1.6259 1.6784  1764 . 143 1621 100.0000 . . . 0.2048 . 0.1683 . . . . . . 14 . . . 
'X-RAY DIFFRACTION' 1.6784 1.7383  1740 . 141 1599 100.0000 . . . 0.2146 . 0.1715 . . . . . . 14 . . . 
'X-RAY DIFFRACTION' 1.7383 1.8079  1745 . 140 1605 100.0000 . . . 0.2007 . 0.1734 . . . . . . 14 . . . 
'X-RAY DIFFRACTION' 1.8079 1.8902  1760 . 143 1617 100.0000 . . . 0.1737 . 0.1606 . . . . . . 14 . . . 
'X-RAY DIFFRACTION' 1.8902 1.9899  1774 . 142 1632 100.0000 . . . 0.2009 . 0.1658 . . . . . . 14 . . . 
'X-RAY DIFFRACTION' 1.9899 2.1145  1783 . 145 1638 100.0000 . . . 0.1686 . 0.1617 . . . . . . 14 . . . 
'X-RAY DIFFRACTION' 2.1145 2.2778  1777 . 144 1633 100.0000 . . . 0.2129 . 0.1622 . . . . . . 14 . . . 
'X-RAY DIFFRACTION' 2.2778 2.5069  1772 . 142 1630 100.0000 . . . 0.1944 . 0.1725 . . . . . . 14 . . . 
'X-RAY DIFFRACTION' 2.5069 2.8695  1811 . 147 1664 100.0000 . . . 0.2071 . 0.1842 . . . . . . 14 . . . 
'X-RAY DIFFRACTION' 2.8695 3.6147  1808 . 146 1662 100.0000 . . . 0.1990 . 0.1664 . . . . . . 14 . . . 
'X-RAY DIFFRACTION' 3.6147 34.4894 1868 . 151 1717 97.0000  . . . 0.1826 . 0.1909 . . . . . . 14 . . . 
# 
_struct.entry_id                     5GV0 
_struct.title                        
'Crystal structure of the membrane-proximal domain of mouse lysosome-associated membrane protein 1 (LAMP-1)' 
_struct.pdbx_model_details           ? 
_struct.pdbx_formula_weight          ? 
_struct.pdbx_formula_weight_method   ? 
_struct.pdbx_model_type_details      ? 
_struct.pdbx_CASP_flag               N 
# 
_struct_keywords.entry_id        5GV0 
_struct_keywords.text            'MEMBRANE PROTEIN' 
_struct_keywords.pdbx_keywords   'MEMBRANE PROTEIN' 
# 
loop_
_struct_asym.id 
_struct_asym.pdbx_blank_PDB_chainid_flag 
_struct_asym.pdbx_modified 
_struct_asym.entity_id 
_struct_asym.details 
A N N 1 ? 
B N N 2 ? 
C N N 2 ? 
D N N 3 ? 
E N N 3 ? 
F N N 3 ? 
G N N 3 ? 
H N N 4 ? 
# 
_struct_ref.id                         1 
_struct_ref.db_name                    UNP 
_struct_ref.db_code                    LAMP1_MOUSE 
_struct_ref.pdbx_db_accession          P11438 
_struct_ref.pdbx_db_isoform            ? 
_struct_ref.entity_id                  1 
_struct_ref.pdbx_seq_one_letter_code   
;PTVSKYNVTGNNGTCLLASMALQLNITYLKKDNKTVTRAFNISPNDTSSGSCGINLVTLKVENKNRALELQFGMNASSSL
FFLQGVRLNMTLPDALVPTFSISNHSLKALQATVGNSYKCNTEEHIFVSKMLSLNVFSVQVQAFKVDSDRFGSVEECVQD
GNN
;
_struct_ref.pdbx_align_begin           208 
# 
_struct_ref_seq.align_id                      1 
_struct_ref_seq.ref_id                        1 
_struct_ref_seq.pdbx_PDB_id_code              5GV0 
_struct_ref_seq.pdbx_strand_id                A 
_struct_ref_seq.seq_align_beg                 2 
_struct_ref_seq.pdbx_seq_align_beg_ins_code   ? 
_struct_ref_seq.seq_align_end                 164 
_struct_ref_seq.pdbx_seq_align_end_ins_code   ? 
_struct_ref_seq.pdbx_db_accession             P11438 
_struct_ref_seq.db_align_beg                  208 
_struct_ref_seq.pdbx_db_align_beg_ins_code    ? 
_struct_ref_seq.db_align_end                  370 
_struct_ref_seq.pdbx_db_align_end_ins_code    ? 
_struct_ref_seq.pdbx_auth_seq_align_beg       208 
_struct_ref_seq.pdbx_auth_seq_align_end       370 
# 
loop_
_struct_ref_seq_dif.align_id 
_struct_ref_seq_dif.pdbx_pdb_id_code 
_struct_ref_seq_dif.mon_id 
_struct_ref_seq_dif.pdbx_pdb_strand_id 
_struct_ref_seq_dif.seq_num 
_struct_ref_seq_dif.pdbx_pdb_ins_code 
_struct_ref_seq_dif.pdbx_seq_db_name 
_struct_ref_seq_dif.pdbx_seq_db_accession_code 
_struct_ref_seq_dif.db_mon_id 
_struct_ref_seq_dif.pdbx_seq_db_seq_num 
_struct_ref_seq_dif.details 
_struct_ref_seq_dif.pdbx_auth_seq_num 
_struct_ref_seq_dif.pdbx_ordinal 
1 5GV0 ASP A 1   ? UNP P11438 ? ? 'expression tag' 207 1 
1 5GV0 GLY A 165 ? UNP P11438 ? ? 'expression tag' 371 2 
1 5GV0 SER A 166 ? UNP P11438 ? ? 'expression tag' 372 3 
1 5GV0 SER A 167 ? UNP P11438 ? ? 'expression tag' 373 4 
1 5GV0 LEU A 168 ? UNP P11438 ? ? 'expression tag' 374 5 
# 
_pdbx_struct_assembly.id                   1 
_pdbx_struct_assembly.details              author_and_software_defined_assembly 
_pdbx_struct_assembly.method_details       PISA 
_pdbx_struct_assembly.oligomeric_details   monomeric 
_pdbx_struct_assembly.oligomeric_count     1 
# 
loop_
_pdbx_struct_assembly_prop.biol_id 
_pdbx_struct_assembly_prop.type 
_pdbx_struct_assembly_prop.value 
_pdbx_struct_assembly_prop.details 
1 'ABSA (A^2)' 1470 ? 
1 MORE         -6   ? 
1 'SSA (A^2)'  8790 ? 
# 
_pdbx_struct_assembly_gen.assembly_id       1 
_pdbx_struct_assembly_gen.oper_expression   1 
_pdbx_struct_assembly_gen.asym_id_list      A,B,C,D,E,F,G,H 
# 
_pdbx_struct_oper_list.id                   1 
_pdbx_struct_oper_list.type                 'identity operation' 
_pdbx_struct_oper_list.name                 1_555 
_pdbx_struct_oper_list.symmetry_operation   x,y,z 
_pdbx_struct_oper_list.matrix[1][1]         1.0000000000 
_pdbx_struct_oper_list.matrix[1][2]         0.0000000000 
_pdbx_struct_oper_list.matrix[1][3]         0.0000000000 
_pdbx_struct_oper_list.vector[1]            0.0000000000 
_pdbx_struct_oper_list.matrix[2][1]         0.0000000000 
_pdbx_struct_oper_list.matrix[2][2]         1.0000000000 
_pdbx_struct_oper_list.matrix[2][3]         0.0000000000 
_pdbx_struct_oper_list.vector[2]            0.0000000000 
_pdbx_struct_oper_list.matrix[3][1]         0.0000000000 
_pdbx_struct_oper_list.matrix[3][2]         0.0000000000 
_pdbx_struct_oper_list.matrix[3][3]         1.0000000000 
_pdbx_struct_oper_list.vector[3]            0.0000000000 
# 
_struct_conf.conf_type_id            HELX_P 
_struct_conf.id                      HELX_P1 
_struct_conf.pdbx_PDB_helix_id       AA1 
_struct_conf.beg_label_comp_id       VAL 
_struct_conf.beg_label_asym_id       A 
_struct_conf.beg_label_seq_id        159 
_struct_conf.pdbx_beg_PDB_ins_code   ? 
_struct_conf.end_label_comp_id       GLY 
_struct_conf.end_label_asym_id       A 
_struct_conf.end_label_seq_id        162 
_struct_conf.pdbx_end_PDB_ins_code   ? 
_struct_conf.beg_auth_comp_id        VAL 
_struct_conf.beg_auth_asym_id        A 
_struct_conf.beg_auth_seq_id         365 
_struct_conf.end_auth_comp_id        GLY 
_struct_conf.end_auth_asym_id        A 
_struct_conf.end_auth_seq_id         368 
_struct_conf.pdbx_PDB_helix_class    5 
_struct_conf.details                 ? 
_struct_conf.pdbx_PDB_helix_length   4 
# 
_struct_conf_type.id          HELX_P 
_struct_conf_type.criteria    ? 
_struct_conf_type.reference   ? 
# 
loop_
_struct_conn.id 
_struct_conn.conn_type_id 
_struct_conn.pdbx_leaving_atom_flag 
_struct_conn.pdbx_PDB_id 
_struct_conn.ptnr1_label_asym_id 
_struct_conn.ptnr1_label_comp_id 
_struct_conn.ptnr1_label_seq_id 
_struct_conn.ptnr1_label_atom_id 
_struct_conn.pdbx_ptnr1_label_alt_id 
_struct_conn.pdbx_ptnr1_PDB_ins_code 
_struct_conn.pdbx_ptnr1_standard_comp_id 
_struct_conn.ptnr1_symmetry 
_struct_conn.ptnr2_label_asym_id 
_struct_conn.ptnr2_label_comp_id 
_struct_conn.ptnr2_label_seq_id 
_struct_conn.ptnr2_label_atom_id 
_struct_conn.pdbx_ptnr2_label_alt_id 
_struct_conn.pdbx_ptnr2_PDB_ins_code 
_struct_conn.ptnr1_auth_asym_id 
_struct_conn.ptnr1_auth_comp_id 
_struct_conn.ptnr1_auth_seq_id 
_struct_conn.ptnr2_auth_asym_id 
_struct_conn.ptnr2_auth_comp_id 
_struct_conn.ptnr2_auth_seq_id 
_struct_conn.ptnr2_symmetry 
_struct_conn.pdbx_ptnr3_label_atom_id 
_struct_conn.pdbx_ptnr3_label_seq_id 
_struct_conn.pdbx_ptnr3_label_comp_id 
_struct_conn.pdbx_ptnr3_label_asym_id 
_struct_conn.pdbx_ptnr3_label_alt_id 
_struct_conn.pdbx_ptnr3_PDB_ins_code 
_struct_conn.details 
_struct_conn.pdbx_dist_value 
_struct_conn.pdbx_value_order 
_struct_conn.pdbx_role 
disulf1 disulf ?   ? A CYS 16  SG  ? ? ? 1_555 A CYS 53  SG ? ? A CYS 222 A CYS 259 1_555 ? ? ? ? ? ? ? 2.026 ? ?               
disulf2 disulf ?   ? A CYS 121 SG  ? ? ? 1_555 A CYS 158 SG ? ? A CYS 327 A CYS 364 1_555 ? ? ? ? ? ? ? 2.040 ? ?               
covale1 covale one ? A ASN 13  ND2 ? ? ? 1_555 F NAG .   C1 ? ? A ASN 219 A NAG 405 1_555 ? ? ? ? ? ? ? 1.436 ? N-Glycosylation 
covale2 covale one ? A ASN 76  ND2 ? ? ? 1_555 G NAG .   C1 ? ? A ASN 282 A NAG 406 1_555 ? ? ? ? ? ? ? 1.432 ? N-Glycosylation 
covale3 covale one ? A ASN 90  ND2 ? ? ? 1_555 E NAG .   C1 ? ? A ASN 296 A NAG 404 1_555 ? ? ? ? ? ? ? 1.437 ? N-Glycosylation 
covale4 covale one ? A ASN 105 ND2 ? ? ? 1_555 D NAG .   C1 ? ? A ASN 311 A NAG 403 1_555 ? ? ? ? ? ? ? 1.442 ? N-Glycosylation 
# 
loop_
_struct_conn_type.id 
_struct_conn_type.criteria 
_struct_conn_type.reference 
disulf ? ? 
covale ? ? 
# 
loop_
_pdbx_modification_feature.ordinal 
_pdbx_modification_feature.label_comp_id 
_pdbx_modification_feature.label_asym_id 
_pdbx_modification_feature.label_seq_id 
_pdbx_modification_feature.label_alt_id 
_pdbx_modification_feature.modified_residue_label_comp_id 
_pdbx_modification_feature.modified_residue_label_asym_id 
_pdbx_modification_feature.modified_residue_label_seq_id 
_pdbx_modification_feature.modified_residue_label_alt_id 
_pdbx_modification_feature.auth_comp_id 
_pdbx_modification_feature.auth_asym_id 
_pdbx_modification_feature.auth_seq_id 
_pdbx_modification_feature.PDB_ins_code 
_pdbx_modification_feature.symmetry 
_pdbx_modification_feature.modified_residue_auth_comp_id 
_pdbx_modification_feature.modified_residue_auth_asym_id 
_pdbx_modification_feature.modified_residue_auth_seq_id 
_pdbx_modification_feature.modified_residue_PDB_ins_code 
_pdbx_modification_feature.modified_residue_symmetry 
_pdbx_modification_feature.comp_id_linking_atom 
_pdbx_modification_feature.modified_residue_id_linking_atom 
_pdbx_modification_feature.modified_residue_id 
_pdbx_modification_feature.ref_pcm_id 
_pdbx_modification_feature.ref_comp_id 
_pdbx_modification_feature.type 
_pdbx_modification_feature.category 
1 NAG D .   ? ASN A 105 ? NAG A 403 ? 1_555 ASN A 311 ? 1_555 C1 ND2 ASN 1 NAG N-Glycosylation Carbohydrate       
2 NAG E .   ? ASN A 90  ? NAG A 404 ? 1_555 ASN A 296 ? 1_555 C1 ND2 ASN 1 NAG N-Glycosylation Carbohydrate       
3 NAG F .   ? ASN A 13  ? NAG A 405 ? 1_555 ASN A 219 ? 1_555 C1 ND2 ASN 1 NAG N-Glycosylation Carbohydrate       
4 NAG G .   ? ASN A 76  ? NAG A 406 ? 1_555 ASN A 282 ? 1_555 C1 ND2 ASN 1 NAG N-Glycosylation Carbohydrate       
5 CYS A 16  ? CYS A 53  ? CYS A 222 ? 1_555 CYS A 259 ? 1_555 SG SG  .   . .   None            'Disulfide bridge' 
6 CYS A 121 ? CYS A 158 ? CYS A 327 ? 1_555 CYS A 364 ? 1_555 SG SG  .   . .   None            'Disulfide bridge' 
# 
loop_
_struct_sheet.id 
_struct_sheet.type 
_struct_sheet.number_strands 
_struct_sheet.details 
AA1 ? 4 ? 
AA2 ? 5 ? 
AA3 ? 5 ? 
AA4 ? 5 ? 
# 
loop_
_struct_sheet_order.sheet_id 
_struct_sheet_order.range_id_1 
_struct_sheet_order.range_id_2 
_struct_sheet_order.offset 
_struct_sheet_order.sense 
AA1 1 2 ? anti-parallel 
AA1 2 3 ? anti-parallel 
AA1 3 4 ? anti-parallel 
AA2 1 2 ? anti-parallel 
AA2 2 3 ? anti-parallel 
AA2 3 4 ? anti-parallel 
AA2 4 5 ? parallel      
AA3 1 2 ? anti-parallel 
AA3 2 3 ? anti-parallel 
AA3 3 4 ? anti-parallel 
AA3 4 5 ? anti-parallel 
AA4 1 2 ? anti-parallel 
AA4 2 3 ? anti-parallel 
AA4 3 4 ? anti-parallel 
AA4 4 5 ? anti-parallel 
# 
loop_
_struct_sheet_range.sheet_id 
_struct_sheet_range.id 
_struct_sheet_range.beg_label_comp_id 
_struct_sheet_range.beg_label_asym_id 
_struct_sheet_range.beg_label_seq_id 
_struct_sheet_range.pdbx_beg_PDB_ins_code 
_struct_sheet_range.end_label_comp_id 
_struct_sheet_range.end_label_asym_id 
_struct_sheet_range.end_label_seq_id 
_struct_sheet_range.pdbx_end_PDB_ins_code 
_struct_sheet_range.beg_auth_comp_id 
_struct_sheet_range.beg_auth_asym_id 
_struct_sheet_range.beg_auth_seq_id 
_struct_sheet_range.end_auth_comp_id 
_struct_sheet_range.end_auth_asym_id 
_struct_sheet_range.end_auth_seq_id 
AA1 1 SER A 5   ? GLY A 11  ? SER A 211 GLY A 217 
AA1 2 GLY A 14  ? LEU A 30  ? GLY A 220 LEU A 236 
AA1 3 LEU A 133 ? ALA A 144 ? LEU A 339 ALA A 350 
AA1 4 GLU A 125 ? SER A 130 ? GLU A 331 SER A 336 
AA2 1 THR A 36  ? ASN A 42  ? THR A 242 ASN A 248 
AA2 2 GLY A 14  ? LEU A 30  ? GLY A 220 LEU A 236 
AA2 3 LEU A 133 ? ALA A 144 ? LEU A 339 ALA A 350 
AA2 4 SER A 118 ? CYS A 121 ? SER A 324 CYS A 327 
AA2 5 VAL A 155 ? GLU A 157 ? VAL A 361 GLU A 363 
AA3 1 THR A 48  ? SER A 52  ? THR A 254 SER A 258 
AA3 2 LEU A 57  ? ASN A 64  ? LEU A 263 ASN A 270 
AA3 3 ARG A 67  ? MET A 75  ? ARG A 273 MET A 281 
AA3 4 LEU A 81  ? THR A 92  ? LEU A 287 THR A 298 
AA3 5 THR A 100 ? ASN A 105 ? THR A 306 ASN A 311 
AA4 1 THR A 48  ? SER A 52  ? THR A 254 SER A 258 
AA4 2 LEU A 57  ? ASN A 64  ? LEU A 263 ASN A 270 
AA4 3 ARG A 67  ? MET A 75  ? ARG A 273 MET A 281 
AA4 4 LEU A 81  ? THR A 92  ? LEU A 287 THR A 298 
AA4 5 ALA A 110 ? THR A 114 ? ALA A 316 THR A 320 
# 
loop_
_pdbx_struct_sheet_hbond.sheet_id 
_pdbx_struct_sheet_hbond.range_id_1 
_pdbx_struct_sheet_hbond.range_id_2 
_pdbx_struct_sheet_hbond.range_1_label_atom_id 
_pdbx_struct_sheet_hbond.range_1_label_comp_id 
_pdbx_struct_sheet_hbond.range_1_label_asym_id 
_pdbx_struct_sheet_hbond.range_1_label_seq_id 
_pdbx_struct_sheet_hbond.range_1_PDB_ins_code 
_pdbx_struct_sheet_hbond.range_1_auth_atom_id 
_pdbx_struct_sheet_hbond.range_1_auth_comp_id 
_pdbx_struct_sheet_hbond.range_1_auth_asym_id 
_pdbx_struct_sheet_hbond.range_1_auth_seq_id 
_pdbx_struct_sheet_hbond.range_2_label_atom_id 
_pdbx_struct_sheet_hbond.range_2_label_comp_id 
_pdbx_struct_sheet_hbond.range_2_label_asym_id 
_pdbx_struct_sheet_hbond.range_2_label_seq_id 
_pdbx_struct_sheet_hbond.range_2_PDB_ins_code 
_pdbx_struct_sheet_hbond.range_2_auth_atom_id 
_pdbx_struct_sheet_hbond.range_2_auth_comp_id 
_pdbx_struct_sheet_hbond.range_2_auth_asym_id 
_pdbx_struct_sheet_hbond.range_2_auth_seq_id 
AA1 1 2 N VAL A 9   ? N VAL A 215 O CYS A 16  ? O CYS A 222 
AA1 2 3 N GLN A 24  ? N GLN A 230 O ASN A 136 ? O ASN A 342 
AA1 3 4 O VAL A 137 ? O VAL A 343 N GLU A 125 ? N GLU A 331 
AA2 1 2 O PHE A 41  ? O PHE A 247 N LEU A 25  ? N LEU A 231 
AA2 2 3 N GLN A 24  ? N GLN A 230 O ASN A 136 ? O ASN A 342 
AA2 3 4 O VAL A 142 ? O VAL A 348 N TYR A 119 ? N TYR A 325 
AA2 4 5 N SER A 118 ? N SER A 324 O GLU A 156 ? O GLU A 362 
AA3 1 2 N SER A 50  ? N SER A 256 O LYS A 61  ? O LYS A 267 
AA3 2 3 N VAL A 58  ? N VAL A 264 O PHE A 73  ? O PHE A 279 
AA3 3 4 N GLU A 70  ? N GLU A 276 O ARG A 88  ? O ARG A 294 
AA3 4 5 N LEU A 89  ? N LEU A 295 O ILE A 103 ? O ILE A 309 
AA4 1 2 N SER A 50  ? N SER A 256 O LYS A 61  ? O LYS A 267 
AA4 2 3 N VAL A 58  ? N VAL A 264 O PHE A 73  ? O PHE A 279 
AA4 3 4 N GLU A 70  ? N GLU A 276 O ARG A 88  ? O ARG A 294 
AA4 4 5 N LEU A 84  ? N LEU A 290 O ALA A 110 ? O ALA A 316 
# 
_pdbx_entry_details.entry_id                   5GV0 
_pdbx_entry_details.compound_details           ? 
_pdbx_entry_details.source_details             ? 
_pdbx_entry_details.nonpolymer_details         ? 
_pdbx_entry_details.sequence_details           ? 
_pdbx_entry_details.has_ligand_of_interest     ? 
_pdbx_entry_details.has_protein_modification   Y 
# 
loop_
_pdbx_validate_close_contact.id 
_pdbx_validate_close_contact.PDB_model_num 
_pdbx_validate_close_contact.auth_atom_id_1 
_pdbx_validate_close_contact.auth_asym_id_1 
_pdbx_validate_close_contact.auth_comp_id_1 
_pdbx_validate_close_contact.auth_seq_id_1 
_pdbx_validate_close_contact.PDB_ins_code_1 
_pdbx_validate_close_contact.label_alt_id_1 
_pdbx_validate_close_contact.auth_atom_id_2 
_pdbx_validate_close_contact.auth_asym_id_2 
_pdbx_validate_close_contact.auth_comp_id_2 
_pdbx_validate_close_contact.auth_seq_id_2 
_pdbx_validate_close_contact.PDB_ins_code_2 
_pdbx_validate_close_contact.label_alt_id_2 
_pdbx_validate_close_contact.dist 
1 1 O  A HOH 651 ? ? O A HOH 693 ? ? 1.89 
2 1 O  A HOH 524 ? ? O A HOH 692 ? ? 2.00 
3 1 O  A HOH 604 ? ? O A HOH 611 ? ? 2.03 
4 1 OG A SER 211 ? ? O A HOH 501 ? ? 2.06 
5 1 NZ A LYS 352 ? ? O A HOH 502 ? ? 2.09 
6 1 N  A SER 284 ? ? O A HOH 503 ? ? 2.12 
7 1 O  A HOH 639 ? ? O A HOH 697 ? ? 2.14 
8 1 O  A HOH 604 ? ? O A HOH 629 ? ? 2.14 
9 1 O  A HOH 505 ? ? O A HOH 667 ? ? 2.15 
# 
_pdbx_validate_symm_contact.id                1 
_pdbx_validate_symm_contact.PDB_model_num     1 
_pdbx_validate_symm_contact.auth_atom_id_1    O 
_pdbx_validate_symm_contact.auth_asym_id_1    A 
_pdbx_validate_symm_contact.auth_comp_id_1    HOH 
_pdbx_validate_symm_contact.auth_seq_id_1     510 
_pdbx_validate_symm_contact.PDB_ins_code_1    ? 
_pdbx_validate_symm_contact.label_alt_id_1    ? 
_pdbx_validate_symm_contact.site_symmetry_1   1_555 
_pdbx_validate_symm_contact.auth_atom_id_2    O 
_pdbx_validate_symm_contact.auth_asym_id_2    A 
_pdbx_validate_symm_contact.auth_comp_id_2    HOH 
_pdbx_validate_symm_contact.auth_seq_id_2     685 
_pdbx_validate_symm_contact.PDB_ins_code_2    ? 
_pdbx_validate_symm_contact.label_alt_id_2    ? 
_pdbx_validate_symm_contact.site_symmetry_2   3_645 
_pdbx_validate_symm_contact.dist              1.89 
# 
_pdbx_validate_torsion.id              1 
_pdbx_validate_torsion.PDB_model_num   1 
_pdbx_validate_torsion.auth_comp_id    PHE 
_pdbx_validate_torsion.auth_asym_id    A 
_pdbx_validate_torsion.auth_seq_id     351 
_pdbx_validate_torsion.PDB_ins_code    ? 
_pdbx_validate_torsion.label_alt_id    ? 
_pdbx_validate_torsion.phi             80.18 
_pdbx_validate_torsion.psi             -92.62 
# 
loop_
_pdbx_unobs_or_zero_occ_residues.id 
_pdbx_unobs_or_zero_occ_residues.PDB_model_num 
_pdbx_unobs_or_zero_occ_residues.polymer_flag 
_pdbx_unobs_or_zero_occ_residues.occupancy_flag 
_pdbx_unobs_or_zero_occ_residues.auth_asym_id 
_pdbx_unobs_or_zero_occ_residues.auth_comp_id 
_pdbx_unobs_or_zero_occ_residues.auth_seq_id 
_pdbx_unobs_or_zero_occ_residues.PDB_ins_code 
_pdbx_unobs_or_zero_occ_residues.label_asym_id 
_pdbx_unobs_or_zero_occ_residues.label_comp_id 
_pdbx_unobs_or_zero_occ_residues.label_seq_id 
1 1 Y 1 A ASN 369 ? A ASN 163 
2 1 Y 1 A ASN 370 ? A ASN 164 
3 1 Y 1 A GLY 371 ? A GLY 165 
4 1 Y 1 A SER 372 ? A SER 166 
5 1 Y 1 A SER 373 ? A SER 167 
6 1 Y 1 A LEU 374 ? A LEU 168 
# 
loop_
_chem_comp_atom.comp_id 
_chem_comp_atom.atom_id 
_chem_comp_atom.type_symbol 
_chem_comp_atom.pdbx_aromatic_flag 
_chem_comp_atom.pdbx_stereo_config 
_chem_comp_atom.pdbx_ordinal 
ALA N    N N N 1   
ALA CA   C N S 2   
ALA C    C N N 3   
ALA O    O N N 4   
ALA CB   C N N 5   
ALA OXT  O N N 6   
ALA H    H N N 7   
ALA H2   H N N 8   
ALA HA   H N N 9   
ALA HB1  H N N 10  
ALA HB2  H N N 11  
ALA HB3  H N N 12  
ALA HXT  H N N 13  
ARG N    N N N 14  
ARG CA   C N S 15  
ARG C    C N N 16  
ARG O    O N N 17  
ARG CB   C N N 18  
ARG CG   C N N 19  
ARG CD   C N N 20  
ARG NE   N N N 21  
ARG CZ   C N N 22  
ARG NH1  N N N 23  
ARG NH2  N N N 24  
ARG OXT  O N N 25  
ARG H    H N N 26  
ARG H2   H N N 27  
ARG HA   H N N 28  
ARG HB2  H N N 29  
ARG HB3  H N N 30  
ARG HG2  H N N 31  
ARG HG3  H N N 32  
ARG HD2  H N N 33  
ARG HD3  H N N 34  
ARG HE   H N N 35  
ARG HH11 H N N 36  
ARG HH12 H N N 37  
ARG HH21 H N N 38  
ARG HH22 H N N 39  
ARG HXT  H N N 40  
ASN N    N N N 41  
ASN CA   C N S 42  
ASN C    C N N 43  
ASN O    O N N 44  
ASN CB   C N N 45  
ASN CG   C N N 46  
ASN OD1  O N N 47  
ASN ND2  N N N 48  
ASN OXT  O N N 49  
ASN H    H N N 50  
ASN H2   H N N 51  
ASN HA   H N N 52  
ASN HB2  H N N 53  
ASN HB3  H N N 54  
ASN HD21 H N N 55  
ASN HD22 H N N 56  
ASN HXT  H N N 57  
ASP N    N N N 58  
ASP CA   C N S 59  
ASP C    C N N 60  
ASP O    O N N 61  
ASP CB   C N N 62  
ASP CG   C N N 63  
ASP OD1  O N N 64  
ASP OD2  O N N 65  
ASP OXT  O N N 66  
ASP H    H N N 67  
ASP H2   H N N 68  
ASP HA   H N N 69  
ASP HB2  H N N 70  
ASP HB3  H N N 71  
ASP HD2  H N N 72  
ASP HXT  H N N 73  
CYS N    N N N 74  
CYS CA   C N R 75  
CYS C    C N N 76  
CYS O    O N N 77  
CYS CB   C N N 78  
CYS SG   S N N 79  
CYS OXT  O N N 80  
CYS H    H N N 81  
CYS H2   H N N 82  
CYS HA   H N N 83  
CYS HB2  H N N 84  
CYS HB3  H N N 85  
CYS HG   H N N 86  
CYS HXT  H N N 87  
GLN N    N N N 88  
GLN CA   C N S 89  
GLN C    C N N 90  
GLN O    O N N 91  
GLN CB   C N N 92  
GLN CG   C N N 93  
GLN CD   C N N 94  
GLN OE1  O N N 95  
GLN NE2  N N N 96  
GLN OXT  O N N 97  
GLN H    H N N 98  
GLN H2   H N N 99  
GLN HA   H N N 100 
GLN HB2  H N N 101 
GLN HB3  H N N 102 
GLN HG2  H N N 103 
GLN HG3  H N N 104 
GLN HE21 H N N 105 
GLN HE22 H N N 106 
GLN HXT  H N N 107 
GLU N    N N N 108 
GLU CA   C N S 109 
GLU C    C N N 110 
GLU O    O N N 111 
GLU CB   C N N 112 
GLU CG   C N N 113 
GLU CD   C N N 114 
GLU OE1  O N N 115 
GLU OE2  O N N 116 
GLU OXT  O N N 117 
GLU H    H N N 118 
GLU H2   H N N 119 
GLU HA   H N N 120 
GLU HB2  H N N 121 
GLU HB3  H N N 122 
GLU HG2  H N N 123 
GLU HG3  H N N 124 
GLU HE2  H N N 125 
GLU HXT  H N N 126 
GLY N    N N N 127 
GLY CA   C N N 128 
GLY C    C N N 129 
GLY O    O N N 130 
GLY OXT  O N N 131 
GLY H    H N N 132 
GLY H2   H N N 133 
GLY HA2  H N N 134 
GLY HA3  H N N 135 
GLY HXT  H N N 136 
HIS N    N N N 137 
HIS CA   C N S 138 
HIS C    C N N 139 
HIS O    O N N 140 
HIS CB   C N N 141 
HIS CG   C Y N 142 
HIS ND1  N Y N 143 
HIS CD2  C Y N 144 
HIS CE1  C Y N 145 
HIS NE2  N Y N 146 
HIS OXT  O N N 147 
HIS H    H N N 148 
HIS H2   H N N 149 
HIS HA   H N N 150 
HIS HB2  H N N 151 
HIS HB3  H N N 152 
HIS HD1  H N N 153 
HIS HD2  H N N 154 
HIS HE1  H N N 155 
HIS HE2  H N N 156 
HIS HXT  H N N 157 
HOH O    O N N 158 
HOH H1   H N N 159 
HOH H2   H N N 160 
ILE N    N N N 161 
ILE CA   C N S 162 
ILE C    C N N 163 
ILE O    O N N 164 
ILE CB   C N S 165 
ILE CG1  C N N 166 
ILE CG2  C N N 167 
ILE CD1  C N N 168 
ILE OXT  O N N 169 
ILE H    H N N 170 
ILE H2   H N N 171 
ILE HA   H N N 172 
ILE HB   H N N 173 
ILE HG12 H N N 174 
ILE HG13 H N N 175 
ILE HG21 H N N 176 
ILE HG22 H N N 177 
ILE HG23 H N N 178 
ILE HD11 H N N 179 
ILE HD12 H N N 180 
ILE HD13 H N N 181 
ILE HXT  H N N 182 
LEU N    N N N 183 
LEU CA   C N S 184 
LEU C    C N N 185 
LEU O    O N N 186 
LEU CB   C N N 187 
LEU CG   C N N 188 
LEU CD1  C N N 189 
LEU CD2  C N N 190 
LEU OXT  O N N 191 
LEU H    H N N 192 
LEU H2   H N N 193 
LEU HA   H N N 194 
LEU HB2  H N N 195 
LEU HB3  H N N 196 
LEU HG   H N N 197 
LEU HD11 H N N 198 
LEU HD12 H N N 199 
LEU HD13 H N N 200 
LEU HD21 H N N 201 
LEU HD22 H N N 202 
LEU HD23 H N N 203 
LEU HXT  H N N 204 
LYS N    N N N 205 
LYS CA   C N S 206 
LYS C    C N N 207 
LYS O    O N N 208 
LYS CB   C N N 209 
LYS CG   C N N 210 
LYS CD   C N N 211 
LYS CE   C N N 212 
LYS NZ   N N N 213 
LYS OXT  O N N 214 
LYS H    H N N 215 
LYS H2   H N N 216 
LYS HA   H N N 217 
LYS HB2  H N N 218 
LYS HB3  H N N 219 
LYS HG2  H N N 220 
LYS HG3  H N N 221 
LYS HD2  H N N 222 
LYS HD3  H N N 223 
LYS HE2  H N N 224 
LYS HE3  H N N 225 
LYS HZ1  H N N 226 
LYS HZ2  H N N 227 
LYS HZ3  H N N 228 
LYS HXT  H N N 229 
MET N    N N N 230 
MET CA   C N S 231 
MET C    C N N 232 
MET O    O N N 233 
MET CB   C N N 234 
MET CG   C N N 235 
MET SD   S N N 236 
MET CE   C N N 237 
MET OXT  O N N 238 
MET H    H N N 239 
MET H2   H N N 240 
MET HA   H N N 241 
MET HB2  H N N 242 
MET HB3  H N N 243 
MET HG2  H N N 244 
MET HG3  H N N 245 
MET HE1  H N N 246 
MET HE2  H N N 247 
MET HE3  H N N 248 
MET HXT  H N N 249 
NAG C1   C N R 250 
NAG C2   C N R 251 
NAG C3   C N R 252 
NAG C4   C N S 253 
NAG C5   C N R 254 
NAG C6   C N N 255 
NAG C7   C N N 256 
NAG C8   C N N 257 
NAG N2   N N N 258 
NAG O1   O N N 259 
NAG O3   O N N 260 
NAG O4   O N N 261 
NAG O5   O N N 262 
NAG O6   O N N 263 
NAG O7   O N N 264 
NAG H1   H N N 265 
NAG H2   H N N 266 
NAG H3   H N N 267 
NAG H4   H N N 268 
NAG H5   H N N 269 
NAG H61  H N N 270 
NAG H62  H N N 271 
NAG H81  H N N 272 
NAG H82  H N N 273 
NAG H83  H N N 274 
NAG HN2  H N N 275 
NAG HO1  H N N 276 
NAG HO3  H N N 277 
NAG HO4  H N N 278 
NAG HO6  H N N 279 
PHE N    N N N 280 
PHE CA   C N S 281 
PHE C    C N N 282 
PHE O    O N N 283 
PHE CB   C N N 284 
PHE CG   C Y N 285 
PHE CD1  C Y N 286 
PHE CD2  C Y N 287 
PHE CE1  C Y N 288 
PHE CE2  C Y N 289 
PHE CZ   C Y N 290 
PHE OXT  O N N 291 
PHE H    H N N 292 
PHE H2   H N N 293 
PHE HA   H N N 294 
PHE HB2  H N N 295 
PHE HB3  H N N 296 
PHE HD1  H N N 297 
PHE HD2  H N N 298 
PHE HE1  H N N 299 
PHE HE2  H N N 300 
PHE HZ   H N N 301 
PHE HXT  H N N 302 
PRO N    N N N 303 
PRO CA   C N S 304 
PRO C    C N N 305 
PRO O    O N N 306 
PRO CB   C N N 307 
PRO CG   C N N 308 
PRO CD   C N N 309 
PRO OXT  O N N 310 
PRO H    H N N 311 
PRO HA   H N N 312 
PRO HB2  H N N 313 
PRO HB3  H N N 314 
PRO HG2  H N N 315 
PRO HG3  H N N 316 
PRO HD2  H N N 317 
PRO HD3  H N N 318 
PRO HXT  H N N 319 
SER N    N N N 320 
SER CA   C N S 321 
SER C    C N N 322 
SER O    O N N 323 
SER CB   C N N 324 
SER OG   O N N 325 
SER OXT  O N N 326 
SER H    H N N 327 
SER H2   H N N 328 
SER HA   H N N 329 
SER HB2  H N N 330 
SER HB3  H N N 331 
SER HG   H N N 332 
SER HXT  H N N 333 
SO4 S    S N N 334 
SO4 O1   O N N 335 
SO4 O2   O N N 336 
SO4 O3   O N N 337 
SO4 O4   O N N 338 
THR N    N N N 339 
THR CA   C N S 340 
THR C    C N N 341 
THR O    O N N 342 
THR CB   C N R 343 
THR OG1  O N N 344 
THR CG2  C N N 345 
THR OXT  O N N 346 
THR H    H N N 347 
THR H2   H N N 348 
THR HA   H N N 349 
THR HB   H N N 350 
THR HG1  H N N 351 
THR HG21 H N N 352 
THR HG22 H N N 353 
THR HG23 H N N 354 
THR HXT  H N N 355 
TYR N    N N N 356 
TYR CA   C N S 357 
TYR C    C N N 358 
TYR O    O N N 359 
TYR CB   C N N 360 
TYR CG   C Y N 361 
TYR CD1  C Y N 362 
TYR CD2  C Y N 363 
TYR CE1  C Y N 364 
TYR CE2  C Y N 365 
TYR CZ   C Y N 366 
TYR OH   O N N 367 
TYR OXT  O N N 368 
TYR H    H N N 369 
TYR H2   H N N 370 
TYR HA   H N N 371 
TYR HB2  H N N 372 
TYR HB3  H N N 373 
TYR HD1  H N N 374 
TYR HD2  H N N 375 
TYR HE1  H N N 376 
TYR HE2  H N N 377 
TYR HH   H N N 378 
TYR HXT  H N N 379 
VAL N    N N N 380 
VAL CA   C N S 381 
VAL C    C N N 382 
VAL O    O N N 383 
VAL CB   C N N 384 
VAL CG1  C N N 385 
VAL CG2  C N N 386 
VAL OXT  O N N 387 
VAL H    H N N 388 
VAL H2   H N N 389 
VAL HA   H N N 390 
VAL HB   H N N 391 
VAL HG11 H N N 392 
VAL HG12 H N N 393 
VAL HG13 H N N 394 
VAL HG21 H N N 395 
VAL HG22 H N N 396 
VAL HG23 H N N 397 
VAL HXT  H N N 398 
# 
loop_
_chem_comp_bond.comp_id 
_chem_comp_bond.atom_id_1 
_chem_comp_bond.atom_id_2 
_chem_comp_bond.value_order 
_chem_comp_bond.pdbx_aromatic_flag 
_chem_comp_bond.pdbx_stereo_config 
_chem_comp_bond.pdbx_ordinal 
ALA N   CA   sing N N 1   
ALA N   H    sing N N 2   
ALA N   H2   sing N N 3   
ALA CA  C    sing N N 4   
ALA CA  CB   sing N N 5   
ALA CA  HA   sing N N 6   
ALA C   O    doub N N 7   
ALA C   OXT  sing N N 8   
ALA CB  HB1  sing N N 9   
ALA CB  HB2  sing N N 10  
ALA CB  HB3  sing N N 11  
ALA OXT HXT  sing N N 12  
ARG N   CA   sing N N 13  
ARG N   H    sing N N 14  
ARG N   H2   sing N N 15  
ARG CA  C    sing N N 16  
ARG CA  CB   sing N N 17  
ARG CA  HA   sing N N 18  
ARG C   O    doub N N 19  
ARG C   OXT  sing N N 20  
ARG CB  CG   sing N N 21  
ARG CB  HB2  sing N N 22  
ARG CB  HB3  sing N N 23  
ARG CG  CD   sing N N 24  
ARG CG  HG2  sing N N 25  
ARG CG  HG3  sing N N 26  
ARG CD  NE   sing N N 27  
ARG CD  HD2  sing N N 28  
ARG CD  HD3  sing N N 29  
ARG NE  CZ   sing N N 30  
ARG NE  HE   sing N N 31  
ARG CZ  NH1  sing N N 32  
ARG CZ  NH2  doub N N 33  
ARG NH1 HH11 sing N N 34  
ARG NH1 HH12 sing N N 35  
ARG NH2 HH21 sing N N 36  
ARG NH2 HH22 sing N N 37  
ARG OXT HXT  sing N N 38  
ASN N   CA   sing N N 39  
ASN N   H    sing N N 40  
ASN N   H2   sing N N 41  
ASN CA  C    sing N N 42  
ASN CA  CB   sing N N 43  
ASN CA  HA   sing N N 44  
ASN C   O    doub N N 45  
ASN C   OXT  sing N N 46  
ASN CB  CG   sing N N 47  
ASN CB  HB2  sing N N 48  
ASN CB  HB3  sing N N 49  
ASN CG  OD1  doub N N 50  
ASN CG  ND2  sing N N 51  
ASN ND2 HD21 sing N N 52  
ASN ND2 HD22 sing N N 53  
ASN OXT HXT  sing N N 54  
ASP N   CA   sing N N 55  
ASP N   H    sing N N 56  
ASP N   H2   sing N N 57  
ASP CA  C    sing N N 58  
ASP CA  CB   sing N N 59  
ASP CA  HA   sing N N 60  
ASP C   O    doub N N 61  
ASP C   OXT  sing N N 62  
ASP CB  CG   sing N N 63  
ASP CB  HB2  sing N N 64  
ASP CB  HB3  sing N N 65  
ASP CG  OD1  doub N N 66  
ASP CG  OD2  sing N N 67  
ASP OD2 HD2  sing N N 68  
ASP OXT HXT  sing N N 69  
CYS N   CA   sing N N 70  
CYS N   H    sing N N 71  
CYS N   H2   sing N N 72  
CYS CA  C    sing N N 73  
CYS CA  CB   sing N N 74  
CYS CA  HA   sing N N 75  
CYS C   O    doub N N 76  
CYS C   OXT  sing N N 77  
CYS CB  SG   sing N N 78  
CYS CB  HB2  sing N N 79  
CYS CB  HB3  sing N N 80  
CYS SG  HG   sing N N 81  
CYS OXT HXT  sing N N 82  
GLN N   CA   sing N N 83  
GLN N   H    sing N N 84  
GLN N   H2   sing N N 85  
GLN CA  C    sing N N 86  
GLN CA  CB   sing N N 87  
GLN CA  HA   sing N N 88  
GLN C   O    doub N N 89  
GLN C   OXT  sing N N 90  
GLN CB  CG   sing N N 91  
GLN CB  HB2  sing N N 92  
GLN CB  HB3  sing N N 93  
GLN CG  CD   sing N N 94  
GLN CG  HG2  sing N N 95  
GLN CG  HG3  sing N N 96  
GLN CD  OE1  doub N N 97  
GLN CD  NE2  sing N N 98  
GLN NE2 HE21 sing N N 99  
GLN NE2 HE22 sing N N 100 
GLN OXT HXT  sing N N 101 
GLU N   CA   sing N N 102 
GLU N   H    sing N N 103 
GLU N   H2   sing N N 104 
GLU CA  C    sing N N 105 
GLU CA  CB   sing N N 106 
GLU CA  HA   sing N N 107 
GLU C   O    doub N N 108 
GLU C   OXT  sing N N 109 
GLU CB  CG   sing N N 110 
GLU CB  HB2  sing N N 111 
GLU CB  HB3  sing N N 112 
GLU CG  CD   sing N N 113 
GLU CG  HG2  sing N N 114 
GLU CG  HG3  sing N N 115 
GLU CD  OE1  doub N N 116 
GLU CD  OE2  sing N N 117 
GLU OE2 HE2  sing N N 118 
GLU OXT HXT  sing N N 119 
GLY N   CA   sing N N 120 
GLY N   H    sing N N 121 
GLY N   H2   sing N N 122 
GLY CA  C    sing N N 123 
GLY CA  HA2  sing N N 124 
GLY CA  HA3  sing N N 125 
GLY C   O    doub N N 126 
GLY C   OXT  sing N N 127 
GLY OXT HXT  sing N N 128 
HIS N   CA   sing N N 129 
HIS N   H    sing N N 130 
HIS N   H2   sing N N 131 
HIS CA  C    sing N N 132 
HIS CA  CB   sing N N 133 
HIS CA  HA   sing N N 134 
HIS C   O    doub N N 135 
HIS C   OXT  sing N N 136 
HIS CB  CG   sing N N 137 
HIS CB  HB2  sing N N 138 
HIS CB  HB3  sing N N 139 
HIS CG  ND1  sing Y N 140 
HIS CG  CD2  doub Y N 141 
HIS ND1 CE1  doub Y N 142 
HIS ND1 HD1  sing N N 143 
HIS CD2 NE2  sing Y N 144 
HIS CD2 HD2  sing N N 145 
HIS CE1 NE2  sing Y N 146 
HIS CE1 HE1  sing N N 147 
HIS NE2 HE2  sing N N 148 
HIS OXT HXT  sing N N 149 
HOH O   H1   sing N N 150 
HOH O   H2   sing N N 151 
ILE N   CA   sing N N 152 
ILE N   H    sing N N 153 
ILE N   H2   sing N N 154 
ILE CA  C    sing N N 155 
ILE CA  CB   sing N N 156 
ILE CA  HA   sing N N 157 
ILE C   O    doub N N 158 
ILE C   OXT  sing N N 159 
ILE CB  CG1  sing N N 160 
ILE CB  CG2  sing N N 161 
ILE CB  HB   sing N N 162 
ILE CG1 CD1  sing N N 163 
ILE CG1 HG12 sing N N 164 
ILE CG1 HG13 sing N N 165 
ILE CG2 HG21 sing N N 166 
ILE CG2 HG22 sing N N 167 
ILE CG2 HG23 sing N N 168 
ILE CD1 HD11 sing N N 169 
ILE CD1 HD12 sing N N 170 
ILE CD1 HD13 sing N N 171 
ILE OXT HXT  sing N N 172 
LEU N   CA   sing N N 173 
LEU N   H    sing N N 174 
LEU N   H2   sing N N 175 
LEU CA  C    sing N N 176 
LEU CA  CB   sing N N 177 
LEU CA  HA   sing N N 178 
LEU C   O    doub N N 179 
LEU C   OXT  sing N N 180 
LEU CB  CG   sing N N 181 
LEU CB  HB2  sing N N 182 
LEU CB  HB3  sing N N 183 
LEU CG  CD1  sing N N 184 
LEU CG  CD2  sing N N 185 
LEU CG  HG   sing N N 186 
LEU CD1 HD11 sing N N 187 
LEU CD1 HD12 sing N N 188 
LEU CD1 HD13 sing N N 189 
LEU CD2 HD21 sing N N 190 
LEU CD2 HD22 sing N N 191 
LEU CD2 HD23 sing N N 192 
LEU OXT HXT  sing N N 193 
LYS N   CA   sing N N 194 
LYS N   H    sing N N 195 
LYS N   H2   sing N N 196 
LYS CA  C    sing N N 197 
LYS CA  CB   sing N N 198 
LYS CA  HA   sing N N 199 
LYS C   O    doub N N 200 
LYS C   OXT  sing N N 201 
LYS CB  CG   sing N N 202 
LYS CB  HB2  sing N N 203 
LYS CB  HB3  sing N N 204 
LYS CG  CD   sing N N 205 
LYS CG  HG2  sing N N 206 
LYS CG  HG3  sing N N 207 
LYS CD  CE   sing N N 208 
LYS CD  HD2  sing N N 209 
LYS CD  HD3  sing N N 210 
LYS CE  NZ   sing N N 211 
LYS CE  HE2  sing N N 212 
LYS CE  HE3  sing N N 213 
LYS NZ  HZ1  sing N N 214 
LYS NZ  HZ2  sing N N 215 
LYS NZ  HZ3  sing N N 216 
LYS OXT HXT  sing N N 217 
MET N   CA   sing N N 218 
MET N   H    sing N N 219 
MET N   H2   sing N N 220 
MET CA  C    sing N N 221 
MET CA  CB   sing N N 222 
MET CA  HA   sing N N 223 
MET C   O    doub N N 224 
MET C   OXT  sing N N 225 
MET CB  CG   sing N N 226 
MET CB  HB2  sing N N 227 
MET CB  HB3  sing N N 228 
MET CG  SD   sing N N 229 
MET CG  HG2  sing N N 230 
MET CG  HG3  sing N N 231 
MET SD  CE   sing N N 232 
MET CE  HE1  sing N N 233 
MET CE  HE2  sing N N 234 
MET CE  HE3  sing N N 235 
MET OXT HXT  sing N N 236 
NAG C1  C2   sing N N 237 
NAG C1  O1   sing N N 238 
NAG C1  O5   sing N N 239 
NAG C1  H1   sing N N 240 
NAG C2  C3   sing N N 241 
NAG C2  N2   sing N N 242 
NAG C2  H2   sing N N 243 
NAG C3  C4   sing N N 244 
NAG C3  O3   sing N N 245 
NAG C3  H3   sing N N 246 
NAG C4  C5   sing N N 247 
NAG C4  O4   sing N N 248 
NAG C4  H4   sing N N 249 
NAG C5  C6   sing N N 250 
NAG C5  O5   sing N N 251 
NAG C5  H5   sing N N 252 
NAG C6  O6   sing N N 253 
NAG C6  H61  sing N N 254 
NAG C6  H62  sing N N 255 
NAG C7  C8   sing N N 256 
NAG C7  N2   sing N N 257 
NAG C7  O7   doub N N 258 
NAG C8  H81  sing N N 259 
NAG C8  H82  sing N N 260 
NAG C8  H83  sing N N 261 
NAG N2  HN2  sing N N 262 
NAG O1  HO1  sing N N 263 
NAG O3  HO3  sing N N 264 
NAG O4  HO4  sing N N 265 
NAG O6  HO6  sing N N 266 
PHE N   CA   sing N N 267 
PHE N   H    sing N N 268 
PHE N   H2   sing N N 269 
PHE CA  C    sing N N 270 
PHE CA  CB   sing N N 271 
PHE CA  HA   sing N N 272 
PHE C   O    doub N N 273 
PHE C   OXT  sing N N 274 
PHE CB  CG   sing N N 275 
PHE CB  HB2  sing N N 276 
PHE CB  HB3  sing N N 277 
PHE CG  CD1  doub Y N 278 
PHE CG  CD2  sing Y N 279 
PHE CD1 CE1  sing Y N 280 
PHE CD1 HD1  sing N N 281 
PHE CD2 CE2  doub Y N 282 
PHE CD2 HD2  sing N N 283 
PHE CE1 CZ   doub Y N 284 
PHE CE1 HE1  sing N N 285 
PHE CE2 CZ   sing Y N 286 
PHE CE2 HE2  sing N N 287 
PHE CZ  HZ   sing N N 288 
PHE OXT HXT  sing N N 289 
PRO N   CA   sing N N 290 
PRO N   CD   sing N N 291 
PRO N   H    sing N N 292 
PRO CA  C    sing N N 293 
PRO CA  CB   sing N N 294 
PRO CA  HA   sing N N 295 
PRO C   O    doub N N 296 
PRO C   OXT  sing N N 297 
PRO CB  CG   sing N N 298 
PRO CB  HB2  sing N N 299 
PRO CB  HB3  sing N N 300 
PRO CG  CD   sing N N 301 
PRO CG  HG2  sing N N 302 
PRO CG  HG3  sing N N 303 
PRO CD  HD2  sing N N 304 
PRO CD  HD3  sing N N 305 
PRO OXT HXT  sing N N 306 
SER N   CA   sing N N 307 
SER N   H    sing N N 308 
SER N   H2   sing N N 309 
SER CA  C    sing N N 310 
SER CA  CB   sing N N 311 
SER CA  HA   sing N N 312 
SER C   O    doub N N 313 
SER C   OXT  sing N N 314 
SER CB  OG   sing N N 315 
SER CB  HB2  sing N N 316 
SER CB  HB3  sing N N 317 
SER OG  HG   sing N N 318 
SER OXT HXT  sing N N 319 
SO4 S   O1   doub N N 320 
SO4 S   O2   doub N N 321 
SO4 S   O3   sing N N 322 
SO4 S   O4   sing N N 323 
THR N   CA   sing N N 324 
THR N   H    sing N N 325 
THR N   H2   sing N N 326 
THR CA  C    sing N N 327 
THR CA  CB   sing N N 328 
THR CA  HA   sing N N 329 
THR C   O    doub N N 330 
THR C   OXT  sing N N 331 
THR CB  OG1  sing N N 332 
THR CB  CG2  sing N N 333 
THR CB  HB   sing N N 334 
THR OG1 HG1  sing N N 335 
THR CG2 HG21 sing N N 336 
THR CG2 HG22 sing N N 337 
THR CG2 HG23 sing N N 338 
THR OXT HXT  sing N N 339 
TYR N   CA   sing N N 340 
TYR N   H    sing N N 341 
TYR N   H2   sing N N 342 
TYR CA  C    sing N N 343 
TYR CA  CB   sing N N 344 
TYR CA  HA   sing N N 345 
TYR C   O    doub N N 346 
TYR C   OXT  sing N N 347 
TYR CB  CG   sing N N 348 
TYR CB  HB2  sing N N 349 
TYR CB  HB3  sing N N 350 
TYR CG  CD1  doub Y N 351 
TYR CG  CD2  sing Y N 352 
TYR CD1 CE1  sing Y N 353 
TYR CD1 HD1  sing N N 354 
TYR CD2 CE2  doub Y N 355 
TYR CD2 HD2  sing N N 356 
TYR CE1 CZ   doub Y N 357 
TYR CE1 HE1  sing N N 358 
TYR CE2 CZ   sing Y N 359 
TYR CE2 HE2  sing N N 360 
TYR CZ  OH   sing N N 361 
TYR OH  HH   sing N N 362 
TYR OXT HXT  sing N N 363 
VAL N   CA   sing N N 364 
VAL N   H    sing N N 365 
VAL N   H2   sing N N 366 
VAL CA  C    sing N N 367 
VAL CA  CB   sing N N 368 
VAL CA  HA   sing N N 369 
VAL C   O    doub N N 370 
VAL C   OXT  sing N N 371 
VAL CB  CG1  sing N N 372 
VAL CB  CG2  sing N N 373 
VAL CB  HB   sing N N 374 
VAL CG1 HG11 sing N N 375 
VAL CG1 HG12 sing N N 376 
VAL CG1 HG13 sing N N 377 
VAL CG2 HG21 sing N N 378 
VAL CG2 HG22 sing N N 379 
VAL CG2 HG23 sing N N 380 
VAL OXT HXT  sing N N 381 
# 
_atom_sites.entry_id                    5GV0 
_atom_sites.fract_transf_matrix[1][1]   0.00885586 
_atom_sites.fract_transf_matrix[1][2]   0.00621667 
_atom_sites.fract_transf_matrix[1][3]   -0.02974305 
_atom_sites.fract_transf_matrix[2][1]   0.00407497 
_atom_sites.fract_transf_matrix[2][2]   -0.01935495 
_atom_sites.fract_transf_matrix[2][3]   -0.00283212 
_atom_sites.fract_transf_matrix[3][1]   -0.00985990 
_atom_sites.fract_transf_matrix[3][2]   -0.00159746 
_atom_sites.fract_transf_matrix[3][3]   -0.00326963 
_atom_sites.fract_transf_vector[1]      0.352098 
_atom_sites.fract_transf_vector[2]      0.296990 
_atom_sites.fract_transf_vector[3]      0.352813 
# 
loop_
_atom_type.symbol 
C 
N 
O 
S 
# 
loop_
_atom_site.group_PDB 
_atom_site.id 
_atom_site.type_symbol 
_atom_site.label_atom_id 
_atom_site.label_alt_id 
_atom_site.label_comp_id 
_atom_site.label_asym_id 
_atom_site.label_entity_id 
_atom_site.label_seq_id 
_atom_site.pdbx_PDB_ins_code 
_atom_site.Cartn_x 
_atom_site.Cartn_y 
_atom_site.Cartn_z 
_atom_site.occupancy 
_atom_site.B_iso_or_equiv 
_atom_site.pdbx_formal_charge 
_atom_site.auth_seq_id 
_atom_site.auth_comp_id 
_atom_site.auth_asym_id 
_atom_site.auth_atom_id 
_atom_site.pdbx_PDB_model_num 
ATOM   1    N N   . ASP A 1 1   ? -15.758 5.353   -5.766  1.00 18.93 ? 207 ASP A N   1 
ATOM   2    C CA  . ASP A 1 1   ? -14.423 5.491   -5.189  1.00 14.73 ? 207 ASP A CA  1 
ATOM   3    C C   . ASP A 1 1   ? -14.176 4.398   -4.164  1.00 13.28 ? 207 ASP A C   1 
ATOM   4    O O   . ASP A 1 1   ? -15.111 3.966   -3.492  1.00 16.25 ? 207 ASP A O   1 
ATOM   5    C CB  . ASP A 1 1   ? -14.254 6.857   -4.513  1.00 17.86 ? 207 ASP A CB  1 
ATOM   6    C CG  . ASP A 1 1   ? -14.529 8.018   -5.449  1.00 18.32 ? 207 ASP A CG  1 
ATOM   7    O OD1 . ASP A 1 1   ? -14.566 7.807   -6.678  1.00 19.92 ? 207 ASP A OD1 1 
ATOM   8    O OD2 . ASP A 1 1   ? -14.694 9.154   -4.952  1.00 19.55 ? 207 ASP A OD2 1 
ATOM   9    N N   . PRO A 1 2   ? -12.913 3.963   -4.015  1.00 12.93 ? 208 PRO A N   1 
ATOM   10   C CA  . PRO A 1 2   ? -12.639 3.076   -2.881  1.00 13.37 ? 208 PRO A CA  1 
ATOM   11   C C   . PRO A 1 2   ? -12.830 3.790   -1.549  1.00 11.44 ? 208 PRO A C   1 
ATOM   12   O O   . PRO A 1 2   ? -12.727 5.015   -1.446  1.00 12.34 ? 208 PRO A O   1 
ATOM   13   C CB  . PRO A 1 2   ? -11.172 2.673   -3.083  1.00 15.90 ? 208 PRO A CB  1 
ATOM   14   C CG  . PRO A 1 2   ? -10.594 3.760   -3.926  1.00 20.70 ? 208 PRO A CG  1 
ATOM   15   C CD  . PRO A 1 2   ? -11.702 4.270   -4.797  1.00 13.70 ? 208 PRO A CD  1 
ATOM   16   N N   . THR A 1 3   ? -13.105 3.001   -0.525  1.00 13.03 ? 209 THR A N   1 
ATOM   17   C CA  . THR A 1 3   ? -13.373 3.521   0.800   1.00 14.42 ? 209 THR A CA  1 
ATOM   18   C C   . THR A 1 3   ? -12.085 3.843   1.560   1.00 12.86 ? 209 THR A C   1 
ATOM   19   O O   . THR A 1 3   ? -11.142 3.052   1.551   1.00 15.37 ? 209 THR A O   1 
ATOM   20   C CB  . THR A 1 3   ? -14.198 2.504   1.590   1.00 14.06 ? 209 THR A CB  1 
ATOM   21   O OG1 . THR A 1 3   ? -15.447 2.287   0.918   1.00 17.68 ? 209 THR A OG1 1 
ATOM   22   C CG2 . THR A 1 3   ? -14.452 2.989   3.012   1.00 17.94 ? 209 THR A CG2 1 
ATOM   23   N N   . VAL A 1 4   ? -12.041 5.009   2.203   1.00 10.43 ? 210 VAL A N   1 
ATOM   24   C CA  . VAL A 1 4   ? -10.916 5.373   3.074   1.00 11.88 ? 210 VAL A CA  1 
ATOM   25   C C   . VAL A 1 4   ? -10.947 4.530   4.340   1.00 16.62 ? 210 VAL A C   1 
ATOM   26   O O   . VAL A 1 4   ? -11.947 4.526   5.058   1.00 15.54 ? 210 VAL A O   1 
ATOM   27   C CB  . VAL A 1 4   ? -10.945 6.869   3.454   1.00 9.83  ? 210 VAL A CB  1 
ATOM   28   C CG1 . VAL A 1 4   ? -9.890  7.184   4.508   1.00 14.82 ? 210 VAL A CG1 1 
ATOM   29   C CG2 . VAL A 1 4   ? -10.752 7.730   2.222   1.00 14.82 ? 210 VAL A CG2 1 
ATOM   30   N N   . SER A 1 5   ? -9.857  3.810   4.600   1.00 10.84 ? 211 SER A N   1 
ATOM   31   C CA  . SER A 1 5   ? -9.737  2.965   5.779   1.00 11.33 ? 211 SER A CA  1 
ATOM   32   C C   . SER A 1 5   ? -8.556  3.411   6.610   1.00 11.11 ? 211 SER A C   1 
ATOM   33   O O   . SER A 1 5   ? -7.569  3.933   6.074   1.00 12.33 ? 211 SER A O   1 
ATOM   34   C CB  . SER A 1 5   ? -9.573  1.498   5.384   1.00 18.14 ? 211 SER A CB  1 
ATOM   35   O OG  . SER A 1 5   ? -10.685 1.066   4.620   1.00 30.15 ? 211 SER A OG  1 
ATOM   36   N N   . LYS A 1 6   ? -8.648  3.196   7.915   1.00 14.63 ? 212 LYS A N   1 
ATOM   37   C CA  . LYS A 1 6   ? -7.595  3.595   8.830   1.00 12.05 ? 212 LYS A CA  1 
ATOM   38   C C   . LYS A 1 6   ? -6.808  2.389   9.312   1.00 12.22 ? 212 LYS A C   1 
ATOM   39   O O   . LYS A 1 6   ? -7.349  1.298   9.522   1.00 15.08 ? 212 LYS A O   1 
ATOM   40   C CB  . LYS A 1 6   ? -8.192  4.370   10.007  1.00 14.30 ? 212 LYS A CB  1 
ATOM   41   C CG  . LYS A 1 6   ? -8.929  5.626   9.551   1.00 26.63 ? 212 LYS A CG  1 
ATOM   42   C CD  . LYS A 1 6   ? -9.325  6.529   10.706  1.00 39.73 ? 212 LYS A CD  1 
ATOM   43   C CE  . LYS A 1 6   ? -10.148 7.708   10.203  1.00 34.44 ? 212 LYS A CE  1 
ATOM   44   N NZ  . LYS A 1 6   ? -9.463  8.427   9.093   1.00 36.05 ? 212 LYS A NZ  1 
ATOM   45   N N   . TYR A 1 7   ? -5.508  2.593   9.470   1.00 9.68  ? 213 TYR A N   1 
ATOM   46   C CA  . TYR A 1 7   ? -4.597  1.532   9.879   1.00 12.23 ? 213 TYR A CA  1 
ATOM   47   C C   . TYR A 1 7   ? -3.622  2.037   10.929  1.00 10.41 ? 213 TYR A C   1 
ATOM   48   O O   . TYR A 1 7   ? -3.125  3.156   10.835  1.00 11.64 ? 213 TYR A O   1 
ATOM   49   C CB  . TYR A 1 7   ? -3.818  0.996   8.674   1.00 13.08 ? 213 TYR A CB  1 
ATOM   50   C CG  . TYR A 1 7   ? -4.677  0.574   7.498   1.00 12.12 ? 213 TYR A CG  1 
ATOM   51   C CD1 . TYR A 1 7   ? -5.184  -0.714  7.416   1.00 16.05 ? 213 TYR A CD1 1 
ATOM   52   C CD2 . TYR A 1 7   ? -4.963  1.457   6.468   1.00 12.65 ? 213 TYR A CD2 1 
ATOM   53   C CE1 . TYR A 1 7   ? -5.963  -1.112  6.340   1.00 14.87 ? 213 TYR A CE1 1 
ATOM   54   C CE2 . TYR A 1 7   ? -5.738  1.072   5.393   1.00 13.85 ? 213 TYR A CE2 1 
ATOM   55   C CZ  . TYR A 1 7   ? -6.233  -0.213  5.335   1.00 15.58 ? 213 TYR A CZ  1 
ATOM   56   O OH  . TYR A 1 7   ? -7.001  -0.603  4.259   1.00 15.32 ? 213 TYR A OH  1 
ATOM   57   N N   . ASN A 1 8   ? -3.341  1.190   11.912  1.00 12.41 ? 214 ASN A N   1 
ATOM   58   C CA  . ASN A 1 8   ? -2.372  1.479   12.962  1.00 13.85 ? 214 ASN A CA  1 
ATOM   59   C C   . ASN A 1 8   ? -1.547  0.217   13.173  1.00 14.11 ? 214 ASN A C   1 
ATOM   60   O O   . ASN A 1 8   ? -2.105  -0.832  13.469  1.00 14.82 ? 214 ASN A O   1 
ATOM   61   C CB  . ASN A 1 8   ? -3.085  1.914   14.247  1.00 17.53 ? 214 ASN A CB  1 
ATOM   62   C CG  . ASN A 1 8   ? -2.153  2.039   15.437  1.00 31.08 ? 214 ASN A CG  1 
ATOM   63   O OD1 . ASN A 1 8   ? -1.057  2.581   15.335  1.00 33.43 ? 214 ASN A OD1 1 
ATOM   64   N ND2 . ASN A 1 8   ? -2.600  1.544   16.584  1.00 43.54 ? 214 ASN A ND2 1 
ATOM   65   N N   . VAL A 1 9   ? -0.238  0.300   12.967  1.00 10.89 ? 215 VAL A N   1 
ATOM   66   C CA  . VAL A 1 9   ? 0.643   -0.830  13.234  1.00 11.40 ? 215 VAL A CA  1 
ATOM   67   C C   . VAL A 1 9   ? 1.514   -0.486  14.433  1.00 12.34 ? 215 VAL A C   1 
ATOM   68   O O   . VAL A 1 9   ? 2.223   0.521   14.423  1.00 11.52 ? 215 VAL A O   1 
ATOM   69   C CB  . VAL A 1 9   ? 1.519   -1.180  12.010  1.00 12.74 ? 215 VAL A CB  1 
ATOM   70   C CG1 . VAL A 1 9   ? 2.473   -2.328  12.328  1.00 13.87 ? 215 VAL A CG1 1 
ATOM   71   C CG2 . VAL A 1 9   ? 0.644   -1.527  10.810  1.00 12.09 ? 215 VAL A CG2 1 
ATOM   72   N N   . THR A 1 10  ? 1.430   -1.305  15.478  1.00 11.55 ? 216 THR A N   1 
ATOM   73   C CA  . THR A 1 10  ? 2.215   -1.093  16.687  1.00 12.49 ? 216 THR A CA  1 
ATOM   74   C C   . THR A 1 10  ? 3.045   -2.325  17.020  1.00 12.65 ? 216 THR A C   1 
ATOM   75   O O   . THR A 1 10  ? 2.574   -3.456  16.866  1.00 16.34 ? 216 THR A O   1 
ATOM   76   C CB  . THR A 1 10  ? 1.311   -0.744  17.887  1.00 17.24 ? 216 THR A CB  1 
ATOM   77   O OG1 . THR A 1 10  ? 0.553   0.433   17.594  1.00 28.18 ? 216 THR A OG1 1 
ATOM   78   C CG2 . THR A 1 10  ? 2.144   -0.480  19.135  1.00 19.49 ? 216 THR A CG2 1 
ATOM   79   N N   . GLY A 1 11  ? 4.278   -2.091  17.464  1.00 14.88 ? 217 GLY A N   1 
ATOM   80   C CA  . GLY A 1 11  ? 5.191   -3.147  17.863  1.00 18.03 ? 217 GLY A CA  1 
ATOM   81   C C   . GLY A 1 11  ? 6.001   -2.743  19.085  1.00 15.65 ? 217 GLY A C   1 
ATOM   82   O O   . GLY A 1 11  ? 5.530   -1.965  19.915  1.00 15.13 ? 217 GLY A O   1 
ATOM   83   N N   . ASN A 1 12  ? 7.229   -3.249  19.175  1.00 14.50 ? 218 ASN A N   1 
ATOM   84   C CA  . ASN A 1 12  ? 8.022   -3.141  20.405  1.00 14.37 ? 218 ASN A CA  1 
ATOM   85   C C   . ASN A 1 12  ? 8.301   -1.709  20.843  1.00 17.61 ? 218 ASN A C   1 
ATOM   86   O O   . ASN A 1 12  ? 8.410   -1.427  22.037  1.00 19.91 ? 218 ASN A O   1 
ATOM   87   C CB  . ASN A 1 12  ? 9.355   -3.872  20.239  1.00 17.46 ? 218 ASN A CB  1 
ATOM   88   C CG  . ASN A 1 12  ? 9.186   -5.352  19.970  1.00 17.49 ? 218 ASN A CG  1 
ATOM   89   O OD1 . ASN A 1 12  ? 8.215   -5.973  20.399  1.00 14.45 ? 218 ASN A OD1 1 
ATOM   90   N ND2 . ASN A 1 12  ? 10.146  -5.929  19.256  1.00 20.22 ? 218 ASN A ND2 1 
ATOM   91   N N   . ASN A 1 13  ? 8.441   -0.813  19.875  1.00 17.40 ? 219 ASN A N   1 
ATOM   92   C CA  . ASN A 1 13  ? 8.733   0.586   20.171  1.00 17.82 ? 219 ASN A CA  1 
ATOM   93   C C   . ASN A 1 13  ? 7.525   1.466   19.915  1.00 15.10 ? 219 ASN A C   1 
ATOM   94   O O   . ASN A 1 13  ? 7.661   2.657   19.613  1.00 20.57 ? 219 ASN A O   1 
ATOM   95   C CB  . ASN A 1 13  ? 9.918   1.078   19.339  1.00 17.00 ? 219 ASN A CB  1 
ATOM   96   C CG  . ASN A 1 13  ? 11.174  0.284   19.594  1.00 23.64 ? 219 ASN A CG  1 
ATOM   97   O OD1 . ASN A 1 13  ? 11.332  -0.331  20.648  1.00 23.32 ? 219 ASN A OD1 1 
ATOM   98   N ND2 . ASN A 1 13  ? 12.082  0.296   18.627  1.00 21.36 ? 219 ASN A ND2 1 
ATOM   99   N N   . GLY A 1 14  ? 6.343   0.875   20.021  1.00 16.02 ? 220 GLY A N   1 
ATOM   100  C CA  . GLY A 1 14  ? 5.113   1.610   19.819  1.00 14.94 ? 220 GLY A CA  1 
ATOM   101  C C   . GLY A 1 14  ? 4.689   1.650   18.365  1.00 12.95 ? 220 GLY A C   1 
ATOM   102  O O   . GLY A 1 14  ? 5.048   0.777   17.576  1.00 15.48 ? 220 GLY A O   1 
ATOM   103  N N   . THR A 1 15  ? 3.921   2.673   18.021  1.00 15.38 ? 221 THR A N   1 
ATOM   104  C CA  . THR A 1 15  ? 3.357   2.798   16.682  1.00 13.83 ? 221 THR A CA  1 
ATOM   105  C C   . THR A 1 15  ? 4.436   3.059   15.637  1.00 14.01 ? 221 THR A C   1 
ATOM   106  O O   . THR A 1 15  ? 5.258   3.959   15.795  1.00 16.76 ? 221 THR A O   1 
ATOM   107  C CB  . THR A 1 15  ? 2.318   3.921   16.642  1.00 14.56 ? 221 THR A CB  1 
ATOM   108  O OG1 . THR A 1 15  ? 1.257   3.608   17.549  1.00 18.03 ? 221 THR A OG1 1 
ATOM   109  C CG2 . THR A 1 15  ? 1.734   4.073   15.253  1.00 14.82 ? 221 THR A CG2 1 
ATOM   110  N N   . CYS A 1 16  ? 4.443   2.256   14.574  1.00 10.96 ? 222 CYS A N   1 
ATOM   111  C CA  . CYS A 1 16  ? 5.417   2.435   13.505  1.00 11.08 ? 222 CYS A CA  1 
ATOM   112  C C   . CYS A 1 16  ? 4.753   2.702   12.158  1.00 11.16 ? 222 CYS A C   1 
ATOM   113  O O   . CYS A 1 16  ? 5.439   2.946   11.174  1.00 11.04 ? 222 CYS A O   1 
ATOM   114  C CB  . CYS A 1 16  ? 6.333   1.214   13.391  1.00 14.55 ? 222 CYS A CB  1 
ATOM   115  S SG  . CYS A 1 16  ? 5.535   -0.269  12.737  1.00 12.99 ? 222 CYS A SG  1 
ATOM   116  N N   . LEU A 1 17  ? 3.427   2.642   12.102  1.00 10.91 ? 223 LEU A N   1 
ATOM   117  C CA  . LEU A 1 17  ? 2.719   3.013   10.884  1.00 9.59  ? 223 LEU A CA  1 
ATOM   118  C C   . LEU A 1 17  ? 1.355   3.561   11.234  1.00 10.78 ? 223 LEU A C   1 
ATOM   119  O O   . LEU A 1 17  ? 0.620   2.946   12.009  1.00 11.48 ? 223 LEU A O   1 
ATOM   120  C CB  . LEU A 1 17  ? 2.561   1.818   9.936   1.00 11.83 ? 223 LEU A CB  1 
ATOM   121  C CG  . LEU A 1 17  ? 1.956   2.103   8.556   1.00 12.03 ? 223 LEU A CG  1 
ATOM   122  C CD1 . LEU A 1 17  ? 2.953   2.770   7.611   1.00 16.10 ? 223 LEU A CD1 1 
ATOM   123  C CD2 . LEU A 1 17  ? 1.444   0.808   7.952   1.00 20.20 ? 223 LEU A CD2 1 
ATOM   124  N N   . LEU A 1 18  ? 1.046   4.732   10.691  1.00 10.95 ? 224 LEU A N   1 
ATOM   125  C CA  . LEU A 1 18  ? -0.302  5.273   10.703  1.00 10.06 ? 224 LEU A CA  1 
ATOM   126  C C   . LEU A 1 18  ? -0.702  5.498   9.270   1.00 9.13  ? 224 LEU A C   1 
ATOM   127  O O   . LEU A 1 18  ? 0.098   5.999   8.475   1.00 10.43 ? 224 LEU A O   1 
ATOM   128  C CB  . LEU A 1 18  ? -0.378  6.588   11.468  1.00 11.28 ? 224 LEU A CB  1 
ATOM   129  C CG  . LEU A 1 18  ? -0.157  6.552   12.973  1.00 12.62 ? 224 LEU A CG  1 
ATOM   130  C CD1 . LEU A 1 18  ? -0.165  7.966   13.498  1.00 16.84 ? 224 LEU A CD1 1 
ATOM   131  C CD2 . LEU A 1 18  ? -1.242  5.730   13.642  1.00 14.70 ? 224 LEU A CD2 1 
ATOM   132  N N   . ALA A 1 19  ? -1.926  5.130   8.924   1.00 9.46  ? 225 ALA A N   1 
ATOM   133  C CA  . ALA A 1 19  ? -2.394  5.381   7.571   1.00 9.41  ? 225 ALA A CA  1 
ATOM   134  C C   . ALA A 1 19  ? -3.889  5.600   7.539   1.00 12.07 ? 225 ALA A C   1 
ATOM   135  O O   . ALA A 1 19  ? -4.656  4.951   8.259   1.00 13.41 ? 225 ALA A O   1 
ATOM   136  C CB  . ALA A 1 19  ? -2.016  4.241   6.654   1.00 12.39 ? 225 ALA A CB  1 
ATOM   137  N N   . SER A 1 20  ? -4.287  6.543   6.699   1.00 10.81 ? 226 SER A N   1 
ATOM   138  C CA  . SER A 1 20  ? -5.679  6.760   6.346   1.00 11.00 ? 226 SER A CA  1 
ATOM   139  C C   . SER A 1 20  ? -5.703  6.823   4.837   1.00 11.36 ? 226 SER A C   1 
ATOM   140  O O   . SER A 1 20  ? -5.210  7.788   4.241   1.00 13.16 ? 226 SER A O   1 
ATOM   141  C CB  . SER A 1 20  ? -6.222  8.042   6.973   1.00 14.09 ? 226 SER A CB  1 
ATOM   142  O OG  . SER A 1 20  ? -7.565  8.249   6.581   1.00 19.25 ? 226 SER A OG  1 
ATOM   143  N N   . MET A 1 21  ? -6.212  5.777   4.196   1.00 9.79  ? 227 MET A N   1 
ATOM   144  C CA  . MET A 1 21  ? -6.058  5.708   2.755   1.00 9.17  ? 227 MET A CA  1 
ATOM   145  C C   . MET A 1 21  ? -7.097  4.851   2.074   1.00 10.39 ? 227 MET A C   1 
ATOM   146  O O   . MET A 1 21  ? -7.658  3.927   2.673   1.00 10.47 ? 227 MET A O   1 
ATOM   147  C CB  . MET A 1 21  ? -4.657  5.194   2.395   1.00 12.45 ? 227 MET A CB  1 
ATOM   148  C CG  . MET A 1 21  ? -4.306  3.845   2.984   1.00 10.13 ? 227 MET A CG  1 
ATOM   149  S SD  . MET A 1 21  ? -2.547  3.523   2.739   1.00 13.16 ? 227 MET A SD  1 
ATOM   150  C CE  . MET A 1 21  ? -2.384  1.960   3.588   1.00 15.04 ? 227 MET A CE  1 
ATOM   151  N N   . ALA A 1 22  ? -7.333  5.186   0.807   1.00 10.18 ? 228 ALA A N   1 
ATOM   152  C CA  . ALA A 1 22  ? -8.223  4.445   -0.067  1.00 10.65 ? 228 ALA A CA  1 
ATOM   153  C C   . ALA A 1 22  ? -7.392  3.808   -1.171  1.00 11.10 ? 228 ALA A C   1 
ATOM   154  O O   . ALA A 1 22  ? -6.683  4.511   -1.898  1.00 13.53 ? 228 ALA A O   1 
ATOM   155  C CB  . ALA A 1 22  ? -9.292  5.372   -0.650  1.00 12.81 ? 228 ALA A CB  1 
ATOM   156  N N   . LEU A 1 23  ? -7.472  2.485   -1.285  1.00 9.62  ? 229 LEU A N   1 
ATOM   157  C CA  . LEU A 1 23  ? -6.614  1.724   -2.187  1.00 10.05 ? 229 LEU A CA  1 
ATOM   158  C C   . LEU A 1 23  ? -7.409  0.819   -3.110  1.00 11.59 ? 229 LEU A C   1 
ATOM   159  O O   . LEU A 1 23  ? -8.471  0.320   -2.747  1.00 12.28 ? 229 LEU A O   1 
ATOM   160  C CB  . LEU A 1 23  ? -5.624  0.875   -1.396  1.00 13.31 ? 229 LEU A CB  1 
ATOM   161  C CG  . LEU A 1 23  ? -4.730  1.573   -0.371  1.00 12.39 ? 229 LEU A CG  1 
ATOM   162  C CD1 . LEU A 1 23  ? -3.957  0.518   0.386   1.00 14.37 ? 229 LEU A CD1 1 
ATOM   163  C CD2 . LEU A 1 23  ? -3.783  2.542   -1.046  1.00 14.21 ? 229 LEU A CD2 1 
ATOM   164  N N   . GLN A 1 24  ? -6.860  0.589   -4.297  1.00 11.21 ? 230 GLN A N   1 
ATOM   165  C CA  . GLN A 1 24  ? -7.518  -0.206  -5.319  1.00 11.76 ? 230 GLN A CA  1 
ATOM   166  C C   . GLN A 1 24  ? -6.474  -0.946  -6.133  1.00 12.48 ? 230 GLN A C   1 
ATOM   167  O O   . GLN A 1 24  ? -5.484  -0.351  -6.557  1.00 14.50 ? 230 GLN A O   1 
ATOM   168  C CB  . GLN A 1 24  ? -8.355  0.704   -6.206  1.00 11.91 ? 230 GLN A CB  1 
ATOM   169  C CG  . GLN A 1 24  ? -8.953  0.069   -7.438  1.00 13.89 ? 230 GLN A CG  1 
ATOM   170  C CD  . GLN A 1 24  ? -9.681  1.105   -8.257  1.00 15.01 ? 230 GLN A CD  1 
ATOM   171  O OE1 . GLN A 1 24  ? -9.089  1.758   -9.115  1.00 18.51 ? 230 GLN A OE1 1 
ATOM   172  N NE2 . GLN A 1 24  ? -10.961 1.296   -7.965  1.00 19.89 ? 230 GLN A NE2 1 
ATOM   173  N N   . LEU A 1 25  ? -6.678  -2.241  -6.332  1.00 10.21 ? 231 LEU A N   1 
ATOM   174  C CA  . LEU A 1 25  ? -5.815  -3.017  -7.218  1.00 10.75 ? 231 LEU A CA  1 
ATOM   175  C C   . LEU A 1 25  ? -6.402  -3.017  -8.618  1.00 12.36 ? 231 LEU A C   1 
ATOM   176  O O   . LEU A 1 25  ? -7.572  -3.318  -8.802  1.00 13.79 ? 231 LEU A O   1 
ATOM   177  C CB  . LEU A 1 25  ? -5.657  -4.446  -6.711  1.00 13.28 ? 231 LEU A CB  1 
ATOM   178  C CG  . LEU A 1 25  ? -5.100  -4.584  -5.296  1.00 16.76 ? 231 LEU A CG  1 
ATOM   179  C CD1 . LEU A 1 25  ? -5.382  -5.975  -4.777  1.00 20.93 ? 231 LEU A CD1 1 
ATOM   180  C CD2 . LEU A 1 25  ? -3.609  -4.302  -5.297  1.00 19.15 ? 231 LEU A CD2 1 
ATOM   181  N N   . ASN A 1 26  ? -5.588  -2.670  -9.604  1.00 9.16  ? 232 ASN A N   1 
ATOM   182  C CA  . ASN A 1 26  ? -6.000  -2.727  -10.997 1.00 12.50 ? 232 ASN A CA  1 
ATOM   183  C C   . ASN A 1 26  ? -5.214  -3.850  -11.657 1.00 12.70 ? 232 ASN A C   1 
ATOM   184  O O   . ASN A 1 26  ? -3.993  -3.748  -11.819 1.00 11.46 ? 232 ASN A O   1 
ATOM   185  C CB  . ASN A 1 26  ? -5.757  -1.375  -11.685 1.00 13.01 ? 232 ASN A CB  1 
ATOM   186  C CG  . ASN A 1 26  ? -6.217  -1.346  -13.138 1.00 28.35 ? 232 ASN A CG  1 
ATOM   187  O OD1 . ASN A 1 26  ? -6.021  -2.298  -13.889 1.00 24.13 ? 232 ASN A OD1 1 
ATOM   188  N ND2 . ASN A 1 26  ? -6.814  -0.230  -13.540 1.00 41.96 ? 232 ASN A ND2 1 
ATOM   189  N N   . ILE A 1 27  ? -5.898  -4.935  -12.001 1.00 13.16 ? 233 ILE A N   1 
ATOM   190  C CA  . ILE A 1 27  ? -5.208  -6.116  -12.503 1.00 11.65 ? 233 ILE A CA  1 
ATOM   191  C C   . ILE A 1 27  ? -5.717  -6.546  -13.876 1.00 13.03 ? 233 ILE A C   1 
ATOM   192  O O   . ILE A 1 27  ? -6.926  -6.657  -14.118 1.00 13.70 ? 233 ILE A O   1 
ATOM   193  C CB  . ILE A 1 27  ? -5.313  -7.297  -11.503 1.00 12.65 ? 233 ILE A CB  1 
ATOM   194  C CG1 . ILE A 1 27  ? -4.506  -8.488  -12.018 1.00 19.40 ? 233 ILE A CG1 1 
ATOM   195  C CG2 . ILE A 1 27  ? -6.767  -7.673  -11.219 1.00 15.51 ? 233 ILE A CG2 1 
ATOM   196  C CD1 . ILE A 1 27  ? -4.084  -9.441  -10.935 1.00 32.39 ? 233 ILE A CD1 1 
ATOM   197  N N   . THR A 1 28  ? -4.769  -6.750  -14.783 1.00 12.41 ? 234 THR A N   1 
ATOM   198  C CA  . THR A 1 28  ? -5.059  -7.265  -16.109 1.00 14.73 ? 234 THR A CA  1 
ATOM   199  C C   . THR A 1 28  ? -4.611  -8.718  -16.158 1.00 16.87 ? 234 THR A C   1 
ATOM   200  O O   . THR A 1 28  ? -3.480  -9.024  -15.794 1.00 17.93 ? 234 THR A O   1 
ATOM   201  C CB  . THR A 1 28  ? -4.348  -6.443  -17.187 1.00 15.38 ? 234 THR A CB  1 
ATOM   202  O OG1 . THR A 1 28  ? -4.793  -5.082  -17.115 1.00 18.07 ? 234 THR A OG1 1 
ATOM   203  C CG2 . THR A 1 28  ? -4.638  -6.994  -18.570 1.00 17.49 ? 234 THR A CG2 1 
ATOM   204  N N   . TYR A 1 29  ? -5.494  -9.616  -16.586 1.00 15.04 ? 235 TYR A N   1 
ATOM   205  C CA  . TYR A 1 29  ? -5.148  -11.031 -16.605 1.00 13.63 ? 235 TYR A CA  1 
ATOM   206  C C   . TYR A 1 29  ? -5.889  -11.817 -17.680 1.00 16.25 ? 235 TYR A C   1 
ATOM   207  O O   . TYR A 1 29  ? -6.864  -11.345 -18.256 1.00 17.19 ? 235 TYR A O   1 
ATOM   208  C CB  . TYR A 1 29  ? -5.406  -11.655 -15.230 1.00 15.42 ? 235 TYR A CB  1 
ATOM   209  C CG  . TYR A 1 29  ? -6.858  -11.746 -14.808 1.00 18.31 ? 235 TYR A CG  1 
ATOM   210  C CD1 . TYR A 1 29  ? -7.510  -10.660 -14.232 1.00 15.40 ? 235 TYR A CD1 1 
ATOM   211  C CD2 . TYR A 1 29  ? -7.567  -12.934 -14.949 1.00 20.67 ? 235 TYR A CD2 1 
ATOM   212  C CE1 . TYR A 1 29  ? -8.829  -10.752 -13.824 1.00 15.44 ? 235 TYR A CE1 1 
ATOM   213  C CE2 . TYR A 1 29  ? -8.886  -13.034 -14.545 1.00 17.62 ? 235 TYR A CE2 1 
ATOM   214  C CZ  . TYR A 1 29  ? -9.511  -11.941 -13.983 1.00 17.55 ? 235 TYR A CZ  1 
ATOM   215  O OH  . TYR A 1 29  ? -10.820 -12.027 -13.575 1.00 18.61 ? 235 TYR A OH  1 
ATOM   216  N N   . LEU A 1 30  ? -5.388  -13.020 -17.943 1.00 20.66 ? 236 LEU A N   1 
ATOM   217  C CA  . LEU A 1 30  ? -5.982  -13.935 -18.909 1.00 21.05 ? 236 LEU A CA  1 
ATOM   218  C C   . LEU A 1 30  ? -7.027  -14.819 -18.254 1.00 24.47 ? 236 LEU A C   1 
ATOM   219  O O   . LEU A 1 30  ? -6.735  -15.510 -17.279 1.00 21.82 ? 236 LEU A O   1 
ATOM   220  C CB  . LEU A 1 30  ? -4.899  -14.808 -19.545 1.00 24.17 ? 236 LEU A CB  1 
ATOM   221  C CG  . LEU A 1 30  ? -3.995  -14.160 -20.591 1.00 31.37 ? 236 LEU A CG  1 
ATOM   222  C CD1 . LEU A 1 30  ? -2.865  -15.102 -20.980 1.00 44.32 ? 236 LEU A CD1 1 
ATOM   223  C CD2 . LEU A 1 30  ? -4.811  -13.773 -21.809 1.00 36.96 ? 236 LEU A CD2 1 
ATOM   224  N N   . LYS A 1 31  ? -8.242  -14.797 -18.794 1.00 25.27 ? 237 LYS A N   1 
ATOM   225  C CA  . LYS A 1 31  ? -9.316  -15.655 -18.302 1.00 24.79 ? 237 LYS A CA  1 
ATOM   226  C C   . LYS A 1 31  ? -9.175  -17.069 -18.863 1.00 32.50 ? 237 LYS A C   1 
ATOM   227  O O   . LYS A 1 31  ? -8.344  -17.317 -19.736 1.00 32.33 ? 237 LYS A O   1 
ATOM   228  C CB  . LYS A 1 31  ? -10.681 -15.073 -18.670 1.00 28.18 ? 237 LYS A CB  1 
ATOM   229  C CG  . LYS A 1 31  ? -10.919 -13.669 -18.137 1.00 25.07 ? 237 LYS A CG  1 
ATOM   230  C CD  . LYS A 1 31  ? -12.382 -13.268 -18.247 1.00 27.05 ? 237 LYS A CD  1 
ATOM   231  C CE  . LYS A 1 31  ? -12.855 -13.262 -19.689 1.00 43.47 ? 237 LYS A CE  1 
ATOM   232  N NZ  . LYS A 1 31  ? -14.326 -13.032 -19.774 1.00 35.85 ? 237 LYS A NZ  1 
ATOM   233  N N   . LYS A 1 32  ? -9.986  -17.992 -18.351 1.00 35.63 ? 238 LYS A N   1 
ATOM   234  C CA  . LYS A 1 32  ? -9.962  -19.376 -18.815 1.00 37.87 ? 238 LYS A CA  1 
ATOM   235  C C   . LYS A 1 32  ? -10.288 -19.479 -20.299 1.00 39.69 ? 238 LYS A C   1 
ATOM   236  O O   . LYS A 1 32  ? -9.755  -20.339 -20.999 1.00 44.36 ? 238 LYS A O   1 
ATOM   237  C CB  . LYS A 1 32  ? -10.948 -20.233 -18.024 1.00 30.21 ? 238 LYS A CB  1 
ATOM   238  C CG  . LYS A 1 32  ? -10.631 -20.361 -16.549 1.00 33.86 ? 238 LYS A CG  1 
ATOM   239  C CD  . LYS A 1 32  ? -11.505 -21.426 -15.910 1.00 43.61 ? 238 LYS A CD  1 
ATOM   240  C CE  . LYS A 1 32  ? -11.389 -21.396 -14.401 1.00 41.47 ? 238 LYS A CE  1 
ATOM   241  N NZ  . LYS A 1 32  ? -9.986  -21.159 -13.961 1.00 39.71 ? 238 LYS A NZ  1 
ATOM   242  N N   . ASP A 1 33  ? -11.163 -18.596 -20.775 1.00 34.17 ? 239 ASP A N   1 
ATOM   243  C CA  . ASP A 1 33  ? -11.581 -18.612 -22.176 1.00 28.96 ? 239 ASP A CA  1 
ATOM   244  C C   . ASP A 1 33  ? -10.552 -17.930 -23.070 1.00 45.69 ? 239 ASP A C   1 
ATOM   245  O O   . ASP A 1 33  ? -10.861 -17.550 -24.201 1.00 51.23 ? 239 ASP A O   1 
ATOM   246  C CB  . ASP A 1 33  ? -12.953 -17.947 -22.343 1.00 45.86 ? 239 ASP A CB  1 
ATOM   247  C CG  . ASP A 1 33  ? -12.975 -16.501 -21.873 1.00 46.68 ? 239 ASP A CG  1 
ATOM   248  O OD1 . ASP A 1 33  ? -11.900 -15.936 -21.580 1.00 43.24 ? 239 ASP A OD1 1 
ATOM   249  O OD2 . ASP A 1 33  ? -14.081 -15.923 -21.805 1.00 49.31 ? 239 ASP A OD2 1 
ATOM   250  N N   . ASN A 1 34  ? -9.349  -17.754 -22.525 1.00 41.99 ? 240 ASN A N   1 
ATOM   251  C CA  . ASN A 1 34  ? -8.180  -17.245 -23.243 1.00 49.85 ? 240 ASN A CA  1 
ATOM   252  C C   . ASN A 1 34  ? -8.244  -15.748 -23.546 1.00 40.38 ? 240 ASN A C   1 
ATOM   253  O O   . ASN A 1 34  ? -7.369  -15.206 -24.222 1.00 47.99 ? 240 ASN A O   1 
ATOM   254  C CB  . ASN A 1 34  ? -7.976  -18.035 -24.542 1.00 46.53 ? 240 ASN A CB  1 
ATOM   255  C CG  . ASN A 1 34  ? -6.585  -17.871 -25.114 1.00 56.54 ? 240 ASN A CG  1 
ATOM   256  O OD1 . ASN A 1 34  ? -5.618  -17.668 -24.380 1.00 54.07 ? 240 ASN A OD1 1 
ATOM   257  N ND2 . ASN A 1 34  ? -6.477  -17.949 -26.436 1.00 79.35 ? 240 ASN A ND2 1 
ATOM   258  N N   . LYS A 1 35  ? -9.267  -15.070 -23.037 1.00 40.25 ? 241 LYS A N   1 
ATOM   259  C CA  . LYS A 1 35  ? -9.398  -13.637 -23.275 1.00 35.00 ? 241 LYS A CA  1 
ATOM   260  C C   . LYS A 1 35  ? -8.793  -12.825 -22.136 1.00 30.55 ? 241 LYS A C   1 
ATOM   261  O O   . LYS A 1 35  ? -8.759  -13.266 -20.988 1.00 27.84 ? 241 LYS A O   1 
ATOM   262  C CB  . LYS A 1 35  ? -10.864 -13.261 -23.471 1.00 42.36 ? 241 LYS A CB  1 
ATOM   263  C CG  . LYS A 1 35  ? -11.490 -13.899 -24.697 1.00 51.45 ? 241 LYS A CG  1 
ATOM   264  C CD  . LYS A 1 35  ? -13.000 -13.818 -24.649 1.00 60.81 ? 241 LYS A CD  1 
ATOM   265  C CE  . LYS A 1 35  ? -13.632 -14.741 -25.679 1.00 63.73 ? 241 LYS A CE  1 
ATOM   266  N NZ  . LYS A 1 35  ? -15.102 -14.851 -25.488 1.00 68.03 ? 241 LYS A NZ  1 
ATOM   267  N N   . THR A 1 36  ? -8.309  -11.636 -22.473 1.00 26.42 ? 242 THR A N   1 
ATOM   268  C CA  . THR A 1 36  ? -7.719  -10.725 -21.498 1.00 21.67 ? 242 THR A CA  1 
ATOM   269  C C   . THR A 1 36  ? -8.802  -9.837  -20.894 1.00 21.82 ? 242 THR A C   1 
ATOM   270  O O   . THR A 1 36  ? -9.685  -9.359  -21.604 1.00 22.71 ? 242 THR A O   1 
ATOM   271  C CB  . THR A 1 36  ? -6.632  -9.851  -22.152 1.00 23.67 ? 242 THR A CB  1 
ATOM   272  O OG1 . THR A 1 36  ? -5.591  -10.691 -22.665 1.00 31.91 ? 242 THR A OG1 1 
ATOM   273  C CG2 . THR A 1 36  ? -6.043  -8.891  -21.149 1.00 23.41 ? 242 THR A CG2 1 
ATOM   274  N N   . VAL A 1 37  ? -8.747  -9.630  -19.580 1.00 17.61 ? 243 VAL A N   1 
ATOM   275  C CA  . VAL A 1 37  ? -9.685  -8.733  -18.913 1.00 16.61 ? 243 VAL A CA  1 
ATOM   276  C C   . VAL A 1 37  ? -8.943  -7.863  -17.890 1.00 14.44 ? 243 VAL A C   1 
ATOM   277  O O   . VAL A 1 37  ? -7.913  -8.264  -17.351 1.00 14.58 ? 243 VAL A O   1 
ATOM   278  C CB  . VAL A 1 37  ? -10.824 -9.523  -18.221 1.00 16.27 ? 243 VAL A CB  1 
ATOM   279  C CG1 . VAL A 1 37  ? -10.317 -10.252 -16.985 1.00 15.35 ? 243 VAL A CG1 1 
ATOM   280  C CG2 . VAL A 1 37  ? -11.978 -8.604  -17.867 1.00 18.98 ? 243 VAL A CG2 1 
ATOM   281  N N   . THR A 1 38  ? -9.459  -6.662  -17.655 1.00 13.51 ? 244 THR A N   1 
ATOM   282  C CA  . THR A 1 38  ? -8.917  -5.773  -16.633 1.00 12.88 ? 244 THR A CA  1 
ATOM   283  C C   . THR A 1 38  ? -9.998  -5.486  -15.602 1.00 12.05 ? 244 THR A C   1 
ATOM   284  O O   . THR A 1 38  ? -11.101 -5.075  -15.954 1.00 12.80 ? 244 THR A O   1 
ATOM   285  C CB  . THR A 1 38  ? -8.410  -4.466  -17.248 1.00 13.57 ? 244 THR A CB  1 
ATOM   286  O OG1 . THR A 1 38  ? -7.361  -4.763  -18.177 1.00 14.34 ? 244 THR A OG1 1 
ATOM   287  C CG2 . THR A 1 38  ? -7.879  -3.530  -16.177 1.00 15.12 ? 244 THR A CG2 1 
ATOM   288  N N   . ARG A 1 39  ? -9.694  -5.736  -14.333 1.00 11.19 ? 245 ARG A N   1 
ATOM   289  C CA  . ARG A 1 39  ? -10.647 -5.522  -13.247 1.00 11.64 ? 245 ARG A CA  1 
ATOM   290  C C   . ARG A 1 39  ? -10.036 -4.725  -12.107 1.00 13.87 ? 245 ARG A C   1 
ATOM   291  O O   . ARG A 1 39  ? -8.819  -4.767  -11.875 1.00 13.52 ? 245 ARG A O   1 
ATOM   292  C CB  . ARG A 1 39  ? -11.163 -6.855  -12.688 1.00 13.62 ? 245 ARG A CB  1 
ATOM   293  C CG  . ARG A 1 39  ? -11.800 -7.789  -13.711 1.00 14.09 ? 245 ARG A CG  1 
ATOM   294  C CD  . ARG A 1 39  ? -12.532 -8.927  -12.999 1.00 15.75 ? 245 ARG A CD  1 
ATOM   295  N NE  . ARG A 1 39  ? -12.808 -10.061 -13.882 1.00 17.52 ? 245 ARG A NE  1 
ATOM   296  C CZ  . ARG A 1 39  ? -13.838 -10.127 -14.718 1.00 16.76 ? 245 ARG A CZ  1 
ATOM   297  N NH1 . ARG A 1 39  ? -14.004 -11.200 -15.480 1.00 20.08 ? 245 ARG A NH1 1 
ATOM   298  N NH2 . ARG A 1 39  ? -14.688 -9.117  -14.803 1.00 19.44 ? 245 ARG A NH2 1 
ATOM   299  N N   . ALA A 1 40  ? -10.888 -4.012  -11.384 1.00 10.88 ? 246 ALA A N   1 
ATOM   300  C CA  . ALA A 1 40  ? -10.473 -3.315  -10.176 1.00 12.23 ? 246 ALA A CA  1 
ATOM   301  C C   . ALA A 1 40  ? -10.996 -4.030  -8.949  1.00 13.73 ? 246 ALA A C   1 
ATOM   302  O O   . ALA A 1 40  ? -12.157 -4.432  -8.894  1.00 15.22 ? 246 ALA A O   1 
ATOM   303  C CB  . ALA A 1 40  ? -10.953 -1.878  -10.187 1.00 14.00 ? 246 ALA A CB  1 
ATOM   304  N N   . PHE A 1 41  ? -10.123 -4.184  -7.961  1.00 12.11 ? 247 PHE A N   1 
ATOM   305  C CA  . PHE A 1 41  ? -10.490 -4.754  -6.676  1.00 13.54 ? 247 PHE A CA  1 
ATOM   306  C C   . PHE A 1 41  ? -10.158 -3.748  -5.594  1.00 14.96 ? 247 PHE A C   1 
ATOM   307  O O   . PHE A 1 41  ? -8.983  -3.491  -5.313  1.00 13.17 ? 247 PHE A O   1 
ATOM   308  C CB  . PHE A 1 41  ? -9.756  -6.071  -6.437  1.00 14.93 ? 247 PHE A CB  1 
ATOM   309  C CG  . PHE A 1 41  ? -10.124 -7.147  -7.408  1.00 17.33 ? 247 PHE A CG  1 
ATOM   310  C CD1 . PHE A 1 41  ? -11.229 -7.950  -7.180  1.00 25.10 ? 247 PHE A CD1 1 
ATOM   311  C CD2 . PHE A 1 41  ? -9.377  -7.352  -8.553  1.00 15.17 ? 247 PHE A CD2 1 
ATOM   312  C CE1 . PHE A 1 41  ? -11.577 -8.938  -8.079  1.00 22.61 ? 247 PHE A CE1 1 
ATOM   313  C CE2 . PHE A 1 41  ? -9.727  -8.342  -9.453  1.00 18.79 ? 247 PHE A CE2 1 
ATOM   314  C CZ  . PHE A 1 41  ? -10.829 -9.130  -9.211  1.00 19.34 ? 247 PHE A CZ  1 
ATOM   315  N N   . ASN A 1 42  ? -11.187 -3.157  -5.000  1.00 13.26 ? 248 ASN A N   1 
ATOM   316  C CA  . ASN A 1 42  ? -10.966 -2.196  -3.934  1.00 12.23 ? 248 ASN A CA  1 
ATOM   317  C C   . ASN A 1 42  ? -10.524 -2.889  -2.659  1.00 14.57 ? 248 ASN A C   1 
ATOM   318  O O   . ASN A 1 42  ? -11.044 -3.945  -2.299  1.00 16.72 ? 248 ASN A O   1 
ATOM   319  C CB  . ASN A 1 42  ? -12.232 -1.380  -3.665  1.00 14.54 ? 248 ASN A CB  1 
ATOM   320  C CG  . ASN A 1 42  ? -12.551 -0.412  -4.782  1.00 17.11 ? 248 ASN A CG  1 
ATOM   321  O OD1 . ASN A 1 42  ? -11.716 -0.147  -5.642  1.00 19.67 ? 248 ASN A OD1 1 
ATOM   322  N ND2 . ASN A 1 42  ? -13.758 0.136   -4.764  1.00 19.33 ? 248 ASN A ND2 1 
ATOM   323  N N   . ILE A 1 43  ? -9.556  -2.298  -1.980  1.00 11.98 ? 249 ILE A N   1 
ATOM   324  C CA  . ILE A 1 43  ? -9.239  -2.728  -0.634  1.00 12.88 ? 249 ILE A CA  1 
ATOM   325  C C   . ILE A 1 43  ? -10.413 -2.311  0.231   1.00 15.23 ? 249 ILE A C   1 
ATOM   326  O O   . ILE A 1 43  ? -10.810 -1.146  0.250   1.00 15.31 ? 249 ILE A O   1 
ATOM   327  C CB  . ILE A 1 43  ? -7.941  -2.118  -0.131  1.00 10.89 ? 249 ILE A CB  1 
ATOM   328  C CG1 . ILE A 1 43  ? -6.772  -2.556  -1.015  1.00 22.70 ? 249 ILE A CG1 1 
ATOM   329  C CG2 . ILE A 1 43  ? -7.710  -2.516  1.322   1.00 13.29 ? 249 ILE A CG2 1 
ATOM   330  C CD1 . ILE A 1 43  ? -6.725  -4.040  -1.292  1.00 23.06 ? 249 ILE A CD1 1 
ATOM   331  N N   . SER A 1 44  ? -10.994 -3.287  0.911   1.00 17.19 ? 250 SER A N   1 
ATOM   332  C CA  . SER A 1 44  ? -12.229 -3.084  1.642   1.00 20.61 ? 250 SER A CA  1 
ATOM   333  C C   . SER A 1 44  ? -11.963 -2.742  3.096   1.00 20.40 ? 250 SER A C   1 
ATOM   334  O O   . SER A 1 44  ? -11.003 -3.228  3.685   1.00 15.44 ? 250 SER A O   1 
ATOM   335  C CB  . SER A 1 44  ? -13.096 -4.336  1.548   1.00 21.04 ? 250 SER A CB  1 
ATOM   336  O OG  . SER A 1 44  ? -14.227 -4.229  2.389   1.00 26.45 ? 250 SER A OG  1 
ATOM   337  N N   . PRO A 1 45  ? -12.828 -1.910  3.687   1.00 26.70 ? 251 PRO A N   1 
ATOM   338  C CA  . PRO A 1 45  ? -12.780 -1.663  5.130   1.00 27.13 ? 251 PRO A CA  1 
ATOM   339  C C   . PRO A 1 45  ? -12.941 -2.973  5.909   1.00 22.20 ? 251 PRO A C   1 
ATOM   340  O O   . PRO A 1 45  ? -12.462 -3.099  7.037   1.00 25.08 ? 251 PRO A O   1 
ATOM   341  C CB  . PRO A 1 45  ? -13.969 -0.718  5.361   1.00 24.41 ? 251 PRO A CB  1 
ATOM   342  C CG  . PRO A 1 45  ? -14.863 -0.928  4.182   1.00 37.34 ? 251 PRO A CG  1 
ATOM   343  C CD  . PRO A 1 45  ? -13.939 -1.191  3.040   1.00 27.92 ? 251 PRO A CD  1 
ATOM   344  N N   . ASN A 1 46  ? -13.589 -3.943  5.271   1.00 18.04 ? 252 ASN A N   1 
ATOM   345  C CA  . ASN A 1 46  ? -13.858 -5.253  5.854   1.00 17.27 ? 252 ASN A CA  1 
ATOM   346  C C   . ASN A 1 46  ? -12.645 -6.160  5.941   1.00 18.47 ? 252 ASN A C   1 
ATOM   347  O O   . ASN A 1 46  ? -12.664 -7.161  6.651   1.00 18.66 ? 252 ASN A O   1 
ATOM   348  C CB  . ASN A 1 46  ? -14.937 -5.968  5.047   1.00 19.79 ? 252 ASN A CB  1 
ATOM   349  C CG  . ASN A 1 46  ? -16.235 -5.199  5.013   1.00 23.55 ? 252 ASN A CG  1 
ATOM   350  O OD1 . ASN A 1 46  ? -16.553 -4.465  5.947   1.00 26.11 ? 252 ASN A OD1 1 
ATOM   351  N ND2 . ASN A 1 46  ? -16.991 -5.356  3.933   1.00 29.97 ? 252 ASN A ND2 1 
ATOM   352  N N   . ASP A 1 47  ? -11.597 -5.824  5.196   1.00 15.22 ? 253 ASP A N   1 
ATOM   353  C CA  . ASP A 1 47  ? -10.418 -6.677  5.146   1.00 14.37 ? 253 ASP A CA  1 
ATOM   354  C C   . ASP A 1 47  ? -9.741  -6.784  6.505   1.00 16.26 ? 253 ASP A C   1 
ATOM   355  O O   . ASP A 1 47  ? -9.790  -5.863  7.317   1.00 16.44 ? 253 ASP A O   1 
ATOM   356  C CB  . ASP A 1 47  ? -9.406  -6.156  4.126   1.00 12.51 ? 253 ASP A CB  1 
ATOM   357  C CG  . ASP A 1 47  ? -9.897  -6.272  2.696   1.00 17.31 ? 253 ASP A CG  1 
ATOM   358  O OD1 . ASP A 1 47  ? -10.864 -7.025  2.447   1.00 21.70 ? 253 ASP A OD1 1 
ATOM   359  O OD2 . ASP A 1 47  ? -9.300  -5.610  1.820   1.00 20.59 ? 253 ASP A OD2 1 
ATOM   360  N N   . THR A 1 48  ? -9.103  -7.926  6.727   1.00 13.51 ? 254 THR A N   1 
ATOM   361  C CA  . THR A 1 48  ? -8.296  -8.153  7.910   1.00 15.34 ? 254 THR A CA  1 
ATOM   362  C C   . THR A 1 48  ? -6.967  -7.442  7.737   1.00 14.61 ? 254 THR A C   1 
ATOM   363  O O   . THR A 1 48  ? -6.310  -7.612  6.709   1.00 15.31 ? 254 THR A O   1 
ATOM   364  C CB  . THR A 1 48  ? -8.059  -9.647  8.127   1.00 17.94 ? 254 THR A CB  1 
ATOM   365  O OG1 . THR A 1 48  ? -9.312  -10.294 8.392   1.00 20.00 ? 254 THR A OG1 1 
ATOM   366  C CG2 . THR A 1 48  ? -7.110  -9.876  9.285   1.00 18.26 ? 254 THR A CG2 1 
ATOM   367  N N   . SER A 1 49  ? -6.571  -6.631  8.707   1.00 12.53 ? 255 SER A N   1 
ATOM   368  C CA  . SER A 1 49  ? -5.281  -5.958  8.611   1.00 12.87 ? 255 SER A CA  1 
ATOM   369  C C   . SER A 1 49  ? -4.351  -6.269  9.780   1.00 13.86 ? 255 SER A C   1 
ATOM   370  O O   . SER A 1 49  ? -4.778  -6.526  10.909  1.00 14.46 ? 255 SER A O   1 
ATOM   371  C CB  . SER A 1 49  ? -5.462  -4.444  8.491   1.00 19.59 ? 255 SER A CB  1 
ATOM   372  O OG  . SER A 1 49  ? -6.054  -3.901  9.654   1.00 24.73 ? 255 SER A OG  1 
ATOM   373  N N   . SER A 1 50  ? -3.061  -6.240  9.485   1.00 11.41 ? 256 SER A N   1 
ATOM   374  C CA  . SER A 1 50  ? -2.021  -6.490  10.464  1.00 9.72  ? 256 SER A CA  1 
ATOM   375  C C   . SER A 1 50  ? -0.745  -5.897  9.912   1.00 11.60 ? 256 SER A C   1 
ATOM   376  O O   . SER A 1 50  ? -0.733  -5.412  8.786   1.00 12.82 ? 256 SER A O   1 
ATOM   377  C CB  . SER A 1 50  ? -1.850  -7.986  10.728  1.00 14.39 ? 256 SER A CB  1 
ATOM   378  O OG  . SER A 1 50  ? -1.422  -8.663  9.553   1.00 14.98 ? 256 SER A OG  1 
ATOM   379  N N   . GLY A 1 51  ? 0.328   -5.929  10.687  1.00 10.74 ? 257 GLY A N   1 
ATOM   380  C CA  . GLY A 1 51  ? 1.578   -5.387  10.190  1.00 10.98 ? 257 GLY A CA  1 
ATOM   381  C C   . GLY A 1 51  ? 2.733   -5.670  11.116  1.00 11.73 ? 257 GLY A C   1 
ATOM   382  O O   . GLY A 1 51  ? 2.577   -6.331  12.141  1.00 13.06 ? 257 GLY A O   1 
ATOM   383  N N   . SER A 1 52  ? 3.909   -5.181  10.752  1.00 11.14 ? 258 SER A N   1 
ATOM   384  C CA  . SER A 1 52  ? 5.088   -5.399  11.573  1.00 10.50 ? 258 SER A CA  1 
ATOM   385  C C   . SER A 1 52  ? 6.007   -4.190  11.535  1.00 11.42 ? 258 SER A C   1 
ATOM   386  O O   . SER A 1 52  ? 6.004   -3.411  10.585  1.00 12.94 ? 258 SER A O   1 
ATOM   387  C CB  . SER A 1 52  ? 5.837   -6.656  11.129  1.00 11.87 ? 258 SER A CB  1 
ATOM   388  O OG  . SER A 1 52  ? 6.325   -6.536  9.803   1.00 15.06 ? 258 SER A OG  1 
ATOM   389  N N   . CYS A 1 53  ? 6.795   -4.048  12.591  1.00 12.36 ? 259 CYS A N   1 
ATOM   390  C CA  . CYS A 1 53  ? 7.676   -2.904  12.760  1.00 11.12 ? 259 CYS A CA  1 
ATOM   391  C C   . CYS A 1 53  ? 9.147   -3.292  12.709  1.00 12.48 ? 259 CYS A C   1 
ATOM   392  O O   . CYS A 1 53  ? 9.504   -4.428  12.987  1.00 16.72 ? 259 CYS A O   1 
ATOM   393  C CB  . CYS A 1 53  ? 7.386   -2.213  14.098  1.00 12.39 ? 259 CYS A CB  1 
ATOM   394  S SG  . CYS A 1 53  ? 5.700   -1.585  14.269  1.00 14.21 ? 259 CYS A SG  1 
ATOM   395  N N   . GLY A 1 54  ? 9.993   -2.323  12.386  1.00 13.22 ? 260 GLY A N   1 
ATOM   396  C CA  . GLY A 1 54  ? 11.439  -2.490  12.403  1.00 14.84 ? 260 GLY A CA  1 
ATOM   397  C C   . GLY A 1 54  ? 12.084  -1.152  12.117  1.00 17.11 ? 260 GLY A C   1 
ATOM   398  O O   . GLY A 1 54  ? 11.386  -0.173  11.852  1.00 17.78 ? 260 GLY A O   1 
ATOM   399  N N   . ILE A 1 55  ? 13.412  -1.088  12.163  1.00 18.41 ? 261 ILE A N   1 
ATOM   400  C CA  . ILE A 1 55  ? 14.085  0.163   11.832  1.00 17.99 ? 261 ILE A CA  1 
ATOM   401  C C   . ILE A 1 55  ? 14.483  0.240   10.356  1.00 13.53 ? 261 ILE A C   1 
ATOM   402  O O   . ILE A 1 55  ? 14.896  1.297   9.892   1.00 19.93 ? 261 ILE A O   1 
ATOM   403  C CB  . ILE A 1 55  ? 15.332  0.390   12.705  1.00 18.91 ? 261 ILE A CB  1 
ATOM   404  C CG1 . ILE A 1 55  ? 16.302  -0.783  12.574  1.00 23.75 ? 261 ILE A CG1 1 
ATOM   405  C CG2 . ILE A 1 55  ? 14.934  0.604   14.159  1.00 26.08 ? 261 ILE A CG2 1 
ATOM   406  C CD1 . ILE A 1 55  ? 17.552  -0.626  13.412  1.00 41.08 ? 261 ILE A CD1 1 
ATOM   407  N N   . ASN A 1 56  ? 14.348  -0.862  9.621   1.00 13.95 ? 262 ASN A N   1 
ATOM   408  C CA  . ASN A 1 56  ? 14.617  -0.850  8.176   1.00 14.87 ? 262 ASN A CA  1 
ATOM   409  C C   . ASN A 1 56  ? 13.380  -1.173  7.351   1.00 15.74 ? 262 ASN A C   1 
ATOM   410  O O   . ASN A 1 56  ? 13.258  -0.736  6.199   1.00 15.15 ? 262 ASN A O   1 
ATOM   411  C CB  . ASN A 1 56  ? 15.728  -1.841  7.811   1.00 14.31 ? 262 ASN A CB  1 
ATOM   412  C CG  . ASN A 1 56  ? 17.047  -1.509  8.475   1.00 19.17 ? 262 ASN A CG  1 
ATOM   413  O OD1 . ASN A 1 56  ? 17.630  -0.455  8.227   1.00 19.88 ? 262 ASN A OD1 1 
ATOM   414  N ND2 . ASN A 1 56  ? 17.525  -2.412  9.322   1.00 21.17 ? 262 ASN A ND2 1 
ATOM   415  N N   . LEU A 1 57  ? 12.471  -1.937  7.947   1.00 11.91 ? 263 LEU A N   1 
ATOM   416  C CA  . LEU A 1 57  ? 11.296  -2.430  7.245   1.00 11.19 ? 263 LEU A CA  1 
ATOM   417  C C   . LEU A 1 57  ? 10.048  -2.348  8.099   1.00 10.43 ? 263 LEU A C   1 
ATOM   418  O O   . LEU A 1 57  ? 10.015  -2.863  9.218   1.00 12.07 ? 263 LEU A O   1 
ATOM   419  C CB  . LEU A 1 57  ? 11.510  -3.876  6.802   1.00 12.44 ? 263 LEU A CB  1 
ATOM   420  C CG  . LEU A 1 57  ? 10.297  -4.604  6.219   1.00 13.36 ? 263 LEU A CG  1 
ATOM   421  C CD1 . LEU A 1 57  ? 9.937   -4.036  4.856   1.00 15.32 ? 263 LEU A CD1 1 
ATOM   422  C CD2 . LEU A 1 57  ? 10.556  -6.101  6.122   1.00 17.78 ? 263 LEU A CD2 1 
ATOM   423  N N   . VAL A 1 58  ? 9.012   -1.721  7.552   1.00 9.11  ? 264 VAL A N   1 
ATOM   424  C CA  . VAL A 1 58  ? 7.697   -1.663  8.186   1.00 8.76  ? 264 VAL A CA  1 
ATOM   425  C C   . VAL A 1 58  ? 6.686   -2.244  7.213   1.00 9.77  ? 264 VAL A C   1 
ATOM   426  O O   . VAL A 1 58  ? 6.711   -1.901  6.028   1.00 10.99 ? 264 VAL A O   1 
ATOM   427  C CB  . VAL A 1 58  ? 7.318   -0.211  8.562   1.00 9.91  ? 264 VAL A CB  1 
ATOM   428  C CG1 . VAL A 1 58  ? 5.835   -0.089  8.870   1.00 11.26 ? 264 VAL A CG1 1 
ATOM   429  C CG2 . VAL A 1 58  ? 8.147   0.261   9.739   1.00 11.56 ? 264 VAL A CG2 1 
ATOM   430  N N   . THR A 1 59  ? 5.806   -3.125  7.679   1.00 9.45  ? 265 THR A N   1 
ATOM   431  C CA  . THR A 1 59  ? 4.847   -3.736  6.761   1.00 10.32 ? 265 THR A CA  1 
ATOM   432  C C   . THR A 1 59  ? 3.414   -3.542  7.201   1.00 10.96 ? 265 THR A C   1 
ATOM   433  O O   . THR A 1 59  ? 3.118   -3.385  8.394   1.00 11.90 ? 265 THR A O   1 
ATOM   434  C CB  . THR A 1 59  ? 5.081   -5.251  6.592   1.00 12.36 ? 265 THR A CB  1 
ATOM   435  O OG1 . THR A 1 59  ? 4.747   -5.929  7.812   1.00 13.20 ? 265 THR A OG1 1 
ATOM   436  C CG2 . THR A 1 59  ? 6.520   -5.551  6.201   1.00 14.14 ? 265 THR A CG2 1 
ATOM   437  N N   . LEU A 1 60  ? 2.528   -3.554  6.212   1.00 10.57 ? 266 LEU A N   1 
ATOM   438  C CA  . LEU A 1 60  ? 1.086   -3.562  6.427   1.00 8.71  ? 266 LEU A CA  1 
ATOM   439  C C   . LEU A 1 60  ? 0.474   -4.595  5.498   1.00 11.54 ? 266 LEU A C   1 
ATOM   440  O O   . LEU A 1 60  ? 0.687   -4.532  4.285   1.00 12.42 ? 266 LEU A O   1 
ATOM   441  C CB  . LEU A 1 60  ? 0.487   -2.184  6.162   1.00 10.38 ? 266 LEU A CB  1 
ATOM   442  C CG  . LEU A 1 60  ? -1.038  -2.094  6.293   1.00 11.65 ? 266 LEU A CG  1 
ATOM   443  C CD1 . LEU A 1 60  ? -1.471  -2.226  7.750   1.00 12.19 ? 266 LEU A CD1 1 
ATOM   444  C CD2 . LEU A 1 60  ? -1.545  -0.797  5.692   1.00 16.46 ? 266 LEU A CD2 1 
ATOM   445  N N   . LYS A 1 61  ? -0.270  -5.547  6.056   1.00 11.29 ? 267 LYS A N   1 
ATOM   446  C CA  . LYS A 1 61  ? -0.932  -6.566  5.253   1.00 10.34 ? 267 LYS A CA  1 
ATOM   447  C C   . LYS A 1 61  ? -2.443  -6.458  5.389   1.00 12.45 ? 267 LYS A C   1 
ATOM   448  O O   . LYS A 1 61  ? -2.977  -6.430  6.493   1.00 13.71 ? 267 LYS A O   1 
ATOM   449  C CB  . LYS A 1 61  ? -0.468  -7.965  5.648   1.00 10.19 ? 267 LYS A CB  1 
ATOM   450  C CG  . LYS A 1 61  ? -1.023  -9.063  4.756   1.00 16.06 ? 267 LYS A CG  1 
ATOM   451  C CD  . LYS A 1 61  ? -0.598  -10.442 5.221   1.00 19.08 ? 267 LYS A CD  1 
ATOM   452  C CE  . LYS A 1 61  ? 0.894   -10.670 5.061   1.00 24.34 ? 267 LYS A CE  1 
ATOM   453  N NZ  . LYS A 1 61  ? 1.232   -12.100 5.322   1.00 27.32 ? 267 LYS A NZ  1 
ATOM   454  N N   . VAL A 1 62  ? -3.120  -6.378  4.249   1.00 10.24 ? 268 VAL A N   1 
ATOM   455  C CA  . VAL A 1 62  ? -4.569  -6.299  4.214   1.00 11.07 ? 268 VAL A CA  1 
ATOM   456  C C   . VAL A 1 62  ? -5.092  -7.480  3.406   1.00 11.69 ? 268 VAL A C   1 
ATOM   457  O O   . VAL A 1 62  ? -4.695  -7.693  2.257   1.00 13.81 ? 268 VAL A O   1 
ATOM   458  C CB  . VAL A 1 62  ? -5.058  -4.946  3.632   1.00 16.93 ? 268 VAL A CB  1 
ATOM   459  C CG1 . VAL A 1 62  ? -4.554  -3.801  4.501   1.00 18.97 ? 268 VAL A CG1 1 
ATOM   460  C CG2 . VAL A 1 62  ? -4.578  -4.742  2.206   1.00 20.75 ? 268 VAL A CG2 1 
ATOM   461  N N   . GLU A 1 63  ? -5.969  -8.272  4.006   1.00 13.43 ? 269 GLU A N   1 
ATOM   462  C CA  . GLU A 1 63  ? -6.331  -9.523  3.367   1.00 14.83 ? 269 GLU A CA  1 
ATOM   463  C C   . GLU A 1 63  ? -7.772  -9.950  3.592   1.00 16.40 ? 269 GLU A C   1 
ATOM   464  O O   . GLU A 1 63  ? -8.452  -9.490  4.514   1.00 15.57 ? 269 GLU A O   1 
ATOM   465  C CB  . GLU A 1 63  ? -5.393  -10.636 3.839   1.00 18.61 ? 269 GLU A CB  1 
ATOM   466  C CG  . GLU A 1 63  ? -5.399  -10.881 5.340   1.00 20.28 ? 269 GLU A CG  1 
ATOM   467  C CD  . GLU A 1 63  ? -4.277  -11.808 5.774   1.00 21.36 ? 269 GLU A CD  1 
ATOM   468  O OE1 . GLU A 1 63  ? -4.017  -12.813 5.075   1.00 26.17 ? 269 GLU A OE1 1 
ATOM   469  O OE2 . GLU A 1 63  ? -3.642  -11.528 6.809   1.00 15.20 ? 269 GLU A OE2 1 
ATOM   470  N N   . ASN A 1 64  ? -8.219  -10.834 2.710   1.00 16.35 ? 270 ASN A N   1 
ATOM   471  C CA  . ASN A 1 64  ? -9.469  -11.549 2.875   1.00 19.47 ? 270 ASN A CA  1 
ATOM   472  C C   . ASN A 1 64  ? -9.276  -12.971 2.357   1.00 21.41 ? 270 ASN A C   1 
ATOM   473  O O   . ASN A 1 64  ? -8.142  -13.410 2.161   1.00 21.32 ? 270 ASN A O   1 
ATOM   474  C CB  . ASN A 1 64  ? -10.613 -10.830 2.159   1.00 19.42 ? 270 ASN A CB  1 
ATOM   475  C CG  . ASN A 1 64  ? -10.336 -10.597 0.690   1.00 19.39 ? 270 ASN A CG  1 
ATOM   476  O OD1 . ASN A 1 64  ? -9.871  -11.485 -0.021  1.00 21.60 ? 270 ASN A OD1 1 
ATOM   477  N ND2 . ASN A 1 64  ? -10.629 -9.389  0.223   1.00 28.39 ? 270 ASN A ND2 1 
ATOM   478  N N   . LYS A 1 65  ? -10.375 -13.682 2.128   1.00 25.92 ? 271 LYS A N   1 
ATOM   479  C CA  . LYS A 1 65  ? -10.308 -15.091 1.754   1.00 31.32 ? 271 LYS A CA  1 
ATOM   480  C C   . LYS A 1 65  ? -9.590  -15.335 0.423   1.00 26.23 ? 271 LYS A C   1 
ATOM   481  O O   . LYS A 1 65  ? -8.927  -16.356 0.248   1.00 31.94 ? 271 LYS A O   1 
ATOM   482  C CB  . LYS A 1 65  ? -11.722 -15.678 1.696   1.00 34.55 ? 271 LYS A CB  1 
ATOM   483  C CG  . LYS A 1 65  ? -11.767 -17.189 1.541   1.00 43.66 ? 271 LYS A CG  1 
ATOM   484  C CD  . LYS A 1 65  ? -13.197 -17.706 1.593   1.00 49.03 ? 271 LYS A CD  1 
ATOM   485  C CE  . LYS A 1 65  ? -14.008 -17.227 0.400   1.00 48.57 ? 271 LYS A CE  1 
ATOM   486  N NZ  . LYS A 1 65  ? -13.480 -17.768 -0.885  1.00 57.63 ? 271 LYS A NZ  1 
ATOM   487  N N   . ASN A 1 66  ? -9.711  -14.392 -0.506  1.00 20.00 ? 272 ASN A N   1 
ATOM   488  C CA  . ASN A 1 66  ? -9.200  -14.594 -1.859  1.00 23.08 ? 272 ASN A CA  1 
ATOM   489  C C   . ASN A 1 66  ? -7.981  -13.758 -2.222  1.00 20.33 ? 272 ASN A C   1 
ATOM   490  O O   . ASN A 1 66  ? -7.484  -13.838 -3.344  1.00 19.34 ? 272 ASN A O   1 
ATOM   491  C CB  . ASN A 1 66  ? -10.305 -14.312 -2.878  1.00 24.85 ? 272 ASN A CB  1 
ATOM   492  C CG  . ASN A 1 66  ? -11.334 -15.421 -2.949  1.00 40.49 ? 272 ASN A CG  1 
ATOM   493  O OD1 . ASN A 1 66  ? -12.508 -15.217 -2.639  1.00 43.65 ? 272 ASN A OD1 1 
ATOM   494  N ND2 . ASN A 1 66  ? -10.899 -16.605 -3.366  1.00 45.17 ? 272 ASN A ND2 1 
ATOM   495  N N   . ARG A 1 67  ? -7.484  -12.968 -1.277  1.00 17.89 ? 273 ARG A N   1 
ATOM   496  C CA  . ARG A 1 67  ? -6.479  -11.971 -1.616  1.00 16.68 ? 273 ARG A CA  1 
ATOM   497  C C   . ARG A 1 67  ? -5.702  -11.504 -0.399  1.00 14.88 ? 273 ARG A C   1 
ATOM   498  O O   . ARG A 1 67  ? -6.278  -11.278 0.662   1.00 16.79 ? 273 ARG A O   1 
ATOM   499  C CB  . ARG A 1 67  ? -7.156  -10.775 -2.284  1.00 16.88 ? 273 ARG A CB  1 
ATOM   500  C CG  . ARG A 1 67  ? -6.221  -9.694  -2.789  1.00 29.79 ? 273 ARG A CG  1 
ATOM   501  C CD  . ARG A 1 67  ? -6.830  -8.324  -2.539  1.00 45.11 ? 273 ARG A CD  1 
ATOM   502  N NE  . ARG A 1 67  ? -6.645  -7.916  -1.154  1.00 38.42 ? 273 ARG A NE  1 
ATOM   503  C CZ  . ARG A 1 67  ? -7.550  -7.271  -0.424  1.00 32.75 ? 273 ARG A CZ  1 
ATOM   504  N NH1 . ARG A 1 67  ? -8.733  -6.947  -0.936  1.00 31.26 ? 273 ARG A NH1 1 
ATOM   505  N NH2 . ARG A 1 67  ? -7.263  -6.951  0.827   1.00 20.77 ? 273 ARG A NH2 1 
ATOM   506  N N   . ALA A 1 68  ? -4.391  -11.358 -0.557  1.00 14.28 ? 274 ALA A N   1 
ATOM   507  C CA  . ALA A 1 68  ? -3.570  -10.741 0.469   1.00 11.94 ? 274 ALA A CA  1 
ATOM   508  C C   . ALA A 1 68  ? -2.643  -9.726  -0.168  1.00 11.99 ? 274 ALA A C   1 
ATOM   509  O O   . ALA A 1 68  ? -1.894  -10.053 -1.093  1.00 14.54 ? 274 ALA A O   1 
ATOM   510  C CB  . ALA A 1 68  ? -2.775  -11.793 1.237   1.00 15.41 ? 274 ALA A CB  1 
ATOM   511  N N   . LEU A 1 69  ? -2.714  -8.494  0.318   1.00 10.80 ? 275 LEU A N   1 
ATOM   512  C CA  . LEU A 1 69  ? -1.863  -7.411  -0.157  1.00 10.54 ? 275 LEU A CA  1 
ATOM   513  C C   . LEU A 1 69  ? -0.942  -6.954  0.951   1.00 11.17 ? 275 LEU A C   1 
ATOM   514  O O   . LEU A 1 69  ? -1.420  -6.586  2.023   1.00 10.66 ? 275 LEU A O   1 
ATOM   515  C CB  . LEU A 1 69  ? -2.707  -6.230  -0.630  1.00 10.27 ? 275 LEU A CB  1 
ATOM   516  C CG  . LEU A 1 69  ? -1.920  -4.951  -0.952  1.00 11.37 ? 275 LEU A CG  1 
ATOM   517  C CD1 . LEU A 1 69  ? -1.099  -5.123  -2.223  1.00 12.79 ? 275 LEU A CD1 1 
ATOM   518  C CD2 . LEU A 1 69  ? -2.861  -3.751  -1.078  1.00 16.15 ? 275 LEU A CD2 1 
ATOM   519  N N   . GLU A 1 70  ? 0.366   -6.948  0.698   1.00 9.10  ? 276 GLU A N   1 
ATOM   520  C CA  . GLU A 1 70  ? 1.300   -6.420  1.691   1.00 10.20 ? 276 GLU A CA  1 
ATOM   521  C C   . GLU A 1 70  ? 2.056   -5.238  1.126   1.00 10.42 ? 276 GLU A C   1 
ATOM   522  O O   . GLU A 1 70  ? 2.625   -5.297  0.028   1.00 11.15 ? 276 GLU A O   1 
ATOM   523  C CB  . GLU A 1 70  ? 2.289   -7.478  2.177   1.00 10.53 ? 276 GLU A CB  1 
ATOM   524  C CG  . GLU A 1 70  ? 3.206   -6.949  3.301   1.00 12.25 ? 276 GLU A CG  1 
ATOM   525  C CD  . GLU A 1 70  ? 4.106   -8.020  3.872   1.00 15.83 ? 276 GLU A CD  1 
ATOM   526  O OE1 . GLU A 1 70  ? 5.049   -8.431  3.170   1.00 18.79 ? 276 GLU A OE1 1 
ATOM   527  O OE2 . GLU A 1 70  ? 3.865   -8.453  5.021   1.00 18.96 ? 276 GLU A OE2 1 
ATOM   528  N N   . LEU A 1 71  ? 2.046   -4.156  1.888   1.00 9.71  ? 277 LEU A N   1 
ATOM   529  C CA  . LEU A 1 71  ? 2.819   -2.967  1.576   1.00 8.48  ? 277 LEU A CA  1 
ATOM   530  C C   . LEU A 1 71  ? 4.058   -2.981  2.440   1.00 10.52 ? 277 LEU A C   1 
ATOM   531  O O   . LEU A 1 71  ? 3.984   -3.244  3.648   1.00 11.98 ? 277 LEU A O   1 
ATOM   532  C CB  . LEU A 1 71  ? 2.014   -1.701  1.837   1.00 10.85 ? 277 LEU A CB  1 
ATOM   533  C CG  . LEU A 1 71  ? 0.648   -1.624  1.174   1.00 13.24 ? 277 LEU A CG  1 
ATOM   534  C CD1 . LEU A 1 71  ? -0.012  -0.301  1.515   1.00 17.17 ? 277 LEU A CD1 1 
ATOM   535  C CD2 . LEU A 1 71  ? 0.785   -1.803  -0.329  1.00 14.35 ? 277 LEU A CD2 1 
ATOM   536  N N   . GLN A 1 72  ? 5.203   -2.710  1.832   1.00 9.64  ? 278 GLN A N   1 
ATOM   537  C CA  . GLN A 1 72  ? 6.456   -2.656  2.566   1.00 11.57 ? 278 GLN A CA  1 
ATOM   538  C C   . GLN A 1 72  ? 7.022   -1.256  2.477   1.00 10.34 ? 278 GLN A C   1 
ATOM   539  O O   . GLN A 1 72  ? 7.139   -0.696  1.391   1.00 10.92 ? 278 GLN A O   1 
ATOM   540  C CB  . GLN A 1 72  ? 7.451   -3.683  2.019   1.00 10.95 ? 278 GLN A CB  1 
ATOM   541  C CG  . GLN A 1 72  ? 6.900   -5.094  2.010   1.00 14.91 ? 278 GLN A CG  1 
ATOM   542  C CD  . GLN A 1 72  ? 7.974   -6.160  1.978   1.00 22.20 ? 278 GLN A CD  1 
ATOM   543  O OE1 . GLN A 1 72  ? 9.124   -5.895  1.634   1.00 24.33 ? 278 GLN A OE1 1 
ATOM   544  N NE2 . GLN A 1 72  ? 7.602   -7.381  2.347   1.00 24.81 ? 278 GLN A NE2 1 
ATOM   545  N N   . PHE A 1 73  ? 7.340   -0.684  3.630   1.00 10.33 ? 279 PHE A N   1 
ATOM   546  C CA  . PHE A 1 73  ? 7.904   0.652   3.702   1.00 9.95  ? 279 PHE A CA  1 
ATOM   547  C C   . PHE A 1 73  ? 9.363   0.560   4.114   1.00 10.75 ? 279 PHE A C   1 
ATOM   548  O O   . PHE A 1 73  ? 9.735   -0.265  4.952   1.00 11.60 ? 279 PHE A O   1 
ATOM   549  C CB  . PHE A 1 73  ? 7.125   1.523   4.692   1.00 10.07 ? 279 PHE A CB  1 
ATOM   550  C CG  . PHE A 1 73  ? 5.721   1.806   4.259   1.00 10.33 ? 279 PHE A CG  1 
ATOM   551  C CD1 . PHE A 1 73  ? 4.705   0.896   4.513   1.00 10.89 ? 279 PHE A CD1 1 
ATOM   552  C CD2 . PHE A 1 73  ? 5.421   2.967   3.571   1.00 10.81 ? 279 PHE A CD2 1 
ATOM   553  C CE1 . PHE A 1 73  ? 3.402   1.149   4.091   1.00 12.39 ? 279 PHE A CE1 1 
ATOM   554  C CE2 . PHE A 1 73  ? 4.126   3.224   3.148   1.00 11.96 ? 279 PHE A CE2 1 
ATOM   555  C CZ  . PHE A 1 73  ? 3.120   2.319   3.407   1.00 10.72 ? 279 PHE A CZ  1 
ATOM   556  N N   . GLY A 1 74  ? 10.186  1.405   3.510   1.00 9.69  ? 280 GLY A N   1 
ATOM   557  C CA  . GLY A 1 74  ? 11.591  1.465   3.838   1.00 10.79 ? 280 GLY A CA  1 
ATOM   558  C C   . GLY A 1 74  ? 11.983  2.873   4.197   1.00 13.20 ? 280 GLY A C   1 
ATOM   559  O O   . GLY A 1 74  ? 11.217  3.820   4.037   1.00 11.92 ? 280 GLY A O   1 
ATOM   560  N N   . MET A 1 75  ? 13.196  3.016   4.699   1.00 19.64 ? 281 MET A N   1 
ATOM   561  C CA  . MET A 1 75  ? 13.714  4.342   4.926   1.00 23.80 ? 281 MET A CA  1 
ATOM   562  C C   . MET A 1 75  ? 15.216  4.331   4.915   1.00 29.86 ? 281 MET A C   1 
ATOM   563  O O   . MET A 1 75  ? 15.860  3.310   5.153   1.00 29.89 ? 281 MET A O   1 
ATOM   564  C CB  . MET A 1 75  ? 13.199  4.919   6.240   1.00 21.83 ? 281 MET A CB  1 
ATOM   565  C CG  . MET A 1 75  ? 13.608  4.174   7.468   1.00 27.82 ? 281 MET A CG  1 
ATOM   566  S SD  . MET A 1 75  ? 13.681  5.383   8.784   1.00 27.94 ? 281 MET A SD  1 
ATOM   567  C CE  . MET A 1 75  ? 15.306  6.072   8.515   1.00 22.59 ? 281 MET A CE  1 
ATOM   568  N N   . ASN A 1 76  ? 15.756  5.500   4.623   1.00 22.13 ? 282 ASN A N   1 
ATOM   569  C CA  . ASN A 1 76  ? 17.173  5.699   4.459   1.00 17.85 ? 282 ASN A CA  1 
ATOM   570  C C   . ASN A 1 76  ? 17.604  6.613   5.589   1.00 24.30 ? 282 ASN A C   1 
ATOM   571  O O   . ASN A 1 76  ? 17.247  7.791   5.614   1.00 28.18 ? 282 ASN A O   1 
ATOM   572  C CB  . ASN A 1 76  ? 17.417  6.282   3.073   1.00 21.41 ? 282 ASN A CB  1 
ATOM   573  C CG  . ASN A 1 76  ? 18.864  6.554   2.784   1.00 22.54 ? 282 ASN A CG  1 
ATOM   574  O OD1 . ASN A 1 76  ? 19.755  6.241   3.573   1.00 32.69 ? 282 ASN A OD1 1 
ATOM   575  N ND2 . ASN A 1 76  ? 19.105  7.148   1.627   1.00 31.63 ? 282 ASN A ND2 1 
ATOM   576  N N   . ALA A 1 77  ? 18.325  6.048   6.553   1.00 26.52 ? 283 ALA A N   1 
ATOM   577  C CA  . ALA A 1 77  ? 18.710  6.780   7.751   1.00 30.73 ? 283 ALA A CA  1 
ATOM   578  C C   . ALA A 1 77  ? 19.529  8.016   7.404   1.00 28.71 ? 283 ALA A C   1 
ATOM   579  O O   . ALA A 1 77  ? 19.437  9.036   8.083   1.00 23.15 ? 283 ALA A O   1 
ATOM   580  C CB  . ALA A 1 77  ? 19.486  5.876   8.696   1.00 38.62 ? 283 ALA A CB  1 
ATOM   581  N N   . SER A 1 78  ? 20.307  7.920   6.329   1.00 27.66 ? 284 SER A N   1 
ATOM   582  C CA  . SER A 1 78  ? 21.191  9.000   5.921   1.00 29.58 ? 284 SER A CA  1 
ATOM   583  C C   . SER A 1 78  ? 20.416  10.171  5.337   1.00 19.90 ? 284 SER A C   1 
ATOM   584  O O   . SER A 1 78  ? 20.929  11.281  5.268   1.00 24.12 ? 284 SER A O   1 
ATOM   585  C CB  . SER A 1 78  ? 22.217  8.496   4.903   1.00 32.31 ? 284 SER A CB  1 
ATOM   586  O OG  . SER A 1 78  ? 22.934  7.384   5.411   1.00 37.57 ? 284 SER A OG  1 
ATOM   587  N N   . SER A 1 79  ? 19.182  9.926   4.909   1.00 21.58 ? 285 SER A N   1 
ATOM   588  C CA  . SER A 1 79  ? 18.355  11.004  4.379   1.00 26.08 ? 285 SER A CA  1 
ATOM   589  C C   . SER A 1 79  ? 17.160  11.318  5.283   1.00 17.68 ? 285 SER A C   1 
ATOM   590  O O   . SER A 1 79  ? 16.535  12.362  5.138   1.00 20.39 ? 285 SER A O   1 
ATOM   591  C CB  . SER A 1 79  ? 17.871  10.666  2.958   1.00 22.45 ? 285 SER A CB  1 
ATOM   592  O OG  . SER A 1 79  ? 17.092  9.481   2.928   1.00 21.83 ? 285 SER A OG  1 
ATOM   593  N N   . SER A 1 80  ? 16.860  10.419  6.218   1.00 21.87 ? 286 SER A N   1 
ATOM   594  C CA  . SER A 1 80  ? 15.656  10.532  7.041   1.00 16.96 ? 286 SER A CA  1 
ATOM   595  C C   . SER A 1 80  ? 14.419  10.724  6.164   1.00 19.01 ? 286 SER A C   1 
ATOM   596  O O   . SER A 1 80  ? 13.628  11.644  6.373   1.00 19.40 ? 286 SER A O   1 
ATOM   597  C CB  . SER A 1 80  ? 15.764  11.682  8.048   1.00 20.71 ? 286 SER A CB  1 
ATOM   598  O OG  . SER A 1 80  ? 16.754  11.430  9.037   1.00 30.15 ? 286 SER A OG  1 
ATOM   599  N N   . LEU A 1 81  ? 14.281  9.862   5.162   1.00 12.32 ? 287 LEU A N   1 
ATOM   600  C CA  . LEU A 1 81  ? 13.085  9.804   4.331   1.00 12.88 ? 287 LEU A CA  1 
ATOM   601  C C   . LEU A 1 81  ? 12.518  8.406   4.422   1.00 12.38 ? 287 LEU A C   1 
ATOM   602  O O   . LEU A 1 81  ? 13.282  7.440   4.457   1.00 14.83 ? 287 LEU A O   1 
ATOM   603  C CB  . LEU A 1 81  ? 13.394  10.126  2.870   1.00 16.12 ? 287 LEU A CB  1 
ATOM   604  C CG  . LEU A 1 81  ? 13.876  11.525  2.509   1.00 19.38 ? 287 LEU A CG  1 
ATOM   605  C CD1 . LEU A 1 81  ? 14.354  11.549  1.072   1.00 17.50 ? 287 LEU A CD1 1 
ATOM   606  C CD2 . LEU A 1 81  ? 12.763  12.538  2.714   1.00 21.57 ? 287 LEU A CD2 1 
ATOM   607  N N   . PHE A 1 82  ? 11.192  8.293   4.465   1.00 11.32 ? 288 PHE A N   1 
ATOM   608  C CA  . PHE A 1 82  ? 10.551  6.988   4.337   1.00 10.61 ? 288 PHE A CA  1 
ATOM   609  C C   . PHE A 1 82  ? 9.736   6.949   3.054   1.00 9.90  ? 288 PHE A C   1 
ATOM   610  O O   . PHE A 1 82  ? 9.417   7.987   2.477   1.00 11.19 ? 288 PHE A O   1 
ATOM   611  C CB  . PHE A 1 82  ? 9.661   6.659   5.550   1.00 10.16 ? 288 PHE A CB  1 
ATOM   612  C CG  . PHE A 1 82  ? 8.438   7.533   5.682   1.00 9.73  ? 288 PHE A CG  1 
ATOM   613  C CD1 . PHE A 1 82  ? 7.258   7.226   5.011   1.00 11.15 ? 288 PHE A CD1 1 
ATOM   614  C CD2 . PHE A 1 82  ? 8.465   8.654   6.497   1.00 10.99 ? 288 PHE A CD2 1 
ATOM   615  C CE1 . PHE A 1 82  ? 6.139   8.036   5.141   1.00 12.59 ? 288 PHE A CE1 1 
ATOM   616  C CE2 . PHE A 1 82  ? 7.345   9.464   6.626   1.00 11.33 ? 288 PHE A CE2 1 
ATOM   617  C CZ  . PHE A 1 82  ? 6.188   9.152   5.955   1.00 10.30 ? 288 PHE A CZ  1 
ATOM   618  N N   . PHE A 1 83  ? 9.391   5.742   2.621   1.00 10.08 ? 289 PHE A N   1 
ATOM   619  C CA  . PHE A 1 83  ? 8.696   5.559   1.361   1.00 9.95  ? 289 PHE A CA  1 
ATOM   620  C C   . PHE A 1 83  ? 8.163   4.145   1.255   1.00 12.45 ? 289 PHE A C   1 
ATOM   621  O O   . PHE A 1 83  ? 8.655   3.230   1.918   1.00 10.34 ? 289 PHE A O   1 
ATOM   622  C CB  . PHE A 1 83  ? 9.629   5.863   0.164   1.00 11.59 ? 289 PHE A CB  1 
ATOM   623  C CG  . PHE A 1 83  ? 10.976  5.211   0.261   1.00 14.25 ? 289 PHE A CG  1 
ATOM   624  C CD1 . PHE A 1 83  ? 11.189  3.937   -0.242  1.00 19.02 ? 289 PHE A CD1 1 
ATOM   625  C CD2 . PHE A 1 83  ? 12.034  5.876   0.857   1.00 16.45 ? 289 PHE A CD2 1 
ATOM   626  C CE1 . PHE A 1 83  ? 12.431  3.337   -0.146  1.00 24.60 ? 289 PHE A CE1 1 
ATOM   627  C CE2 . PHE A 1 83  ? 13.279  5.280   0.954   1.00 22.58 ? 289 PHE A CE2 1 
ATOM   628  C CZ  . PHE A 1 83  ? 13.476  4.012   0.449   1.00 21.91 ? 289 PHE A CZ  1 
ATOM   629  N N   . LEU A 1 84  ? 7.135   3.986   0.431   1.00 10.85 ? 290 LEU A N   1 
ATOM   630  C CA  . LEU A 1 84  ? 6.683   2.668   0.008   1.00 10.57 ? 290 LEU A CA  1 
ATOM   631  C C   . LEU A 1 84  ? 7.754   2.093   -0.903  1.00 9.96  ? 290 LEU A C   1 
ATOM   632  O O   . LEU A 1 84  ? 8.063   2.690   -1.946  1.00 11.57 ? 290 LEU A O   1 
ATOM   633  C CB  . LEU A 1 84  ? 5.347   2.763   -0.719  1.00 10.65 ? 290 LEU A CB  1 
ATOM   634  C CG  . LEU A 1 84  ? 4.791   1.441   -1.255  1.00 10.69 ? 290 LEU A CG  1 
ATOM   635  C CD1 . LEU A 1 84  ? 4.284   0.573   -0.109  1.00 11.61 ? 290 LEU A CD1 1 
ATOM   636  C CD2 . LEU A 1 84  ? 3.694   1.694   -2.266  1.00 11.31 ? 290 LEU A CD2 1 
ATOM   637  N N   . GLN A 1 85  ? 8.345   0.967   -0.506  1.00 9.19  ? 291 GLN A N   1 
ATOM   638  C CA  . GLN A 1 85  ? 9.411   0.373   -1.301  1.00 11.19 ? 291 GLN A CA  1 
ATOM   639  C C   . GLN A 1 85  ? 8.994   -0.949  -1.939  1.00 10.23 ? 291 GLN A C   1 
ATOM   640  O O   . GLN A 1 85  ? 9.650   -1.428  -2.859  1.00 10.81 ? 291 GLN A O   1 
ATOM   641  C CB  . GLN A 1 85  ? 10.676  0.183   -0.447  1.00 14.01 ? 291 GLN A CB  1 
ATOM   642  C CG  . GLN A 1 85  ? 10.578  -0.831  0.657   1.00 19.33 ? 291 GLN A CG  1 
ATOM   643  C CD  . GLN A 1 85  ? 11.878  -0.963  1.424   1.00 20.57 ? 291 GLN A CD  1 
ATOM   644  O OE1 . GLN A 1 85  ? 12.911  -0.401  1.035   1.00 20.00 ? 291 GLN A OE1 1 
ATOM   645  N NE2 . GLN A 1 85  ? 11.833  -1.696  2.533   1.00 23.49 ? 291 GLN A NE2 1 
ATOM   646  N N   . GLY A 1 86  ? 7.901   -1.539  -1.472  1.00 9.99  ? 292 GLY A N   1 
ATOM   647  C CA  . GLY A 1 86  ? 7.519   -2.829  -1.998  1.00 11.49 ? 292 GLY A CA  1 
ATOM   648  C C   . GLY A 1 86  ? 6.044   -3.143  -1.915  1.00 11.29 ? 292 GLY A C   1 
ATOM   649  O O   . GLY A 1 86  ? 5.345   -2.656  -1.033  1.00 10.15 ? 292 GLY A O   1 
ATOM   650  N N   . VAL A 1 87  ? 5.583   -3.964  -2.851  1.00 9.54  ? 293 VAL A N   1 
ATOM   651  C CA  . VAL A 1 87  ? 4.231   -4.496  -2.844  1.00 9.77  ? 293 VAL A CA  1 
ATOM   652  C C   . VAL A 1 87  ? 4.282   -5.999  -3.108  1.00 14.84 ? 293 VAL A C   1 
ATOM   653  O O   . VAL A 1 87  ? 5.002   -6.450  -4.002  1.00 11.03 ? 293 VAL A O   1 
ATOM   654  C CB  . VAL A 1 87  ? 3.348   -3.812  -3.914  1.00 10.79 ? 293 VAL A CB  1 
ATOM   655  C CG1 . VAL A 1 87  ? 2.085   -4.636  -4.212  1.00 13.94 ? 293 VAL A CG1 1 
ATOM   656  C CG2 . VAL A 1 87  ? 2.996   -2.399  -3.480  1.00 11.14 ? 293 VAL A CG2 1 
ATOM   657  N N   . ARG A 1 88  ? 3.539   -6.762  -2.311  1.00 12.06 ? 294 ARG A N   1 
ATOM   658  C CA  . ARG A 1 88  ? 3.351   -8.192  -2.540  1.00 12.15 ? 294 ARG A CA  1 
ATOM   659  C C   . ARG A 1 88  ? 1.865   -8.475  -2.611  1.00 14.01 ? 294 ARG A C   1 
ATOM   660  O O   . ARG A 1 88  ? 1.113   -8.043  -1.741  1.00 13.72 ? 294 ARG A O   1 
ATOM   661  C CB  . ARG A 1 88  ? 3.965   -9.042  -1.419  1.00 18.32 ? 294 ARG A CB  1 
ATOM   662  C CG  . ARG A 1 88  ? 5.448   -8.873  -1.197  1.00 23.44 ? 294 ARG A CG  1 
ATOM   663  C CD  . ARG A 1 88  ? 6.024   -10.077 -0.451  1.00 23.32 ? 294 ARG A CD  1 
ATOM   664  N NE  . ARG A 1 88  ? 5.691   -10.095 0.973   1.00 21.74 ? 294 ARG A NE  1 
ATOM   665  C CZ  . ARG A 1 88  ? 5.875   -11.149 1.762   1.00 26.96 ? 294 ARG A CZ  1 
ATOM   666  N NH1 . ARG A 1 88  ? 6.366   -12.275 1.261   1.00 25.85 ? 294 ARG A NH1 1 
ATOM   667  N NH2 . ARG A 1 88  ? 5.559   -11.084 3.049   1.00 23.76 ? 294 ARG A NH2 1 
ATOM   668  N N   . LEU A 1 89  ? 1.444   -9.214  -3.629  1.00 12.44 ? 295 LEU A N   1 
ATOM   669  C CA  . LEU A 1 89  ? 0.047   -9.593  -3.756  1.00 12.63 ? 295 LEU A CA  1 
ATOM   670  C C   . LEU A 1 89  ? -0.101  -11.089 -3.987  1.00 13.98 ? 295 LEU A C   1 
ATOM   671  O O   . LEU A 1 89  ? 0.489   -11.639 -4.915  1.00 14.90 ? 295 LEU A O   1 
ATOM   672  C CB  . LEU A 1 89  ? -0.608  -8.820  -4.904  1.00 12.72 ? 295 LEU A CB  1 
ATOM   673  C CG  . LEU A 1 89  ? -2.055  -9.199  -5.229  1.00 14.34 ? 295 LEU A CG  1 
ATOM   674  C CD1 . LEU A 1 89  ? -3.003  -8.746  -4.127  1.00 14.61 ? 295 LEU A CD1 1 
ATOM   675  C CD2 . LEU A 1 89  ? -2.466  -8.616  -6.569  1.00 15.54 ? 295 LEU A CD2 1 
ATOM   676  N N   . ASN A 1 90  ? -0.878  -11.747 -3.130  1.00 11.77 ? 296 ASN A N   1 
ATOM   677  C CA  . ASN A 1 90  ? -1.340  -13.106 -3.390  1.00 14.09 ? 296 ASN A CA  1 
ATOM   678  C C   . ASN A 1 90  ? -2.807  -13.030 -3.762  1.00 13.44 ? 296 ASN A C   1 
ATOM   679  O O   . ASN A 1 90  ? -3.579  -12.355 -3.081  1.00 14.95 ? 296 ASN A O   1 
ATOM   680  C CB  . ASN A 1 90  ? -1.182  -14.013 -2.167  1.00 14.52 ? 296 ASN A CB  1 
ATOM   681  C CG  . ASN A 1 90  ? 0.257   -14.365 -1.862  1.00 11.69 ? 296 ASN A CG  1 
ATOM   682  O OD1 . ASN A 1 90  ? 1.165   -14.126 -2.660  1.00 19.00 ? 296 ASN A OD1 1 
ATOM   683  N ND2 . ASN A 1 90  ? 0.466   -14.950 -0.686  1.00 16.49 ? 296 ASN A ND2 1 
ATOM   684  N N   . MET A 1 91  ? -3.215  -13.717 -4.818  1.00 13.24 ? 297 MET A N   1 
ATOM   685  C CA  . MET A 1 91  ? -4.615  -13.636 -5.193  1.00 13.26 ? 297 MET A CA  1 
ATOM   686  C C   . MET A 1 91  ? -5.132  -14.916 -5.818  1.00 14.38 ? 297 MET A C   1 
ATOM   687  O O   . MET A 1 91  ? -4.399  -15.633 -6.490  1.00 15.02 ? 297 MET A O   1 
ATOM   688  C CB  . MET A 1 91  ? -4.815  -12.465 -6.152  1.00 20.99 ? 297 MET A CB  1 
ATOM   689  C CG  . MET A 1 91  ? -6.253  -12.039 -6.317  1.00 21.92 ? 297 MET A CG  1 
ATOM   690  S SD  . MET A 1 91  ? -6.342  -10.418 -7.092  1.00 29.28 ? 297 MET A SD  1 
ATOM   691  C CE  . MET A 1 91  ? -7.968  -9.899  -6.559  1.00 27.67 ? 297 MET A CE  1 
ATOM   692  N N   . THR A 1 92  ? -6.411  -15.199 -5.590  1.00 15.84 ? 298 THR A N   1 
ATOM   693  C CA  . THR A 1 92  ? -7.087  -16.259 -6.318  1.00 17.66 ? 298 THR A CA  1 
ATOM   694  C C   . THR A 1 92  ? -8.221  -15.655 -7.149  1.00 20.50 ? 298 THR A C   1 
ATOM   695  O O   . THR A 1 92  ? -9.124  -15.012 -6.612  1.00 19.98 ? 298 THR A O   1 
ATOM   696  C CB  . THR A 1 92  ? -7.638  -17.338 -5.375  1.00 18.46 ? 298 THR A CB  1 
ATOM   697  O OG1 . THR A 1 92  ? -6.548  -18.024 -4.749  1.00 24.10 ? 298 THR A OG1 1 
ATOM   698  C CG2 . THR A 1 92  ? -8.469  -18.346 -6.154  1.00 22.87 ? 298 THR A CG2 1 
ATOM   699  N N   . LEU A 1 93  ? -8.140  -15.838 -8.461  1.00 19.25 ? 299 LEU A N   1 
ATOM   700  C CA  . LEU A 1 93  ? -9.175  -15.385 -9.382  1.00 19.25 ? 299 LEU A CA  1 
ATOM   701  C C   . LEU A 1 93  ? -9.811  -16.600 -10.042 1.00 19.13 ? 299 LEU A C   1 
ATOM   702  O O   . LEU A 1 93  ? -9.207  -17.203 -10.930 1.00 21.99 ? 299 LEU A O   1 
ATOM   703  C CB  . LEU A 1 93  ? -8.602  -14.448 -10.444 1.00 21.92 ? 299 LEU A CB  1 
ATOM   704  C CG  . LEU A 1 93  ? -8.036  -13.094 -10.006 1.00 21.44 ? 299 LEU A CG  1 
ATOM   705  C CD1 . LEU A 1 93  ? -7.261  -12.456 -11.148 1.00 20.61 ? 299 LEU A CD1 1 
ATOM   706  C CD2 . LEU A 1 93  ? -9.148  -12.177 -9.548  1.00 23.95 ? 299 LEU A CD2 1 
ATOM   707  N N   . PRO A 1 94  ? -11.029 -16.961 -9.611  1.00 25.25 ? 300 PRO A N   1 
ATOM   708  C CA  . PRO A 1 94  ? -11.696 -18.183 -10.069 1.00 23.84 ? 300 PRO A CA  1 
ATOM   709  C C   . PRO A 1 94  ? -11.816 -18.299 -11.591 1.00 23.48 ? 300 PRO A C   1 
ATOM   710  O O   . PRO A 1 94  ? -11.731 -19.415 -12.097 1.00 24.78 ? 300 PRO A O   1 
ATOM   711  C CB  . PRO A 1 94  ? -13.080 -18.083 -9.420  1.00 22.74 ? 300 PRO A CB  1 
ATOM   712  C CG  . PRO A 1 94  ? -12.862 -17.257 -8.209  1.00 31.84 ? 300 PRO A CG  1 
ATOM   713  C CD  . PRO A 1 94  ? -11.842 -16.234 -8.622  1.00 20.42 ? 300 PRO A CD  1 
ATOM   714  N N   . ASP A 1 95  ? -11.979 -17.187 -12.304 1.00 22.84 ? 301 ASP A N   1 
ATOM   715  C CA  . ASP A 1 95  ? -12.182 -17.250 -13.750 1.00 22.54 ? 301 ASP A CA  1 
ATOM   716  C C   . ASP A 1 95  ? -10.890 -17.068 -14.546 1.00 21.46 ? 301 ASP A C   1 
ATOM   717  O O   . ASP A 1 95  ? -10.925 -16.949 -15.771 1.00 25.98 ? 301 ASP A O   1 
ATOM   718  C CB  . ASP A 1 95  ? -13.220 -16.210 -14.193 1.00 23.93 ? 301 ASP A CB  1 
ATOM   719  C CG  . ASP A 1 95  ? -12.712 -14.778 -14.101 1.00 29.65 ? 301 ASP A CG  1 
ATOM   720  O OD1 . ASP A 1 95  ? -11.735 -14.519 -13.362 1.00 24.54 ? 301 ASP A OD1 1 
ATOM   721  O OD2 . ASP A 1 95  ? -13.315 -13.904 -14.764 1.00 24.93 ? 301 ASP A OD2 1 
ATOM   722  N N   . ALA A 1 96  ? -9.752  -17.051 -13.857 1.00 21.20 ? 302 ALA A N   1 
ATOM   723  C CA  . ALA A 1 96  ? -8.468  -16.884 -14.534 1.00 20.61 ? 302 ALA A CA  1 
ATOM   724  C C   . ALA A 1 96  ? -7.908  -18.206 -15.050 1.00 26.45 ? 302 ALA A C   1 
ATOM   725  O O   . ALA A 1 96  ? -8.186  -19.269 -14.496 1.00 28.88 ? 302 ALA A O   1 
ATOM   726  C CB  . ALA A 1 96  ? -7.458  -16.226 -13.600 1.00 21.81 ? 302 ALA A CB  1 
ATOM   727  N N   . LEU A 1 97  ? -7.110  -18.126 -16.110 1.00 24.61 ? 303 LEU A N   1 
ATOM   728  C CA  . LEU A 1 97  ? -6.385  -19.285 -16.623 1.00 25.45 ? 303 LEU A CA  1 
ATOM   729  C C   . LEU A 1 97  ? -5.477  -19.861 -15.543 1.00 30.55 ? 303 LEU A C   1 
ATOM   730  O O   . LEU A 1 97  ? -5.413  -21.074 -15.347 1.00 29.55 ? 303 LEU A O   1 
ATOM   731  C CB  . LEU A 1 97  ? -5.561  -18.905 -17.853 1.00 25.49 ? 303 LEU A CB  1 
ATOM   732  C CG  . LEU A 1 97  ? -4.928  -20.077 -18.603 1.00 37.61 ? 303 LEU A CG  1 
ATOM   733  C CD1 . LEU A 1 97  ? -6.010  -20.960 -19.208 1.00 31.97 ? 303 LEU A CD1 1 
ATOM   734  C CD2 . LEU A 1 97  ? -3.970  -19.580 -19.673 1.00 39.38 ? 303 LEU A CD2 1 
ATOM   735  N N   . VAL A 1 98  ? -4.768  -18.975 -14.853 1.00 25.37 ? 304 VAL A N   1 
ATOM   736  C CA  . VAL A 1 98  ? -3.992  -19.348 -13.683 1.00 22.92 ? 304 VAL A CA  1 
ATOM   737  C C   . VAL A 1 98  ? -4.661  -18.724 -12.464 1.00 26.45 ? 304 VAL A C   1 
ATOM   738  O O   . VAL A 1 98  ? -4.409  -17.564 -12.140 1.00 23.97 ? 304 VAL A O   1 
ATOM   739  C CB  . VAL A 1 98  ? -2.526  -18.887 -13.783 1.00 26.52 ? 304 VAL A CB  1 
ATOM   740  C CG1 . VAL A 1 98  ? -1.734  -19.370 -12.579 1.00 31.84 ? 304 VAL A CG1 1 
ATOM   741  C CG2 . VAL A 1 98  ? -1.900  -19.390 -15.078 1.00 35.93 ? 304 VAL A CG2 1 
ATOM   742  N N   . PRO A 1 99  ? -5.533  -19.492 -11.797 1.00 23.80 ? 305 PRO A N   1 
ATOM   743  C CA  . PRO A 1 99  ? -6.390  -18.984 -10.719 1.00 21.38 ? 305 PRO A CA  1 
ATOM   744  C C   . PRO A 1 99  ? -5.618  -18.377 -9.550  1.00 19.43 ? 305 PRO A C   1 
ATOM   745  O O   . PRO A 1 99  ? -5.957  -17.283 -9.092  1.00 18.36 ? 305 PRO A O   1 
ATOM   746  C CB  . PRO A 1 99  ? -7.153  -20.231 -10.260 1.00 24.79 ? 305 PRO A CB  1 
ATOM   747  C CG  . PRO A 1 99  ? -7.093  -21.165 -11.421 1.00 32.64 ? 305 PRO A CG  1 
ATOM   748  C CD  . PRO A 1 99  ? -5.768  -20.923 -12.061 1.00 28.78 ? 305 PRO A CD  1 
ATOM   749  N N   . THR A 1 100 ? -4.602  -19.088 -9.077  1.00 18.98 ? 306 THR A N   1 
ATOM   750  C CA  . THR A 1 100 ? -3.858  -18.674 -7.895  1.00 16.85 ? 306 THR A CA  1 
ATOM   751  C C   . THR A 1 100 ? -2.447  -18.256 -8.285  1.00 17.09 ? 306 THR A C   1 
ATOM   752  O O   . THR A 1 100 ? -1.701  -19.022 -8.903  1.00 19.67 ? 306 THR A O   1 
ATOM   753  C CB  . THR A 1 100 ? -3.816  -19.795 -6.848  1.00 18.35 ? 306 THR A CB  1 
ATOM   754  O OG1 . THR A 1 100 ? -5.153  -20.027 -6.369  1.00 20.87 ? 306 THR A OG1 1 
ATOM   755  C CG2 . THR A 1 100 ? -2.932  -19.405 -5.682  1.00 20.35 ? 306 THR A CG2 1 
ATOM   756  N N   . PHE A 1 101 ? -2.094  -17.024 -7.933  1.00 13.56 ? 307 PHE A N   1 
ATOM   757  C CA  . PHE A 1 101 ? -0.834  -16.441 -8.369  1.00 14.26 ? 307 PHE A CA  1 
ATOM   758  C C   . PHE A 1 101 ? -0.329  -15.403 -7.380  1.00 13.81 ? 307 PHE A C   1 
ATOM   759  O O   . PHE A 1 101 ? -1.039  -15.010 -6.452  1.00 14.22 ? 307 PHE A O   1 
ATOM   760  C CB  . PHE A 1 101 ? -1.002  -15.793 -9.745  1.00 16.66 ? 307 PHE A CB  1 
ATOM   761  C CG  . PHE A 1 101 ? -2.025  -14.705 -9.760  1.00 15.13 ? 307 PHE A CG  1 
ATOM   762  C CD1 . PHE A 1 101 ? -3.349  -14.997 -10.020 1.00 16.41 ? 307 PHE A CD1 1 
ATOM   763  C CD2 . PHE A 1 101 ? -1.671  -13.394 -9.482  1.00 17.39 ? 307 PHE A CD2 1 
ATOM   764  C CE1 . PHE A 1 101 ? -4.304  -14.007 -10.022 1.00 21.88 ? 307 PHE A CE1 1 
ATOM   765  C CE2 . PHE A 1 101 ? -2.622  -12.397 -9.483  1.00 22.06 ? 307 PHE A CE2 1 
ATOM   766  C CZ  . PHE A 1 101 ? -3.942  -12.704 -9.752  1.00 22.28 ? 307 PHE A CZ  1 
ATOM   767  N N   . SER A 1 102 ? 0.905   -14.960 -7.597  1.00 14.50 ? 308 SER A N   1 
ATOM   768  C CA  . SER A 1 102 ? 1.492   -13.864 -6.834  1.00 12.70 ? 308 SER A CA  1 
ATOM   769  C C   . SER A 1 102 ? 2.130   -12.866 -7.783  1.00 13.97 ? 308 SER A C   1 
ATOM   770  O O   . SER A 1 102 ? 2.631   -13.244 -8.836  1.00 15.03 ? 308 SER A O   1 
ATOM   771  C CB  . SER A 1 102 ? 2.532   -14.376 -5.835  1.00 17.20 ? 308 SER A CB  1 
ATOM   772  O OG  . SER A 1 102 ? 1.926   -15.118 -4.794  1.00 30.89 ? 308 SER A OG  1 
ATOM   773  N N   . ILE A 1 103 ? 2.088   -11.592 -7.407  1.00 12.49 ? 309 ILE A N   1 
ATOM   774  C CA  . ILE A 1 103 ? 2.794   -10.530 -8.120  1.00 12.38 ? 309 ILE A CA  1 
ATOM   775  C C   . ILE A 1 103 ? 3.506   -9.687  -7.080  1.00 11.79 ? 309 ILE A C   1 
ATOM   776  O O   . ILE A 1 103 ? 2.923   -9.353  -6.051  1.00 12.94 ? 309 ILE A O   1 
ATOM   777  C CB  . ILE A 1 103 ? 1.846   -9.634  -8.941  1.00 12.89 ? 309 ILE A CB  1 
ATOM   778  C CG1 . ILE A 1 103 ? 1.086   -10.462 -9.981  1.00 15.43 ? 309 ILE A CG1 1 
ATOM   779  C CG2 . ILE A 1 103 ? 2.649   -8.512  -9.616  1.00 14.04 ? 309 ILE A CG2 1 
ATOM   780  C CD1 . ILE A 1 103 ? -0.104  -9.725  -10.596 1.00 17.49 ? 309 ILE A CD1 1 
ATOM   781  N N   . SER A 1 104 ? 4.772   -9.367  -7.318  1.00 10.53 ? 310 SER A N   1 
ATOM   782  C CA  . SER A 1 104 ? 5.497   -8.519  -6.394  1.00 10.41 ? 310 SER A CA  1 
ATOM   783  C C   . SER A 1 104 ? 6.367   -7.502  -7.106  1.00 8.15  ? 310 SER A C   1 
ATOM   784  O O   . SER A 1 104 ? 6.649   -7.620  -8.304  1.00 10.35 ? 310 SER A O   1 
ATOM   785  C CB  . SER A 1 104 ? 6.370   -9.357  -5.464  1.00 11.99 ? 310 SER A CB  1 
ATOM   786  O OG  . SER A 1 104 ? 7.348   -10.064 -6.200  1.00 16.73 ? 310 SER A OG  1 
ATOM   787  N N   . ASN A 1 105 ? 6.778   -6.482  -6.363  1.00 8.29  ? 311 ASN A N   1 
ATOM   788  C CA  . ASN A 1 105 ? 7.834   -5.582  -6.819  1.00 8.01  ? 311 ASN A CA  1 
ATOM   789  C C   . ASN A 1 105 ? 8.408   -4.904  -5.600  1.00 8.59  ? 311 ASN A C   1 
ATOM   790  O O   . ASN A 1 105 ? 7.689   -4.184  -4.904  1.00 9.87  ? 311 ASN A O   1 
ATOM   791  C CB  . ASN A 1 105 ? 7.301   -4.549  -7.823  1.00 8.97  ? 311 ASN A CB  1 
ATOM   792  C CG  . ASN A 1 105 ? 8.415   -3.756  -8.495  1.00 7.86  ? 311 ASN A CG  1 
ATOM   793  O OD1 . ASN A 1 105 ? 9.492   -3.571  -7.934  1.00 9.39  ? 311 ASN A OD1 1 
ATOM   794  N ND2 . ASN A 1 105 ? 8.164   -3.293  -9.720  1.00 8.44  ? 311 ASN A ND2 1 
ATOM   795  N N   . HIS A 1 106 ? 9.681   -5.159  -5.320  1.00 10.43 ? 312 HIS A N   1 
ATOM   796  C CA  . HIS A 1 106 ? 10.325  -4.595  -4.135  1.00 11.03 ? 312 HIS A CA  1 
ATOM   797  C C   . HIS A 1 106 ? 11.335  -3.529  -4.513  1.00 10.10 ? 312 HIS A C   1 
ATOM   798  O O   . HIS A 1 106 ? 12.285  -3.268  -3.775  1.00 11.22 ? 312 HIS A O   1 
ATOM   799  C CB  . HIS A 1 106 ? 10.991  -5.702  -3.316  1.00 10.27 ? 312 HIS A CB  1 
ATOM   800  C CG  . HIS A 1 106 ? 10.027  -6.724  -2.808  1.00 15.26 ? 312 HIS A CG  1 
ATOM   801  N ND1 . HIS A 1 106 ? 9.262   -6.525  -1.678  1.00 22.80 ? 312 HIS A ND1 1 
ATOM   802  C CD2 . HIS A 1 106 ? 9.677   -7.940  -3.289  1.00 19.50 ? 312 HIS A CD2 1 
ATOM   803  C CE1 . HIS A 1 106 ? 8.493   -7.580  -1.479  1.00 25.49 ? 312 HIS A CE1 1 
ATOM   804  N NE2 . HIS A 1 106 ? 8.726   -8.455  -2.442  1.00 20.04 ? 312 HIS A NE2 1 
ATOM   805  N N   . SER A 1 107 ? 11.098  -2.899  -5.660  1.00 8.72  ? 313 SER A N   1 
ATOM   806  C CA  . SER A 1 107 ? 11.939  -1.809  -6.132  1.00 9.90  ? 313 SER A CA  1 
ATOM   807  C C   . SER A 1 107 ? 11.106  -0.552  -6.391  1.00 11.12 ? 313 SER A C   1 
ATOM   808  O O   . SER A 1 107 ? 11.259  0.125   -7.412  1.00 13.52 ? 313 SER A O   1 
ATOM   809  C CB  . SER A 1 107 ? 12.692  -2.231  -7.396  1.00 11.56 ? 313 SER A CB  1 
ATOM   810  O OG  . SER A 1 107 ? 13.791  -1.367  -7.650  1.00 14.18 ? 313 SER A OG  1 
ATOM   811  N N   . LEU A 1 108 ? 10.214  -0.246  -5.460  1.00 10.15 ? 314 LEU A N   1 
ATOM   812  C CA  . LEU A 1 108 ? 9.347   0.918   -5.578  1.00 9.66  ? 314 LEU A CA  1 
ATOM   813  C C   . LEU A 1 108 ? 9.901   2.089   -4.789  1.00 10.22 ? 314 LEU A C   1 
ATOM   814  O O   . LEU A 1 108 ? 10.710  1.916   -3.880  1.00 10.28 ? 314 LEU A O   1 
ATOM   815  C CB  . LEU A 1 108 ? 7.943   0.606   -5.074  1.00 9.73  ? 314 LEU A CB  1 
ATOM   816  C CG  . LEU A 1 108 ? 7.281   -0.639  -5.649  1.00 8.97  ? 314 LEU A CG  1 
ATOM   817  C CD1 . LEU A 1 108 ? 5.908   -0.828  -5.031  1.00 9.94  ? 314 LEU A CD1 1 
ATOM   818  C CD2 . LEU A 1 108 ? 7.148   -0.536  -7.161  1.00 11.44 ? 314 LEU A CD2 1 
ATOM   819  N N   . LYS A 1 109 ? 9.448   3.287   -5.140  1.00 12.18 ? 315 LYS A N   1 
ATOM   820  C CA  . LYS A 1 109 ? 9.686   4.452   -4.303  1.00 13.05 ? 315 LYS A CA  1 
ATOM   821  C C   . LYS A 1 109 ? 8.540   5.422   -4.495  1.00 15.70 ? 315 LYS A C   1 
ATOM   822  O O   . LYS A 1 109 ? 8.536   6.238   -5.425  1.00 19.70 ? 315 LYS A O   1 
ATOM   823  C CB  . LYS A 1 109 ? 11.028  5.120   -4.615  1.00 13.93 ? 315 LYS A CB  1 
ATOM   824  C CG  . LYS A 1 109 ? 11.318  6.304   -3.690  1.00 18.41 ? 315 LYS A CG  1 
ATOM   825  C CD  . LYS A 1 109 ? 12.778  6.729   -3.724  1.00 24.45 ? 315 LYS A CD  1 
ATOM   826  C CE  . LYS A 1 109 ? 13.645  5.796   -2.896  1.00 25.67 ? 315 LYS A CE  1 
ATOM   827  N NZ  . LYS A 1 109 ? 15.058  6.270   -2.826  1.00 27.53 ? 315 LYS A NZ  1 
ATOM   828  N N   . ALA A 1 110 ? 7.540   5.296   -3.631  1.00 11.53 ? 316 ALA A N   1 
ATOM   829  C CA  . ALA A 1 110 ? 6.375   6.158   -3.681  1.00 11.87 ? 316 ALA A CA  1 
ATOM   830  C C   . ALA A 1 110 ? 5.996   6.560   -2.267  1.00 11.37 ? 316 ALA A C   1 
ATOM   831  O O   . ALA A 1 110 ? 6.576   6.059   -1.301  1.00 12.72 ? 316 ALA A O   1 
ATOM   832  C CB  . ALA A 1 110 ? 5.208   5.451   -4.381  1.00 13.42 ? 316 ALA A CB  1 
ATOM   833  N N   . LEU A 1 111 ? 5.036   7.474   -2.160  1.00 13.22 ? 317 LEU A N   1 
ATOM   834  C CA  . LEU A 1 111 ? 4.532   7.940   -0.869  1.00 11.62 ? 317 LEU A CA  1 
ATOM   835  C C   . LEU A 1 111 ? 5.688   8.412   0.021   1.00 14.27 ? 317 LEU A C   1 
ATOM   836  O O   . LEU A 1 111 ? 5.706   8.175   1.227   1.00 13.43 ? 317 LEU A O   1 
ATOM   837  C CB  . LEU A 1 111 ? 3.727   6.829   -0.176  1.00 11.05 ? 317 LEU A CB  1 
ATOM   838  C CG  . LEU A 1 111 ? 2.748   6.011   -1.026  1.00 13.98 ? 317 LEU A CG  1 
ATOM   839  C CD1 . LEU A 1 111 ? 1.962   5.027   -0.148  1.00 13.27 ? 317 LEU A CD1 1 
ATOM   840  C CD2 . LEU A 1 111 ? 1.798   6.914   -1.812  1.00 15.07 ? 317 LEU A CD2 1 
ATOM   841  N N   . GLN A 1 112 ? 6.654   9.089   -0.588  1.00 13.85 ? 318 GLN A N   1 
ATOM   842  C CA  . GLN A 1 112 ? 7.867   9.470   0.116   1.00 13.21 ? 318 GLN A CA  1 
ATOM   843  C C   . GLN A 1 112 ? 7.696   10.753  0.918   1.00 11.91 ? 318 GLN A C   1 
ATOM   844  O O   . GLN A 1 112 ? 7.178   11.752  0.415   1.00 14.01 ? 318 GLN A O   1 
ATOM   845  C CB  . GLN A 1 112 ? 9.019   9.629   -0.872  1.00 13.57 ? 318 GLN A CB  1 
ATOM   846  C CG  . GLN A 1 112 ? 10.353  9.970   -0.209  1.00 15.60 ? 318 GLN A CG  1 
ATOM   847  C CD  . GLN A 1 112 ? 11.525  9.900   -1.169  1.00 23.70 ? 318 GLN A CD  1 
ATOM   848  O OE1 . GLN A 1 112 ? 12.271  8.920   -1.184  1.00 24.80 ? 318 GLN A OE1 1 
ATOM   849  N NE2 . GLN A 1 112 ? 11.700  10.945  -1.969  1.00 28.78 ? 318 GLN A NE2 1 
ATOM   850  N N   . ALA A 1 113 ? 8.155   10.723  2.164   1.00 11.20 ? 319 ALA A N   1 
ATOM   851  C CA  . ALA A 1 113 ? 8.128   11.904  3.007   1.00 11.29 ? 319 ALA A CA  1 
ATOM   852  C C   . ALA A 1 113 ? 9.242   11.862  4.039   1.00 11.48 ? 319 ALA A C   1 
ATOM   853  O O   . ALA A 1 113 ? 9.826   10.812  4.315   1.00 11.65 ? 319 ALA A O   1 
ATOM   854  C CB  . ALA A 1 113 ? 6.773   12.041  3.703   1.00 10.68 ? 319 ALA A CB  1 
ATOM   855  N N   . THR A 1 114 ? 9.525   13.029  4.599   1.00 10.95 ? 320 THR A N   1 
ATOM   856  C CA  . THR A 1 114 ? 10.473  13.174  5.683   1.00 10.19 ? 320 THR A CA  1 
ATOM   857  C C   . THR A 1 114 ? 10.059  12.380  6.916   1.00 11.31 ? 320 THR A C   1 
ATOM   858  O O   . THR A 1 114 ? 8.913   12.443  7.353   1.00 11.09 ? 320 THR A O   1 
ATOM   859  C CB  . THR A 1 114 ? 10.607  14.644  6.065   1.00 13.14 ? 320 THR A CB  1 
ATOM   860  O OG1 . THR A 1 114 ? 10.912  15.415  4.890   1.00 13.67 ? 320 THR A OG1 1 
ATOM   861  C CG2 . THR A 1 114 ? 11.678  14.838  7.127   1.00 16.43 ? 320 THR A CG2 1 
ATOM   862  N N   . VAL A 1 115 ? 11.002  11.641  7.490   1.00 13.75 ? 321 VAL A N   1 
ATOM   863  C CA  . VAL A 1 115 ? 10.752  10.918  8.729   1.00 12.89 ? 321 VAL A CA  1 
ATOM   864  C C   . VAL A 1 115 ? 10.296  11.890  9.820   1.00 12.62 ? 321 VAL A C   1 
ATOM   865  O O   . VAL A 1 115 ? 10.949  12.914  10.065  1.00 13.29 ? 321 VAL A O   1 
ATOM   866  C CB  . VAL A 1 115 ? 12.016  10.150  9.174   1.00 15.91 ? 321 VAL A CB  1 
ATOM   867  C CG1 . VAL A 1 115 ? 11.844  9.606   10.563  1.00 15.04 ? 321 VAL A CG1 1 
ATOM   868  C CG2 . VAL A 1 115 ? 12.312  9.032   8.185   1.00 14.87 ? 321 VAL A CG2 1 
ATOM   869  N N   . GLY A 1 116 ? 9.162   11.587  10.448  1.00 10.78 ? 322 GLY A N   1 
ATOM   870  C CA  . GLY A 1 116 ? 8.581   12.476  11.437  1.00 11.26 ? 322 GLY A CA  1 
ATOM   871  C C   . GLY A 1 116 ? 7.475   13.369  10.900  1.00 11.84 ? 322 GLY A C   1 
ATOM   872  O O   . GLY A 1 116 ? 6.737   13.995  11.668  1.00 11.83 ? 322 GLY A O   1 
ATOM   873  N N   . ASN A 1 117 ? 7.383   13.446  9.578   1.00 10.67 ? 323 ASN A N   1 
ATOM   874  C CA  . ASN A 1 117 ? 6.274   14.106  8.904   1.00 9.46  ? 323 ASN A CA  1 
ATOM   875  C C   . ASN A 1 117 ? 5.378   13.043  8.301   1.00 8.66  ? 323 ASN A C   1 
ATOM   876  O O   . ASN A 1 117 ? 5.749   11.873  8.254   1.00 10.53 ? 323 ASN A O   1 
ATOM   877  C CB  . ASN A 1 117 ? 6.773   15.052  7.809   1.00 10.76 ? 323 ASN A CB  1 
ATOM   878  C CG  . ASN A 1 117 ? 7.335   16.343  8.357   1.00 12.39 ? 323 ASN A CG  1 
ATOM   879  O OD1 . ASN A 1 117 ? 7.198   16.646  9.536   1.00 13.12 ? 323 ASN A OD1 1 
ATOM   880  N ND2 . ASN A 1 117 ? 7.964   17.127  7.485   1.00 10.68 ? 323 ASN A ND2 1 
ATOM   881  N N   . SER A 1 118 ? 4.202   13.443  7.837   1.00 8.95  ? 324 SER A N   1 
ATOM   882  C CA  . SER A 1 118 ? 3.337   12.517  7.108   1.00 9.08  ? 324 SER A CA  1 
ATOM   883  C C   . SER A 1 118 ? 3.230   12.892  5.633   1.00 11.36 ? 324 SER A C   1 
ATOM   884  O O   . SER A 1 118 ? 3.363   14.063  5.261   1.00 12.74 ? 324 SER A O   1 
ATOM   885  C CB  . SER A 1 118 ? 1.940   12.461  7.749   1.00 11.71 ? 324 SER A CB  1 
ATOM   886  O OG  . SER A 1 118 ? 1.300   13.732  7.777   1.00 11.38 ? 324 SER A OG  1 
ATOM   887  N N   . TYR A 1 119 ? 3.037   11.876  4.798   1.00 9.86  ? 325 TYR A N   1 
ATOM   888  C CA  . TYR A 1 119 ? 2.771   12.067  3.378   1.00 11.73 ? 325 TYR A CA  1 
ATOM   889  C C   . TYR A 1 119 ? 1.274   12.180  3.190   1.00 10.34 ? 325 TYR A C   1 
ATOM   890  O O   . TYR A 1 119 ? 0.534   11.378  3.747   1.00 11.17 ? 325 TYR A O   1 
ATOM   891  C CB  . TYR A 1 119 ? 3.314   10.898  2.544   1.00 11.30 ? 325 TYR A CB  1 
ATOM   892  C CG  . TYR A 1 119 ? 2.972   10.990  1.070   1.00 10.90 ? 325 TYR A CG  1 
ATOM   893  C CD1 . TYR A 1 119 ? 3.768   11.722  0.204   1.00 12.57 ? 325 TYR A CD1 1 
ATOM   894  C CD2 . TYR A 1 119 ? 1.853   10.349  0.548   1.00 11.64 ? 325 TYR A CD2 1 
ATOM   895  C CE1 . TYR A 1 119 ? 3.460   11.822  -1.143  1.00 15.57 ? 325 TYR A CE1 1 
ATOM   896  C CE2 . TYR A 1 119 ? 1.538   10.444  -0.799  1.00 12.12 ? 325 TYR A CE2 1 
ATOM   897  C CZ  . TYR A 1 119 ? 2.348   11.177  -1.637  1.00 13.63 ? 325 TYR A CZ  1 
ATOM   898  O OH  . TYR A 1 119 ? 2.044   11.274  -2.984  1.00 14.41 ? 325 TYR A OH  1 
ATOM   899  N N   . LYS A 1 120 ? 0.829   13.156  2.406   1.00 10.67 ? 326 LYS A N   1 
ATOM   900  C CA  . LYS A 1 120 ? -0.595  13.296  2.118   1.00 9.84  ? 326 LYS A CA  1 
ATOM   901  C C   . LYS A 1 120 ? -0.825  13.608  0.647   1.00 12.56 ? 326 LYS A C   1 
ATOM   902  O O   . LYS A 1 120 ? -0.130  14.439  0.059   1.00 12.02 ? 326 LYS A O   1 
ATOM   903  C CB  . LYS A 1 120 ? -1.221  14.386  2.991   1.00 11.70 ? 326 LYS A CB  1 
ATOM   904  C CG  . LYS A 1 120 ? -2.741  14.478  2.859   1.00 18.79 ? 326 LYS A CG  1 
ATOM   905  C CD  . LYS A 1 120 ? -3.324  15.501  3.820   1.00 22.62 ? 326 LYS A CD  1 
ATOM   906  C CE  . LYS A 1 120 ? -4.830  15.611  3.641   1.00 35.45 ? 326 LYS A CE  1 
ATOM   907  N NZ  . LYS A 1 120 ? -5.404  16.721  4.449   1.00 48.24 ? 326 LYS A NZ  1 
ATOM   908  N N   . CYS A 1 121 ? -1.806  12.942  0.047   1.00 11.05 ? 327 CYS A N   1 
ATOM   909  C CA  . CYS A 1 121 ? -2.159  13.236  -1.331  1.00 11.06 ? 327 CYS A CA  1 
ATOM   910  C C   . CYS A 1 121 ? -3.596  12.828  -1.604  1.00 13.10 ? 327 CYS A C   1 
ATOM   911  O O   . CYS A 1 121 ? -4.008  11.730  -1.247  1.00 14.54 ? 327 CYS A O   1 
ATOM   912  C CB  . CYS A 1 121 ? -1.207  12.520  -2.287  1.00 10.57 ? 327 CYS A CB  1 
ATOM   913  S SG  . CYS A 1 121 ? -1.327  13.132  -4.002  1.00 13.81 ? 327 CYS A SG  1 
ATOM   914  N N   . ASN A 1 122 ? -4.353  13.725  -2.232  1.00 13.06 ? 328 ASN A N   1 
ATOM   915  C CA  . ASN A 1 122 ? -5.744  13.469  -2.603  1.00 15.19 ? 328 ASN A CA  1 
ATOM   916  C C   . ASN A 1 122 ? -5.894  13.294  -4.110  1.00 15.32 ? 328 ASN A C   1 
ATOM   917  O O   . ASN A 1 122 ? -7.005  13.201  -4.633  1.00 20.11 ? 328 ASN A O   1 
ATOM   918  C CB  . ASN A 1 122 ? -6.640  14.610  -2.113  1.00 15.64 ? 328 ASN A CB  1 
ATOM   919  C CG  . ASN A 1 122 ? -6.768  14.641  -0.605  1.00 32.49 ? 328 ASN A CG  1 
ATOM   920  O OD1 . ASN A 1 122 ? -7.046  13.622  0.026   1.00 38.53 ? 328 ASN A OD1 1 
ATOM   921  N ND2 . ASN A 1 122 ? -6.552  15.810  -0.015  1.00 50.03 ? 328 ASN A ND2 1 
ATOM   922  N N   . THR A 1 123 ? -4.762  13.267  -4.804  1.00 14.69 ? 329 THR A N   1 
ATOM   923  C CA  . THR A 1 123 ? -4.735  13.027  -6.242  1.00 15.69 ? 329 THR A CA  1 
ATOM   924  C C   . THR A 1 123 ? -4.387  11.567  -6.481  1.00 17.52 ? 329 THR A C   1 
ATOM   925  O O   . THR A 1 123 ? -3.370  11.082  -6.000  1.00 17.34 ? 329 THR A O   1 
ATOM   926  C CB  . THR A 1 123 ? -3.709  13.932  -6.957  1.00 17.09 ? 329 THR A CB  1 
ATOM   927  O OG1 . THR A 1 123 ? -4.060  15.304  -6.752  1.00 20.30 ? 329 THR A OG1 1 
ATOM   928  C CG2 . THR A 1 123 ? -3.687  13.651  -8.458  1.00 18.06 ? 329 THR A CG2 1 
ATOM   929  N N   . GLU A 1 124 ? -5.252  10.870  -7.205  1.00 13.41 ? 330 GLU A N   1 
ATOM   930  C CA  . GLU A 1 124 ? -5.062  9.462   -7.536  1.00 18.33 ? 330 GLU A CA  1 
ATOM   931  C C   . GLU A 1 124 ? -3.677  9.187   -8.131  1.00 16.68 ? 330 GLU A C   1 
ATOM   932  O O   . GLU A 1 124 ? -3.289  9.819   -9.110  1.00 17.81 ? 330 GLU A O   1 
ATOM   933  C CB  . GLU A 1 124 ? -6.160  9.047   -8.521  1.00 24.95 ? 330 GLU A CB  1 
ATOM   934  C CG  . GLU A 1 124 ? -6.343  7.565   -8.765  1.00 31.81 ? 330 GLU A CG  1 
ATOM   935  C CD  . GLU A 1 124 ? -7.611  7.292   -9.565  1.00 27.83 ? 330 GLU A CD  1 
ATOM   936  O OE1 . GLU A 1 124 ? -7.805  6.143   -10.011 1.00 48.05 ? 330 GLU A OE1 1 
ATOM   937  O OE2 . GLU A 1 124 ? -8.415  8.234   -9.742  1.00 40.30 ? 330 GLU A OE2 1 
ATOM   938  N N   . GLU A 1 125 ? -2.927  8.264   -7.529  1.00 13.63 ? 331 GLU A N   1 
ATOM   939  C CA  . GLU A 1 125 ? -1.645  7.845   -8.090  1.00 14.81 ? 331 GLU A CA  1 
ATOM   940  C C   . GLU A 1 125 ? -1.688  6.376   -8.462  1.00 14.85 ? 331 GLU A C   1 
ATOM   941  O O   . GLU A 1 125 ? -1.990  5.522   -7.632  1.00 15.98 ? 331 GLU A O   1 
ATOM   942  C CB  . GLU A 1 125 ? -0.485  8.090   -7.121  1.00 13.57 ? 331 GLU A CB  1 
ATOM   943  C CG  . GLU A 1 125 ? 0.872   7.757   -7.757  1.00 17.39 ? 331 GLU A CG  1 
ATOM   944  C CD  . GLU A 1 125 ? 2.045   7.898   -6.809  1.00 18.95 ? 331 GLU A CD  1 
ATOM   945  O OE1 . GLU A 1 125 ? 1.832   8.307   -5.652  1.00 20.96 ? 331 GLU A OE1 1 
ATOM   946  O OE2 . GLU A 1 125 ? 3.184   7.595   -7.226  1.00 19.76 ? 331 GLU A OE2 1 
ATOM   947  N N   . HIS A 1 126 ? -1.374  6.083   -9.716  1.00 13.83 ? 332 HIS A N   1 
ATOM   948  C CA  . HIS A 1 126 ? -1.333  4.711   -10.184 1.00 12.80 ? 332 HIS A CA  1 
ATOM   949  C C   . HIS A 1 126 ? 0.094   4.205   -10.110 1.00 14.41 ? 332 HIS A C   1 
ATOM   950  O O   . HIS A 1 126 ? 0.923   4.519   -10.962 1.00 16.78 ? 332 HIS A O   1 
ATOM   951  C CB  . HIS A 1 126 ? -1.870  4.619   -11.612 1.00 13.67 ? 332 HIS A CB  1 
ATOM   952  C CG  . HIS A 1 126 ? -3.240  5.200   -11.773 1.00 18.44 ? 332 HIS A CG  1 
ATOM   953  N ND1 . HIS A 1 126 ? -4.375  4.560   -11.331 1.00 31.81 ? 332 HIS A ND1 1 
ATOM   954  C CD2 . HIS A 1 126 ? -3.654  6.366   -12.324 1.00 33.16 ? 332 HIS A CD2 1 
ATOM   955  C CE1 . HIS A 1 126 ? -5.434  5.303   -11.606 1.00 25.94 ? 332 HIS A CE1 1 
ATOM   956  N NE2 . HIS A 1 126 ? -5.024  6.403   -12.209 1.00 30.81 ? 332 HIS A NE2 1 
ATOM   957  N N   . ILE A 1 127 ? 0.385   3.443   -9.066  1.00 11.06 ? 333 ILE A N   1 
ATOM   958  C CA  . ILE A 1 127 ? 1.738   2.948   -8.853  1.00 11.65 ? 333 ILE A CA  1 
ATOM   959  C C   . ILE A 1 127 ? 1.960   1.652   -9.616  1.00 11.28 ? 333 ILE A C   1 
ATOM   960  O O   . ILE A 1 127 ? 1.305   0.647   -9.357  1.00 12.16 ? 333 ILE A O   1 
ATOM   961  C CB  . ILE A 1 127 ? 2.026   2.718   -7.366  1.00 10.81 ? 333 ILE A CB  1 
ATOM   962  C CG1 . ILE A 1 127 ? 1.837   4.014   -6.576  1.00 12.49 ? 333 ILE A CG1 1 
ATOM   963  C CG2 . ILE A 1 127 ? 3.444   2.189   -7.186  1.00 12.43 ? 333 ILE A CG2 1 
ATOM   964  C CD1 . ILE A 1 127 ? 1.956   3.825   -5.066  1.00 13.72 ? 333 ILE A CD1 1 
ATOM   965  N N   . PHE A 1 128 ? 2.879   1.691   -10.576 1.00 9.89  ? 334 PHE A N   1 
ATOM   966  C CA  . PHE A 1 128 ? 3.236   0.518   -11.358 1.00 9.94  ? 334 PHE A CA  1 
ATOM   967  C C   . PHE A 1 128 ? 3.863   -0.541  -10.457 1.00 9.92  ? 334 PHE A C   1 
ATOM   968  O O   . PHE A 1 128 ? 4.836   -0.271  -9.759  1.00 11.75 ? 334 PHE A O   1 
ATOM   969  C CB  . PHE A 1 128 ? 4.205   0.928   -12.479 1.00 9.92  ? 334 PHE A CB  1 
ATOM   970  C CG  . PHE A 1 128 ? 4.625   -0.192  -13.400 1.00 10.04 ? 334 PHE A CG  1 
ATOM   971  C CD1 . PHE A 1 128 ? 5.617   -1.090  -13.031 1.00 11.58 ? 334 PHE A CD1 1 
ATOM   972  C CD2 . PHE A 1 128 ? 4.077   -0.297  -14.673 1.00 12.66 ? 334 PHE A CD2 1 
ATOM   973  C CE1 . PHE A 1 128 ? 6.023   -2.097  -13.896 1.00 13.10 ? 334 PHE A CE1 1 
ATOM   974  C CE2 . PHE A 1 128 ? 4.487   -1.302  -15.545 1.00 13.26 ? 334 PHE A CE2 1 
ATOM   975  C CZ  . PHE A 1 128 ? 5.459   -2.199  -15.154 1.00 11.49 ? 334 PHE A CZ  1 
ATOM   976  N N   . VAL A 1 129 ? 3.292   -1.740  -10.460 1.00 9.11  ? 335 VAL A N   1 
ATOM   977  C CA  . VAL A 1 129 ? 3.888   -2.863  -9.738  1.00 9.01  ? 335 VAL A CA  1 
ATOM   978  C C   . VAL A 1 129 ? 4.448   -3.863  -10.750 1.00 8.95  ? 335 VAL A C   1 
ATOM   979  O O   . VAL A 1 129 ? 5.612   -4.249  -10.669 1.00 9.85  ? 335 VAL A O   1 
ATOM   980  C CB  . VAL A 1 129 ? 2.875   -3.542  -8.794  1.00 9.47  ? 335 VAL A CB  1 
ATOM   981  C CG1 . VAL A 1 129 ? 3.508   -4.736  -8.105  1.00 9.94  ? 335 VAL A CG1 1 
ATOM   982  C CG2 . VAL A 1 129 ? 2.365   -2.542  -7.758  1.00 11.12 ? 335 VAL A CG2 1 
ATOM   983  N N   . SER A 1 130 ? 3.618   -4.263  -11.715 1.00 9.60  ? 336 SER A N   1 
ATOM   984  C CA  . SER A 1 130 ? 4.083   -5.021  -12.879 1.00 8.51  ? 336 SER A CA  1 
ATOM   985  C C   . SER A 1 130 ? 3.336   -4.526  -14.102 1.00 11.67 ? 336 SER A C   1 
ATOM   986  O O   . SER A 1 130 ? 2.444   -3.682  -13.980 1.00 11.81 ? 336 SER A O   1 
ATOM   987  C CB  . SER A 1 130 ? 3.861   -6.521  -12.701 1.00 12.34 ? 336 SER A CB  1 
ATOM   988  O OG  . SER A 1 130 ? 2.494   -6.850  -12.887 1.00 14.01 ? 336 SER A OG  1 
ATOM   989  N N   . LYS A 1 131 ? 3.684   -5.064  -15.268 1.00 13.13 ? 337 LYS A N   1 
ATOM   990  C CA  . LYS A 1 131 ? 2.972   -4.747  -16.507 1.00 16.48 ? 337 LYS A CA  1 
ATOM   991  C C   . LYS A 1 131 ? 1.481   -4.947  -16.353 1.00 17.01 ? 337 LYS A C   1 
ATOM   992  O O   . LYS A 1 131 ? 0.687   -4.230  -16.968 1.00 20.01 ? 337 LYS A O   1 
ATOM   993  C CB  . LYS A 1 131 ? 3.470   -5.614  -17.670 1.00 16.61 ? 337 LYS A CB  1 
ATOM   994  C CG  . LYS A 1 131 ? 4.825   -5.241  -18.183 1.00 18.59 ? 337 LYS A CG  1 
ATOM   995  C CD  . LYS A 1 131 ? 5.126   -6.027  -19.441 1.00 14.02 ? 337 LYS A CD  1 
ATOM   996  C CE  . LYS A 1 131 ? 6.558   -5.819  -19.883 1.00 25.48 ? 337 LYS A CE  1 
ATOM   997  N NZ  . LYS A 1 131 ? 6.833   -6.618  -21.106 1.00 24.97 ? 337 LYS A NZ  1 
ATOM   998  N N   . MET A 1 132 ? 1.111   -5.924  -15.527 1.00 12.96 ? 338 MET A N   1 
ATOM   999  C CA  . MET A 1 132 ? -0.274  -6.342  -15.388 1.00 15.73 ? 338 MET A CA  1 
ATOM   1000 C C   . MET A 1 132 ? -0.951  -5.828  -14.122 1.00 15.13 ? 338 MET A C   1 
ATOM   1001 O O   . MET A 1 132 ? -2.140  -6.034  -13.941 1.00 15.73 ? 338 MET A O   1 
ATOM   1002 C CB  . MET A 1 132 ? -0.349  -7.869  -15.416 1.00 20.27 ? 338 MET A CB  1 
ATOM   1003 C CG  . MET A 1 132 ? 0.136   -8.477  -16.727 1.00 21.26 ? 338 MET A CG  1 
ATOM   1004 S SD  . MET A 1 132 ? -0.921  -8.005  -18.116 1.00 30.98 ? 338 MET A SD  1 
ATOM   1005 C CE  . MET A 1 132 ? 0.227   -7.054  -19.103 1.00 32.61 ? 338 MET A CE  1 
ATOM   1006 N N   . LEU A 1 133 ? -0.209  -5.163  -13.243 1.00 11.08 ? 339 LEU A N   1 
ATOM   1007 C CA  . LEU A 1 133 ? -0.787  -4.753  -11.961 1.00 11.60 ? 339 LEU A CA  1 
ATOM   1008 C C   . LEU A 1 133 ? -0.362  -3.356  -11.545 1.00 10.31 ? 339 LEU A C   1 
ATOM   1009 O O   . LEU A 1 133 ? 0.830   -3.061  -11.477 1.00 10.10 ? 339 LEU A O   1 
ATOM   1010 C CB  . LEU A 1 133 ? -0.388  -5.732  -10.856 1.00 10.71 ? 339 LEU A CB  1 
ATOM   1011 C CG  . LEU A 1 133 ? -0.786  -5.341  -9.428  1.00 9.72  ? 339 LEU A CG  1 
ATOM   1012 C CD1 . LEU A 1 133 ? -2.298  -5.433  -9.235  1.00 13.81 ? 339 LEU A CD1 1 
ATOM   1013 C CD2 . LEU A 1 133 ? -0.068  -6.227  -8.422  1.00 13.28 ? 339 LEU A CD2 1 
ATOM   1014 N N   . SER A 1 134 ? -1.330  -2.497  -11.250 1.00 9.91  ? 340 SER A N   1 
ATOM   1015 C CA  . SER A 1 134 ? -1.007  -1.243  -10.585 1.00 10.08 ? 340 SER A CA  1 
ATOM   1016 C C   . SER A 1 134 ? -1.736  -1.170  -9.251  1.00 9.12  ? 340 SER A C   1 
ATOM   1017 O O   . SER A 1 134 ? -2.823  -1.737  -9.078  1.00 10.67 ? 340 SER A O   1 
ATOM   1018 C CB  . SER A 1 134 ? -1.353  -0.032  -11.458 1.00 16.88 ? 340 SER A CB  1 
ATOM   1019 O OG  . SER A 1 134 ? -2.736  0.028   -11.740 1.00 21.72 ? 340 SER A OG  1 
ATOM   1020 N N   . LEU A 1 135 ? -1.102  -0.504  -8.294  1.00 11.34 ? 341 LEU A N   1 
ATOM   1021 C CA  . LEU A 1 135 ? -1.739  -0.178  -7.033  1.00 10.98 ? 341 LEU A CA  1 
ATOM   1022 C C   . LEU A 1 135 ? -2.194  1.262   -7.114  1.00 12.43 ? 341 LEU A C   1 
ATOM   1023 O O   . LEU A 1 135 ? -1.368  2.176   -7.164  1.00 12.16 ? 341 LEU A O   1 
ATOM   1024 C CB  . LEU A 1 135 ? -0.778  -0.373  -5.863  1.00 10.23 ? 341 LEU A CB  1 
ATOM   1025 C CG  . LEU A 1 135 ? -1.290  0.084   -4.495  1.00 10.51 ? 341 LEU A CG  1 
ATOM   1026 C CD1 . LEU A 1 135 ? -2.464  -0.768  -4.021  1.00 13.94 ? 341 LEU A CD1 1 
ATOM   1027 C CD2 . LEU A 1 135 ? -0.158  0.072   -3.473  1.00 13.98 ? 341 LEU A CD2 1 
ATOM   1028 N N   . ASN A 1 136 ? -3.505  1.459   -7.156  1.00 11.17 ? 342 ASN A N   1 
ATOM   1029 C CA  . ASN A 1 136 ? -4.072  2.794   -7.240  1.00 9.51  ? 342 ASN A CA  1 
ATOM   1030 C C   . ASN A 1 136 ? -4.304  3.344   -5.847  1.00 11.84 ? 342 ASN A C   1 
ATOM   1031 O O   . ASN A 1 136 ? -5.127  2.840   -5.082  1.00 12.97 ? 342 ASN A O   1 
ATOM   1032 C CB  . ASN A 1 136 ? -5.356  2.765   -8.068  1.00 10.95 ? 342 ASN A CB  1 
ATOM   1033 C CG  . ASN A 1 136 ? -5.098  2.319   -9.491  1.00 19.23 ? 342 ASN A CG  1 
ATOM   1034 O OD1 . ASN A 1 136 ? -3.951  2.312   -9.948  1.00 20.55 ? 342 ASN A OD1 1 
ATOM   1035 N ND2 . ASN A 1 136 ? -6.156  1.956   -10.205 1.00 19.36 ? 342 ASN A ND2 1 
ATOM   1036 N N   . VAL A 1 137 ? -3.501  4.349   -5.513  1.00 14.21 ? 343 VAL A N   1 
ATOM   1037 C CA  . VAL A 1 137 ? -3.600  5.052   -4.246  1.00 12.93 ? 343 VAL A CA  1 
ATOM   1038 C C   . VAL A 1 137 ? -4.505  6.234   -4.499  1.00 16.28 ? 343 VAL A C   1 
ATOM   1039 O O   . VAL A 1 137 ? -4.072  7.279   -4.990  1.00 16.15 ? 343 VAL A O   1 
ATOM   1040 C CB  . VAL A 1 137 ? -2.227  5.503   -3.731  1.00 13.43 ? 343 VAL A CB  1 
ATOM   1041 C CG1 . VAL A 1 137 ? -2.375  6.146   -2.369  1.00 14.91 ? 343 VAL A CG1 1 
ATOM   1042 C CG2 . VAL A 1 137 ? -1.282  4.315   -3.652  1.00 15.70 ? 343 VAL A CG2 1 
ATOM   1043 N N   . PHE A 1 138 ? -5.778  6.041   -4.196  1.00 14.82 ? 344 PHE A N   1 
ATOM   1044 C CA  . PHE A 1 138 ? -6.806  6.998   -4.567  1.00 14.83 ? 344 PHE A CA  1 
ATOM   1045 C C   . PHE A 1 138 ? -6.688  8.241   -3.698  1.00 13.52 ? 344 PHE A C   1 
ATOM   1046 O O   . PHE A 1 138 ? -6.781  9.369   -4.191  1.00 15.89 ? 344 PHE A O   1 
ATOM   1047 C CB  . PHE A 1 138 ? -8.189  6.352   -4.442  1.00 15.93 ? 344 PHE A CB  1 
ATOM   1048 C CG  . PHE A 1 138 ? -9.303  7.224   -4.910  1.00 16.15 ? 344 PHE A CG  1 
ATOM   1049 C CD1 . PHE A 1 138 ? -9.617  7.296   -6.256  1.00 21.09 ? 344 PHE A CD1 1 
ATOM   1050 C CD2 . PHE A 1 138 ? -10.039 7.974   -4.008  1.00 18.75 ? 344 PHE A CD2 1 
ATOM   1051 C CE1 . PHE A 1 138 ? -10.648 8.106   -6.691  1.00 20.72 ? 344 PHE A CE1 1 
ATOM   1052 C CE2 . PHE A 1 138 ? -11.071 8.784   -4.436  1.00 18.60 ? 344 PHE A CE2 1 
ATOM   1053 C CZ  . PHE A 1 138 ? -11.372 8.851   -5.777  1.00 22.61 ? 344 PHE A CZ  1 
ATOM   1054 N N   . SER A 1 139 ? -6.466  8.030   -2.406  1.00 14.02 ? 345 SER A N   1 
ATOM   1055 C CA  . SER A 1 139 ? -6.088  9.115   -1.507  1.00 15.68 ? 345 SER A CA  1 
ATOM   1056 C C   . SER A 1 139 ? -5.320  8.519   -0.343  1.00 12.98 ? 345 SER A C   1 
ATOM   1057 O O   . SER A 1 139 ? -5.452  7.328   -0.049  1.00 13.25 ? 345 SER A O   1 
ATOM   1058 C CB  . SER A 1 139 ? -7.306  9.890   -1.008  1.00 13.81 ? 345 SER A CB  1 
ATOM   1059 O OG  . SER A 1 139 ? -8.067  9.107   -0.112  1.00 18.32 ? 345 SER A OG  1 
ATOM   1060 N N   . VAL A 1 140 ? -4.506  9.333   0.318   1.00 12.05 ? 346 VAL A N   1 
ATOM   1061 C CA  . VAL A 1 140 ? -3.643  8.784   1.347   1.00 12.77 ? 346 VAL A CA  1 
ATOM   1062 C C   . VAL A 1 140 ? -3.112  9.840   2.294   1.00 11.68 ? 346 VAL A C   1 
ATOM   1063 O O   . VAL A 1 140 ? -2.746  10.940  1.883   1.00 12.10 ? 346 VAL A O   1 
ATOM   1064 C CB  . VAL A 1 140 ? -2.451  8.027   0.707   1.00 12.73 ? 346 VAL A CB  1 
ATOM   1065 C CG1 . VAL A 1 140 ? -1.686  8.940   -0.263  1.00 13.10 ? 346 VAL A CG1 1 
ATOM   1066 C CG2 . VAL A 1 140 ? -1.521  7.446   1.759   1.00 13.37 ? 346 VAL A CG2 1 
ATOM   1067 N N   . GLN A 1 141 ? -3.107  9.501   3.575   1.00 10.54 ? 347 GLN A N   1 
ATOM   1068 C CA  . GLN A 1 141 ? -2.187  10.119  4.514   1.00 10.09 ? 347 GLN A CA  1 
ATOM   1069 C C   . GLN A 1 141 ? -1.469  8.958   5.187   1.00 9.77  ? 347 GLN A C   1 
ATOM   1070 O O   . GLN A 1 141 ? -2.118  8.017   5.652   1.00 9.97  ? 347 GLN A O   1 
ATOM   1071 C CB  . GLN A 1 141 ? -2.905  11.018  5.522   1.00 10.52 ? 347 GLN A CB  1 
ATOM   1072 C CG  . GLN A 1 141 ? -1.928  11.765  6.432   1.00 11.90 ? 347 GLN A CG  1 
ATOM   1073 C CD  . GLN A 1 141 ? -2.574  12.894  7.197   1.00 14.27 ? 347 GLN A CD  1 
ATOM   1074 O OE1 . GLN A 1 141 ? -3.803  13.011  7.248   1.00 14.20 ? 347 GLN A OE1 1 
ATOM   1075 N NE2 . GLN A 1 141 ? -1.745  13.737  7.807   1.00 11.42 ? 347 GLN A NE2 1 
ATOM   1076 N N   . VAL A 1 142 ? -0.138  8.984   5.197   1.00 9.14  ? 348 VAL A N   1 
ATOM   1077 C CA  . VAL A 1 142 ? 0.605   7.836   5.697   1.00 8.96  ? 348 VAL A CA  1 
ATOM   1078 C C   . VAL A 1 142 ? 1.921   8.267   6.337   1.00 10.29 ? 348 VAL A C   1 
ATOM   1079 O O   . VAL A 1 142 ? 2.553   9.246   5.925   1.00 10.82 ? 348 VAL A O   1 
ATOM   1080 C CB  . VAL A 1 142 ? 0.850   6.793   4.566   1.00 9.83  ? 348 VAL A CB  1 
ATOM   1081 C CG1 . VAL A 1 142 ? 1.756   7.356   3.478   1.00 11.02 ? 348 VAL A CG1 1 
ATOM   1082 C CG2 . VAL A 1 142 ? 1.424   5.499   5.132   1.00 12.58 ? 348 VAL A CG2 1 
ATOM   1083 N N   . GLN A 1 143 ? 2.315   7.544   7.374   1.00 9.40  ? 349 GLN A N   1 
ATOM   1084 C CA  . GLN A 1 143 ? 3.560   7.824   8.072   1.00 9.27  ? 349 GLN A CA  1 
ATOM   1085 C C   . GLN A 1 143 ? 4.164   6.529   8.605   1.00 10.29 ? 349 GLN A C   1 
ATOM   1086 O O   . GLN A 1 143 ? 3.474   5.754   9.281   1.00 11.14 ? 349 GLN A O   1 
ATOM   1087 C CB  . GLN A 1 143 ? 3.310   8.816   9.202   1.00 8.59  ? 349 GLN A CB  1 
ATOM   1088 C CG  . GLN A 1 143 ? 4.572   9.256   9.939   1.00 12.28 ? 349 GLN A CG  1 
ATOM   1089 C CD  . GLN A 1 143 ? 4.285   10.403  10.883  1.00 9.25  ? 349 GLN A CD  1 
ATOM   1090 O OE1 . GLN A 1 143 ? 3.352   11.177  10.660  1.00 11.27 ? 349 GLN A OE1 1 
ATOM   1091 N NE2 . GLN A 1 143 ? 5.074   10.517  11.953  1.00 12.20 ? 349 GLN A NE2 1 
ATOM   1092 N N   . ALA A 1 144 ? 5.434   6.292   8.290   1.00 9.16  ? 350 ALA A N   1 
ATOM   1093 C CA  . ALA A 1 144 ? 6.121   5.072   8.683   1.00 10.12 ? 350 ALA A CA  1 
ATOM   1094 C C   . ALA A 1 144 ? 7.370   5.374   9.505   1.00 11.04 ? 350 ALA A C   1 
ATOM   1095 O O   . ALA A 1 144 ? 8.008   6.421   9.326   1.00 12.43 ? 350 ALA A O   1 
ATOM   1096 C CB  . ALA A 1 144 ? 6.486   4.247   7.443   1.00 11.91 ? 350 ALA A CB  1 
ATOM   1097 N N   . PHE A 1 145 ? 7.669   4.436   10.405  1.00 10.98 ? 351 PHE A N   1 
ATOM   1098 C CA  . PHE A 1 145 ? 8.852   4.391   11.268  1.00 11.95 ? 351 PHE A CA  1 
ATOM   1099 C C   . PHE A 1 145 ? 8.662   5.312   12.470  1.00 13.72 ? 351 PHE A C   1 
ATOM   1100 O O   . PHE A 1 145 ? 8.094   4.887   13.470  1.00 20.86 ? 351 PHE A O   1 
ATOM   1101 C CB  . PHE A 1 145 ? 10.133  4.691   10.470  1.00 12.25 ? 351 PHE A CB  1 
ATOM   1102 C CG  . PHE A 1 145 ? 10.446  3.622   9.449   1.00 10.81 ? 351 PHE A CG  1 
ATOM   1103 C CD1 . PHE A 1 145 ? 11.136  2.478   9.823   1.00 10.56 ? 351 PHE A CD1 1 
ATOM   1104 C CD2 . PHE A 1 145 ? 9.997   3.731   8.140   1.00 11.09 ? 351 PHE A CD2 1 
ATOM   1105 C CE1 . PHE A 1 145 ? 11.393  1.472   8.908   1.00 12.13 ? 351 PHE A CE1 1 
ATOM   1106 C CE2 . PHE A 1 145 ? 10.248  2.724   7.217   1.00 13.30 ? 351 PHE A CE2 1 
ATOM   1107 C CZ  . PHE A 1 145 ? 10.949  1.591   7.605   1.00 12.92 ? 351 PHE A CZ  1 
ATOM   1108 N N   . LYS A 1 146 ? 9.102   6.558   12.387  1.00 13.69 ? 352 LYS A N   1 
ATOM   1109 C CA  . LYS A 1 146 ? 8.967   7.465   13.522  1.00 15.07 ? 352 LYS A CA  1 
ATOM   1110 C C   . LYS A 1 146 ? 7.547   8.024   13.624  1.00 14.31 ? 352 LYS A C   1 
ATOM   1111 O O   . LYS A 1 146 ? 7.051   8.662   12.696  1.00 14.91 ? 352 LYS A O   1 
ATOM   1112 C CB  . LYS A 1 146 ? 9.975   8.602   13.409  1.00 17.99 ? 352 LYS A CB  1 
ATOM   1113 C CG  . LYS A 1 146 ? 10.011  9.539   14.605  1.00 24.48 ? 352 LYS A CG  1 
ATOM   1114 C CD  . LYS A 1 146 ? 11.252  10.418  14.529  1.00 25.27 ? 352 LYS A CD  1 
ATOM   1115 C CE  . LYS A 1 146 ? 11.315  11.394  15.690  1.00 36.91 ? 352 LYS A CE  1 
ATOM   1116 N NZ  . LYS A 1 146 ? 10.156  12.329  15.684  1.00 36.84 ? 352 LYS A NZ  1 
ATOM   1117 N N   . VAL A 1 147 ? 6.889   7.757   14.752  1.00 14.45 ? 353 VAL A N   1 
ATOM   1118 C CA  . VAL A 1 147 ? 5.600   8.355   15.063  1.00 13.17 ? 353 VAL A CA  1 
ATOM   1119 C C   . VAL A 1 147 ? 5.641   8.935   16.480  1.00 16.56 ? 353 VAL A C   1 
ATOM   1120 O O   . VAL A 1 147 ? 6.004   8.242   17.434  1.00 19.32 ? 353 VAL A O   1 
ATOM   1121 C CB  . VAL A 1 147 ? 4.447   7.337   14.951  1.00 13.34 ? 353 VAL A CB  1 
ATOM   1122 C CG1 . VAL A 1 147 ? 3.128   7.973   15.382  1.00 14.01 ? 353 VAL A CG1 1 
ATOM   1123 C CG2 . VAL A 1 147 ? 4.350   6.805   13.523  1.00 15.25 ? 353 VAL A CG2 1 
ATOM   1124 N N   . ASP A 1 148 ? 5.282   10.208  16.602  1.00 16.22 ? 354 ASP A N   1 
ATOM   1125 C CA  . ASP A 1 148 ? 5.332   10.911  17.879  1.00 17.85 ? 354 ASP A CA  1 
ATOM   1126 C C   . ASP A 1 148 ? 3.929   11.120  18.426  1.00 17.00 ? 354 ASP A C   1 
ATOM   1127 O O   . ASP A 1 148 ? 3.031   11.541  17.701  1.00 15.07 ? 354 ASP A O   1 
ATOM   1128 C CB  . ASP A 1 148 ? 6.038   12.254  17.719  1.00 14.82 ? 354 ASP A CB  1 
ATOM   1129 C CG  . ASP A 1 148 ? 7.456   12.107  17.223  1.00 25.51 ? 354 ASP A CG  1 
ATOM   1130 O OD1 . ASP A 1 148 ? 8.208   11.292  17.797  1.00 27.15 ? 354 ASP A OD1 1 
ATOM   1131 O OD2 . ASP A 1 148 ? 7.817   12.794  16.244  1.00 28.21 ? 354 ASP A OD2 1 
ATOM   1132 N N   . SER A 1 149 ? 3.742   10.805  19.706  1.00 17.69 ? 355 SER A N   1 
ATOM   1133 C CA  . SER A 1 149 ? 2.450   10.969  20.374  1.00 18.58 ? 355 SER A CA  1 
ATOM   1134 C C   . SER A 1 149 ? 1.287   10.318  19.613  1.00 17.25 ? 355 SER A C   1 
ATOM   1135 O O   . SER A 1 149 ? 0.160   10.823  19.605  1.00 18.28 ? 355 SER A O   1 
ATOM   1136 C CB  . SER A 1 149 ? 2.165   12.455  20.604  1.00 19.85 ? 355 SER A CB  1 
ATOM   1137 O OG  . SER A 1 149 ? 2.991   12.972  21.639  1.00 24.31 ? 355 SER A OG  1 
ATOM   1138 N N   . ASP A 1 150 ? 1.577   9.193   18.970  1.00 17.54 ? 356 ASP A N   1 
ATOM   1139 C CA  . ASP A 1 150 ? 0.554   8.361   18.335  1.00 16.04 ? 356 ASP A CA  1 
ATOM   1140 C C   . ASP A 1 150 ? -0.350  9.109   17.343  1.00 18.73 ? 356 ASP A C   1 
ATOM   1141 O O   . ASP A 1 150 ? -1.537  8.806   17.208  1.00 20.21 ? 356 ASP A O   1 
ATOM   1142 C CB  . ASP A 1 150 ? -0.295  7.685   19.416  1.00 22.14 ? 356 ASP A CB  1 
ATOM   1143 C CG  . ASP A 1 150 ? 0.495   6.673   20.217  1.00 31.51 ? 356 ASP A CG  1 
ATOM   1144 O OD1 . ASP A 1 150 ? 1.141   5.775   19.620  1.00 30.19 ? 356 ASP A OD1 1 
ATOM   1145 O OD2 . ASP A 1 150 ? 0.483   6.779   21.451  1.00 37.29 ? 356 ASP A OD2 1 
ATOM   1146 N N   . ARG A 1 151 ? 0.231   10.052  16.606  1.00 15.19 ? 357 ARG A N   1 
ATOM   1147 C CA  . ARG A 1 151 ? -0.533  10.823  15.633  1.00 12.88 ? 357 ARG A CA  1 
ATOM   1148 C C   . ARG A 1 151 ? 0.346   11.245  14.469  1.00 9.04  ? 357 ARG A C   1 
ATOM   1149 O O   . ARG A 1 151 ? 1.569   11.193  14.577  1.00 11.50 ? 357 ARG A O   1 
ATOM   1150 C CB  . ARG A 1 151 ? -1.158  12.055  16.285  1.00 12.87 ? 357 ARG A CB  1 
ATOM   1151 C CG  . ARG A 1 151 ? -0.144  13.060  16.809  1.00 13.75 ? 357 ARG A CG  1 
ATOM   1152 C CD  . ARG A 1 151 ? -0.870  14.204  17.478  1.00 15.68 ? 357 ARG A CD  1 
ATOM   1153 N NE  . ARG A 1 151 ? 0.036   15.214  18.022  1.00 14.48 ? 357 ARG A NE  1 
ATOM   1154 C CZ  . ARG A 1 151 ? -0.391  16.306  18.647  1.00 13.12 ? 357 ARG A CZ  1 
ATOM   1155 N NH1 . ARG A 1 151 ? -1.695  16.508  18.784  1.00 11.96 ? 357 ARG A NH1 1 
ATOM   1156 N NH2 . ARG A 1 151 ? 0.466   17.193  19.126  1.00 11.61 ? 357 ARG A NH2 1 
ATOM   1157 N N   . PHE A 1 152 ? -0.282  11.640  13.360  1.00 11.23 ? 358 PHE A N   1 
ATOM   1158 C CA  . PHE A 1 152 ? 0.451   12.102  12.184  1.00 11.14 ? 358 PHE A CA  1 
ATOM   1159 C C   . PHE A 1 152 ? 1.282   13.325  12.500  1.00 12.38 ? 358 PHE A C   1 
ATOM   1160 O O   . PHE A 1 152 ? 0.809   14.237  13.185  1.00 12.79 ? 358 PHE A O   1 
ATOM   1161 C CB  . PHE A 1 152 ? -0.493  12.461  11.036  1.00 12.02 ? 358 PHE A CB  1 
ATOM   1162 C CG  . PHE A 1 152 ? -1.097  11.277  10.333  1.00 10.16 ? 358 PHE A CG  1 
ATOM   1163 C CD1 . PHE A 1 152 ? -0.294  10.302  9.761   1.00 10.43 ? 358 PHE A CD1 1 
ATOM   1164 C CD2 . PHE A 1 152 ? -2.479  11.173  10.205  1.00 12.70 ? 358 PHE A CD2 1 
ATOM   1165 C CE1 . PHE A 1 152 ? -0.863  9.216   9.094   1.00 10.65 ? 358 PHE A CE1 1 
ATOM   1166 C CE2 . PHE A 1 152 ? -3.053  10.093  9.539   1.00 13.07 ? 358 PHE A CE2 1 
ATOM   1167 C CZ  . PHE A 1 152 ? -2.245  9.115   8.986   1.00 12.81 ? 358 PHE A CZ  1 
ATOM   1168 N N   . GLY A 1 153 ? 2.501   13.350  11.970  1.00 9.93  ? 359 GLY A N   1 
ATOM   1169 C CA  . GLY A 1 153 ? 3.305   14.556  11.982  1.00 11.41 ? 359 GLY A CA  1 
ATOM   1170 C C   . GLY A 1 153 ? 2.843   15.529  10.913  1.00 9.78  ? 359 GLY A C   1 
ATOM   1171 O O   . GLY A 1 153 ? 1.890   15.267  10.172  1.00 11.10 ? 359 GLY A O   1 
ATOM   1172 N N   . SER A 1 154 ? 3.526   16.662  10.821  1.00 10.64 ? 360 SER A N   1 
ATOM   1173 C CA  . SER A 1 154 ? 3.151   17.700  9.873   1.00 10.53 ? 360 SER A CA  1 
ATOM   1174 C C   . SER A 1 154 ? 3.108   17.190  8.438   1.00 9.90  ? 360 SER A C   1 
ATOM   1175 O O   . SER A 1 154 ? 3.907   16.342  8.032   1.00 11.78 ? 360 SER A O   1 
ATOM   1176 C CB  . SER A 1 154 ? 4.117   18.870  9.973   1.00 11.40 ? 360 SER A CB  1 
ATOM   1177 O OG  . SER A 1 154 ? 4.066   19.420  11.270  1.00 15.98 ? 360 SER A OG  1 
ATOM   1178 N N   . VAL A 1 155 ? 2.160   17.722  7.682   1.00 9.63  ? 361 VAL A N   1 
ATOM   1179 C CA  . VAL A 1 155 ? 1.837   17.205  6.359   1.00 10.83 ? 361 VAL A CA  1 
ATOM   1180 C C   . VAL A 1 155 ? 2.771   17.676  5.245   1.00 11.72 ? 361 VAL A C   1 
ATOM   1181 O O   . VAL A 1 155 ? 3.031   18.873  5.092   1.00 12.74 ? 361 VAL A O   1 
ATOM   1182 C CB  . VAL A 1 155 ? 0.393   17.594  5.977   1.00 12.38 ? 361 VAL A CB  1 
ATOM   1183 C CG1 . VAL A 1 155 ? 0.131   17.341  4.503   1.00 17.39 ? 361 VAL A CG1 1 
ATOM   1184 C CG2 . VAL A 1 155 ? -0.601  16.830  6.840   1.00 16.78 ? 361 VAL A CG2 1 
ATOM   1185 N N   . GLU A 1 156 ? 3.275   16.719  4.471   1.00 10.40 ? 362 GLU A N   1 
ATOM   1186 C CA  . GLU A 1 156 ? 3.933   17.017  3.210   1.00 10.90 ? 362 GLU A CA  1 
ATOM   1187 C C   . GLU A 1 156 ? 2.972   16.617  2.108   1.00 12.40 ? 362 GLU A C   1 
ATOM   1188 O O   . GLU A 1 156 ? 2.783   15.435  1.835   1.00 12.52 ? 362 GLU A O   1 
ATOM   1189 C CB  . GLU A 1 156 ? 5.270   16.282  3.086   1.00 13.25 ? 362 GLU A CB  1 
ATOM   1190 C CG  . GLU A 1 156 ? 6.221   16.608  4.227   1.00 10.75 ? 362 GLU A CG  1 
ATOM   1191 C CD  . GLU A 1 156 ? 7.630   16.096  4.018   1.00 10.63 ? 362 GLU A CD  1 
ATOM   1192 O OE1 . GLU A 1 156 ? 7.833   15.180  3.191   1.00 13.75 ? 362 GLU A OE1 1 
ATOM   1193 O OE2 . GLU A 1 156 ? 8.540   16.624  4.685   1.00 11.92 ? 362 GLU A OE2 1 
ATOM   1194 N N   . GLU A 1 157 ? 2.336   17.605  1.494   1.00 13.63 ? 363 GLU A N   1 
ATOM   1195 C CA  . GLU A 1 157 ? 1.283   17.340  0.523   1.00 15.41 ? 363 GLU A CA  1 
ATOM   1196 C C   . GLU A 1 157 ? 1.852   17.247  -0.884  1.00 15.22 ? 363 GLU A C   1 
ATOM   1197 O O   . GLU A 1 157 ? 2.678   18.073  -1.278  1.00 15.33 ? 363 GLU A O   1 
ATOM   1198 C CB  . GLU A 1 157 ? 0.214   18.429  0.595   1.00 18.26 ? 363 GLU A CB  1 
ATOM   1199 C CG  . GLU A 1 157 ? -1.073  18.086  -0.141  1.00 20.15 ? 363 GLU A CG  1 
ATOM   1200 C CD  . GLU A 1 157 ? -2.248  18.947  0.299   1.00 38.11 ? 363 GLU A CD  1 
ATOM   1201 O OE1 . GLU A 1 157 ? -2.018  20.072  0.791   1.00 38.76 ? 363 GLU A OE1 1 
ATOM   1202 O OE2 . GLU A 1 157 ? -3.404  18.494  0.160   1.00 48.32 ? 363 GLU A OE2 1 
ATOM   1203 N N   . CYS A 1 158 ? 1.413   16.239  -1.636  1.00 12.44 ? 364 CYS A N   1 
ATOM   1204 C CA  . CYS A 1 158 ? 1.840   16.077  -3.023  1.00 14.13 ? 364 CYS A CA  1 
ATOM   1205 C C   . CYS A 1 158 ? 1.576   17.354  -3.821  1.00 15.11 ? 364 CYS A C   1 
ATOM   1206 O O   . CYS A 1 158 ? 0.564   18.025  -3.625  1.00 15.44 ? 364 CYS A O   1 
ATOM   1207 C CB  . CYS A 1 158 ? 1.134   14.885  -3.669  1.00 14.43 ? 364 CYS A CB  1 
ATOM   1208 S SG  . CYS A 1 158 ? -0.663  15.051  -3.808  1.00 15.39 ? 364 CYS A SG  1 
ATOM   1209 N N   . VAL A 1 159 ? 2.509   17.687  -4.707  1.00 17.02 ? 365 VAL A N   1 
ATOM   1210 C CA  . VAL A 1 159 ? 2.428   18.910  -5.498  1.00 19.38 ? 365 VAL A CA  1 
ATOM   1211 C C   . VAL A 1 159 ? 1.137   18.967  -6.314  1.00 21.03 ? 365 VAL A C   1 
ATOM   1212 O O   . VAL A 1 159 ? 0.538   20.032  -6.479  1.00 20.45 ? 365 VAL A O   1 
ATOM   1213 C CB  . VAL A 1 159 ? 3.653   19.036  -6.434  1.00 20.30 ? 365 VAL A CB  1 
ATOM   1214 C CG1 . VAL A 1 159 ? 3.550   20.273  -7.304  1.00 23.53 ? 365 VAL A CG1 1 
ATOM   1215 C CG2 . VAL A 1 159 ? 4.936   19.068  -5.615  1.00 28.42 ? 365 VAL A CG2 1 
ATOM   1216 N N   . GLN A 1 160 ? 0.694   17.804  -6.781  1.00 19.98 ? 366 GLN A N   1 
ATOM   1217 C CA  . GLN A 1 160 ? -0.475  17.698  -7.649  1.00 20.42 ? 366 GLN A CA  1 
ATOM   1218 C C   . GLN A 1 160 ? -1.773  18.170  -6.993  1.00 22.41 ? 366 GLN A C   1 
ATOM   1219 O O   . GLN A 1 160 ? -2.740  18.491  -7.688  1.00 24.21 ? 366 GLN A O   1 
ATOM   1220 C CB  . GLN A 1 160 ? -0.640  16.253  -8.129  1.00 28.12 ? 366 GLN A CB  1 
ATOM   1221 C CG  . GLN A 1 160 ? 0.485   15.751  -9.028  1.00 36.27 ? 366 GLN A CG  1 
ATOM   1222 C CD  . GLN A 1 160 ? 1.653   15.163  -8.257  1.00 47.70 ? 366 GLN A CD  1 
ATOM   1223 O OE1 . GLN A 1 160 ? 1.845   15.445  -7.071  1.00 30.60 ? 366 GLN A OE1 1 
ATOM   1224 N NE2 . GLN A 1 160 ? 2.443   14.334  -8.930  1.00 49.65 ? 366 GLN A NE2 1 
ATOM   1225 N N   . ASP A 1 161 ? -1.798  18.212  -5.662  1.00 18.57 ? 367 ASP A N   1 
ATOM   1226 C CA  . ASP A 1 161 ? -2.975  18.681  -4.937  1.00 21.79 ? 367 ASP A CA  1 
ATOM   1227 C C   . ASP A 1 161 ? -3.116  20.198  -5.028  1.00 27.31 ? 367 ASP A C   1 
ATOM   1228 O O   . ASP A 1 161 ? -4.138  20.757  -4.635  1.00 29.72 ? 367 ASP A O   1 
ATOM   1229 C CB  . ASP A 1 161 ? -2.920  18.259  -3.464  1.00 18.57 ? 367 ASP A CB  1 
ATOM   1230 C CG  . ASP A 1 161 ? -3.427  16.848  -3.236  1.00 19.50 ? 367 ASP A CG  1 
ATOM   1231 O OD1 . ASP A 1 161 ? -3.869  16.202  -4.206  1.00 19.38 ? 367 ASP A OD1 1 
ATOM   1232 O OD2 . ASP A 1 161 ? -3.390  16.390  -2.073  1.00 18.84 ? 367 ASP A OD2 1 
ATOM   1233 N N   . GLY A 1 162 ? -2.083  20.860  -5.540  1.00 24.18 ? 368 GLY A N   1 
ATOM   1234 C CA  . GLY A 1 162 ? -2.140  22.293  -5.755  1.00 31.78 ? 368 GLY A CA  1 
ATOM   1235 C C   . GLY A 1 162 ? -3.123  22.647  -6.855  1.00 35.71 ? 368 GLY A C   1 
ATOM   1236 O O   . GLY A 1 162 ? -3.407  21.826  -7.729  1.00 36.92 ? 368 GLY A O   1 
HETATM 1237 S S   . SO4 B 2 .   ? 6.889   -14.494 4.459   1.00 27.92 ? 401 SO4 A S   1 
HETATM 1238 O O1  . SO4 B 2 .   ? 6.595   -13.300 5.250   1.00 37.49 ? 401 SO4 A O1  1 
HETATM 1239 O O2  . SO4 B 2 .   ? 8.325   -14.755 4.507   1.00 34.92 ? 401 SO4 A O2  1 
HETATM 1240 O O3  . SO4 B 2 .   ? 6.166   -15.639 5.004   1.00 44.64 ? 401 SO4 A O3  1 
HETATM 1241 O O4  . SO4 B 2 .   ? 6.480   -14.280 3.073   1.00 36.42 ? 401 SO4 A O4  1 
HETATM 1242 S S   . SO4 C 2 .   ? 14.496  -4.394  10.755  1.00 20.43 ? 402 SO4 A S   1 
HETATM 1243 O O1  . SO4 C 2 .   ? 14.852  -3.756  12.018  1.00 23.26 ? 402 SO4 A O1  1 
HETATM 1244 O O2  . SO4 C 2 .   ? 15.706  -4.591  9.960   1.00 24.99 ? 402 SO4 A O2  1 
HETATM 1245 O O3  . SO4 C 2 .   ? 13.879  -5.692  11.010  1.00 22.26 ? 402 SO4 A O3  1 
HETATM 1246 O O4  . SO4 C 2 .   ? 13.570  -3.523  10.031  1.00 17.74 ? 402 SO4 A O4  1 
HETATM 1247 C C1  . NAG D 3 .   ? 9.161   -2.518  -10.416 1.00 10.87 ? 403 NAG A C1  1 
HETATM 1248 C C2  . NAG D 3 .   ? 9.442   -2.880  -11.873 1.00 11.80 ? 403 NAG A C2  1 
HETATM 1249 C C3  . NAG D 3 .   ? 10.587  -2.024  -12.396 1.00 13.43 ? 403 NAG A C3  1 
HETATM 1250 C C4  . NAG D 3 .   ? 10.287  -0.545  -12.187 1.00 12.69 ? 403 NAG A C4  1 
HETATM 1251 C C5  . NAG D 3 .   ? 9.925   -0.284  -10.727 1.00 12.30 ? 403 NAG A C5  1 
HETATM 1252 C C6  . NAG D 3 .   ? 9.487   1.140   -10.469 1.00 12.53 ? 403 NAG A C6  1 
HETATM 1253 C C7  . NAG D 3 .   ? 8.962   -5.155  -12.688 1.00 10.35 ? 403 NAG A C7  1 
HETATM 1254 C C8  . NAG D 3 .   ? 9.466   -6.563  -12.785 1.00 14.80 ? 403 NAG A C8  1 
HETATM 1255 N N2  . NAG D 3 .   ? 9.753   -4.293  -12.036 1.00 11.44 ? 403 NAG A N2  1 
HETATM 1256 O O3  . NAG D 3 .   ? 10.801  -2.296  -13.775 1.00 19.13 ? 403 NAG A O3  1 
HETATM 1257 O O4  . NAG D 3 .   ? 11.448  0.214   -12.510 1.00 16.85 ? 403 NAG A O4  1 
HETATM 1258 O O5  . NAG D 3 .   ? 8.836   -1.134  -10.331 1.00 11.60 ? 403 NAG A O5  1 
HETATM 1259 O O6  . NAG D 3 .   ? 8.473   1.539   -11.381 1.00 14.43 ? 403 NAG A O6  1 
HETATM 1260 O O7  . NAG D 3 .   ? 7.883   -4.821  -13.171 1.00 14.53 ? 403 NAG A O7  1 
HETATM 1261 C C1  . NAG E 3 .   ? 1.767   -15.351 -0.227  1.00 18.85 ? 404 NAG A C1  1 
HETATM 1262 C C2  . NAG E 3 .   ? 2.119   -14.592 1.052   1.00 19.74 ? 404 NAG A C2  1 
HETATM 1263 C C3  . NAG E 3 .   ? 3.465   -15.065 1.597   1.00 24.39 ? 404 NAG A C3  1 
HETATM 1264 C C4  . NAG E 3 .   ? 3.476   -16.581 1.746   1.00 37.13 ? 404 NAG A C4  1 
HETATM 1265 C C5  . NAG E 3 .   ? 3.075   -17.236 0.429   1.00 26.92 ? 404 NAG A C5  1 
HETATM 1266 C C6  . NAG E 3 .   ? 2.965   -18.740 0.528   1.00 35.64 ? 404 NAG A C6  1 
HETATM 1267 C C7  . NAG E 3 .   ? 1.319   -12.292 1.403   1.00 23.98 ? 404 NAG A C7  1 
HETATM 1268 C C8  . NAG E 3 .   ? 1.477   -10.856 1.007   1.00 23.44 ? 404 NAG A C8  1 
HETATM 1269 N N2  . NAG E 3 .   ? 2.143   -13.159 0.804   1.00 19.87 ? 404 NAG A N2  1 
HETATM 1270 O O3  . NAG E 3 .   ? 3.687   -14.462 2.865   1.00 26.66 ? 404 NAG A O3  1 
HETATM 1271 O O4  . NAG E 3 .   ? 4.780   -17.024 2.108   1.00 37.28 ? 404 NAG A O4  1 
HETATM 1272 O O5  . NAG E 3 .   ? 1.787   -16.750 0.028   1.00 24.46 ? 404 NAG A O5  1 
HETATM 1273 O O6  . NAG E 3 .   ? 1.840   -19.127 1.308   1.00 47.24 ? 404 NAG A O6  1 
HETATM 1274 O O7  . NAG E 3 .   ? 0.487   -12.652 2.231   1.00 27.32 ? 404 NAG A O7  1 
HETATM 1275 C C1  . NAG F 3 .   ? 13.323  -0.418  18.744  1.00 27.69 ? 405 NAG A C1  1 
HETATM 1276 C C2  . NAG F 3 .   ? 13.605  -1.196  17.451  1.00 26.83 ? 405 NAG A C2  1 
HETATM 1277 C C3  . NAG F 3 .   ? 14.969  -1.888  17.523  1.00 29.66 ? 405 NAG A C3  1 
HETATM 1278 C C4  . NAG F 3 .   ? 16.054  -0.900  17.930  1.00 35.42 ? 405 NAG A C4  1 
HETATM 1279 C C5  . NAG F 3 .   ? 15.652  -0.206  19.225  1.00 31.22 ? 405 NAG A C5  1 
HETATM 1280 C C6  . NAG F 3 .   ? 16.651  0.830   19.685  1.00 38.45 ? 405 NAG A C6  1 
HETATM 1281 C C7  . NAG F 3 .   ? 11.531  -1.953  16.370  1.00 21.83 ? 405 NAG A C7  1 
HETATM 1282 C C8  . NAG F 3 .   ? 10.524  -3.057  16.263  1.00 18.96 ? 405 NAG A C8  1 
HETATM 1283 N N2  . NAG F 3 .   ? 12.550  -2.168  17.210  1.00 23.43 ? 405 NAG A N2  1 
HETATM 1284 O O3  . NAG F 3 .   ? 15.284  -2.449  16.252  1.00 28.39 ? 405 NAG A O3  1 
HETATM 1285 O O4  . NAG F 3 .   ? 17.292  -1.576  18.122  1.00 34.24 ? 405 NAG A O4  1 
HETATM 1286 O O5  . NAG F 3 .   ? 14.407  0.475   19.018  1.00 34.01 ? 405 NAG A O5  1 
HETATM 1287 O O6  . NAG F 3 .   ? 16.541  2.029   18.930  1.00 42.42 ? 405 NAG A O6  1 
HETATM 1288 O O7  . NAG F 3 .   ? 11.430  -0.918  15.723  1.00 22.99 ? 405 NAG A O7  1 
HETATM 1289 C C1  . NAG G 3 .   ? 20.430  7.488   1.200   1.00 43.50 ? 406 NAG A C1  1 
HETATM 1290 C C2  . NAG G 3 .   ? 20.589  7.351   -0.300  1.00 43.74 ? 406 NAG A C2  1 
HETATM 1291 C C3  . NAG G 3 .   ? 22.031  7.639   -0.684  1.00 45.80 ? 406 NAG A C3  1 
HETATM 1292 C C4  . NAG G 3 .   ? 22.426  9.025   -0.189  1.00 49.95 ? 406 NAG A C4  1 
HETATM 1293 C C5  . NAG G 3 .   ? 22.109  9.198   1.300   1.00 39.43 ? 406 NAG A C5  1 
HETATM 1294 C C6  . NAG G 3 .   ? 22.241  10.633  1.749   1.00 39.99 ? 406 NAG A C6  1 
HETATM 1295 C C7  . NAG G 3 .   ? 19.202  5.868   -1.667  1.00 62.15 ? 406 NAG A C7  1 
HETATM 1296 C C8  . NAG G 3 .   ? 18.895  4.450   -2.044  1.00 62.60 ? 406 NAG A C8  1 
HETATM 1297 N N2  . NAG G 3 .   ? 20.176  6.038   -0.768  1.00 55.50 ? 406 NAG A N2  1 
HETATM 1298 O O3  . NAG G 3 .   ? 22.177  7.559   -2.096  1.00 53.83 ? 406 NAG A O3  1 
HETATM 1299 O O4  . NAG G 3 .   ? 23.818  9.234   -0.396  1.00 40.22 ? 406 NAG A O4  1 
HETATM 1300 O O5  . NAG G 3 .   ? 20.755  8.813   1.591   1.00 34.40 ? 406 NAG A O5  1 
HETATM 1301 O O6  . NAG G 3 .   ? 21.353  11.469  1.019   1.00 40.38 ? 406 NAG A O6  1 
HETATM 1302 O O7  . NAG G 3 .   ? 18.595  6.817   -2.156  1.00 65.44 ? 406 NAG A O7  1 
HETATM 1303 O O   . HOH H 4 .   ? -11.187 0.270   2.791   1.00 38.69 ? 501 HOH A O   1 
HETATM 1304 O O   . HOH H 4 .   ? 10.179  14.050  14.505  1.00 40.33 ? 502 HOH A O   1 
HETATM 1305 O O   . HOH H 4 .   ? 20.748  6.014   5.522   1.00 36.04 ? 503 HOH A O   1 
HETATM 1306 O O   . HOH H 4 .   ? 13.532  -2.367  4.004   1.00 35.23 ? 504 HOH A O   1 
HETATM 1307 O O   . HOH H 4 .   ? 9.881   1.312   12.991  1.00 30.29 ? 505 HOH A O   1 
HETATM 1308 O O   . HOH H 4 .   ? 17.055  1.548   6.408   1.00 26.42 ? 506 HOH A O   1 
HETATM 1309 O O   . HOH H 4 .   ? -5.572  1.908   -13.401 1.00 33.82 ? 507 HOH A O   1 
HETATM 1310 O O   . HOH H 4 .   ? 14.158  0.301   -0.990  1.00 30.85 ? 508 HOH A O   1 
HETATM 1311 O O   . HOH H 4 .   ? -0.980  -14.413 3.189   1.00 40.38 ? 509 HOH A O   1 
HETATM 1312 O O   . HOH H 4 .   ? 0.037   20.323  -2.779  1.00 35.26 ? 510 HOH A O   1 
HETATM 1313 O O   . HOH H 4 .   ? 3.366   4.686   20.118  1.00 30.17 ? 511 HOH A O   1 
HETATM 1314 O O   . HOH H 4 .   ? -0.422  21.579  2.072   1.00 41.31 ? 512 HOH A O   1 
HETATM 1315 O O   . HOH H 4 .   ? -2.315  -14.541 5.852   1.00 37.88 ? 513 HOH A O   1 
HETATM 1316 O O   . HOH H 4 .   ? 11.485  -6.848  1.905   1.00 44.84 ? 514 HOH A O   1 
HETATM 1317 O O   . HOH H 4 .   ? -1.271  -3.917  -18.603 1.00 33.26 ? 515 HOH A O   1 
HETATM 1318 O O   . HOH H 4 .   ? 10.060  6.850   -7.419  1.00 34.60 ? 516 HOH A O   1 
HETATM 1319 O O   . HOH H 4 .   ? 5.366   -9.990  6.478   1.00 24.33 ? 517 HOH A O   1 
HETATM 1320 O O   . HOH H 4 .   ? -3.590  -9.154  7.873   1.00 15.24 ? 518 HOH A O   1 
HETATM 1321 O O   . HOH H 4 .   ? -1.818  11.729  21.064  1.00 31.03 ? 519 HOH A O   1 
HETATM 1322 O O   . HOH H 4 .   ? 4.833   -1.512  22.400  1.00 43.38 ? 520 HOH A O   1 
HETATM 1323 O O   . HOH H 4 .   ? 3.258   20.613  -1.005  1.00 33.34 ? 521 HOH A O   1 
HETATM 1324 O O   . HOH H 4 .   ? 9.276   0.517   15.260  1.00 22.59 ? 522 HOH A O   1 
HETATM 1325 O O   . HOH H 4 .   ? 4.865   -16.157 7.230   1.00 27.69 ? 523 HOH A O   1 
HETATM 1326 O O   . HOH H 4 .   ? -6.663  -22.111 -6.921  1.00 35.83 ? 524 HOH A O   1 
HETATM 1327 O O   . HOH H 4 .   ? 14.880  8.776   -1.503  1.00 32.46 ? 525 HOH A O   1 
HETATM 1328 O O   . HOH H 4 .   ? -14.562 9.405   -2.331  1.00 19.28 ? 526 HOH A O   1 
HETATM 1329 O O   . HOH H 4 .   ? -7.372  1.149   2.312   1.00 15.26 ? 527 HOH A O   1 
HETATM 1330 O O   . HOH H 4 .   ? 2.407   -9.356  -13.736 1.00 24.12 ? 528 HOH A O   1 
HETATM 1331 O O   . HOH H 4 .   ? 14.296  1.003   -8.721  1.00 26.19 ? 529 HOH A O   1 
HETATM 1332 O O   . HOH H 4 .   ? -11.593 -9.911  7.097   1.00 30.50 ? 530 HOH A O   1 
HETATM 1333 O O   . HOH H 4 .   ? -14.537 9.845   -8.380  1.00 36.84 ? 531 HOH A O   1 
HETATM 1334 O O   . HOH H 4 .   ? 13.469  13.295  10.825  1.00 22.45 ? 532 HOH A O   1 
HETATM 1335 O O   . HOH H 4 .   ? -13.117 -8.417  2.696   1.00 28.81 ? 533 HOH A O   1 
HETATM 1336 O O   . HOH H 4 .   ? -1.712  15.067  13.428  1.00 24.15 ? 534 HOH A O   1 
HETATM 1337 O O   . HOH H 4 .   ? 8.155   8.938   10.193  1.00 14.75 ? 535 HOH A O   1 
HETATM 1338 O O   . HOH H 4 .   ? -8.668  11.180  -5.159  1.00 23.82 ? 536 HOH A O   1 
HETATM 1339 O O   . HOH H 4 .   ? 15.008  0.710   4.791   1.00 19.65 ? 537 HOH A O   1 
HETATM 1340 O O   . HOH H 4 .   ? 2.618   -7.450  7.161   1.00 16.33 ? 538 HOH A O   1 
HETATM 1341 O O   . HOH H 4 .   ? -2.460  9.562   -3.996  1.00 15.92 ? 539 HOH A O   1 
HETATM 1342 O O   . HOH H 4 .   ? -10.576 9.645   -0.874  1.00 20.36 ? 540 HOH A O   1 
HETATM 1343 O O   . HOH H 4 .   ? -9.473  1.253   0.474   1.00 13.50 ? 541 HOH A O   1 
HETATM 1344 O O   . HOH H 4 .   ? 4.260   -12.375 6.205   1.00 24.95 ? 542 HOH A O   1 
HETATM 1345 O O   . HOH H 4 .   ? -7.872  -0.391  11.545  1.00 35.81 ? 543 HOH A O   1 
HETATM 1346 O O   . HOH H 4 .   ? -17.186 9.803   -5.721  1.00 37.87 ? 544 HOH A O   1 
HETATM 1347 O O   . HOH H 4 .   ? 0.243   9.434   -3.800  1.00 17.17 ? 545 HOH A O   1 
HETATM 1348 O O   . HOH H 4 .   ? 9.212   -2.524  -15.932 1.00 24.53 ? 546 HOH A O   1 
HETATM 1349 O O   . HOH H 4 .   ? -14.212 3.849   6.341   1.00 16.75 ? 547 HOH A O   1 
HETATM 1350 O O   . HOH H 4 .   ? 2.566   -13.609 -11.504 1.00 33.02 ? 548 HOH A O   1 
HETATM 1351 O O   . HOH H 4 .   ? -15.989 2.039   -1.824  1.00 21.96 ? 549 HOH A O   1 
HETATM 1352 O O   . HOH H 4 .   ? 9.618   -15.348 6.797   1.00 22.23 ? 550 HOH A O   1 
HETATM 1353 O O   . HOH H 4 .   ? 6.456   2.014   -9.657  1.00 13.73 ? 551 HOH A O   1 
HETATM 1354 O O   . HOH H 4 .   ? -1.976  -3.466  12.902  1.00 19.91 ? 552 HOH A O   1 
HETATM 1355 O O   . HOH H 4 .   ? -15.681 -14.657 -15.821 1.00 35.63 ? 553 HOH A O   1 
HETATM 1356 O O   . HOH H 4 .   ? 13.793  -3.873  14.498  1.00 29.39 ? 554 HOH A O   1 
HETATM 1357 O O   . HOH H 4 .   ? 6.946   14.428  0.721   1.00 19.02 ? 555 HOH A O   1 
HETATM 1358 O O   . HOH H 4 .   ? 6.699   -6.898  -10.911 1.00 13.43 ? 556 HOH A O   1 
HETATM 1359 O O   . HOH H 4 .   ? 3.421   -12.793 -1.980  1.00 26.10 ? 557 HOH A O   1 
HETATM 1360 O O   . HOH H 4 .   ? 4.003   9.044   -4.211  1.00 17.94 ? 558 HOH A O   1 
HETATM 1361 O O   . HOH H 4 .   ? 5.791   8.184   -6.780  1.00 31.89 ? 559 HOH A O   1 
HETATM 1362 O O   . HOH H 4 .   ? 3.817   -6.756  14.513  1.00 16.38 ? 560 HOH A O   1 
HETATM 1363 O O   . HOH H 4 .   ? 6.157   13.745  14.322  1.00 20.70 ? 561 HOH A O   1 
HETATM 1364 O O   . HOH H 4 .   ? 16.896  8.678   0.343   1.00 34.85 ? 562 HOH A O   1 
HETATM 1365 O O   . HOH H 4 .   ? 6.467   -6.049  -15.139 1.00 18.54 ? 563 HOH A O   1 
HETATM 1366 O O   . HOH H 4 .   ? 11.799  -5.695  13.737  1.00 26.21 ? 564 HOH A O   1 
HETATM 1367 O O   . HOH H 4 .   ? 16.203  14.132  3.087   1.00 19.93 ? 565 HOH A O   1 
HETATM 1368 O O   . HOH H 4 .   ? 5.773   -9.032  8.838   1.00 22.78 ? 566 HOH A O   1 
HETATM 1369 O O   . HOH H 4 .   ? -17.675 6.666   -4.325  1.00 34.38 ? 567 HOH A O   1 
HETATM 1370 O O   . HOH H 4 .   ? -8.457  -3.479  7.442   1.00 29.15 ? 568 HOH A O   1 
HETATM 1371 O O   . HOH H 4 .   ? 8.699   3.288   15.611  1.00 29.79 ? 569 HOH A O   1 
HETATM 1372 O O   . HOH H 4 .   ? -8.884  -2.392  5.209   1.00 23.78 ? 570 HOH A O   1 
HETATM 1373 O O   . HOH H 4 .   ? -0.627  16.263  10.609  1.00 20.51 ? 571 HOH A O   1 
HETATM 1374 O O   . HOH H 4 .   ? 1.228   -9.082  8.986   1.00 19.89 ? 572 HOH A O   1 
HETATM 1375 O O   . HOH H 4 .   ? 1.567   3.537   -13.445 1.00 25.76 ? 573 HOH A O   1 
HETATM 1376 O O   . HOH H 4 .   ? 13.206  0.767   -3.866  1.00 25.13 ? 574 HOH A O   1 
HETATM 1377 O O   . HOH H 4 .   ? -13.637 11.623  -5.536  1.00 37.38 ? 575 HOH A O   1 
HETATM 1378 O O   . HOH H 4 .   ? -4.310  11.161  -11.285 1.00 30.09 ? 576 HOH A O   1 
HETATM 1379 O O   . HOH H 4 .   ? -16.431 -3.790  0.766   1.00 39.30 ? 577 HOH A O   1 
HETATM 1380 O O   . HOH H 4 .   ? -5.993  11.423  7.883   1.00 28.76 ? 578 HOH A O   1 
HETATM 1381 O O   . HOH H 4 .   ? -5.374  16.529  -8.877  1.00 36.57 ? 579 HOH A O   1 
HETATM 1382 O O   . HOH H 4 .   ? 6.419   -5.847  14.685  1.00 18.79 ? 580 HOH A O   1 
HETATM 1383 O O   . HOH H 4 .   ? -4.477  -16.230 -15.815 1.00 25.12 ? 581 HOH A O   1 
HETATM 1384 O O   . HOH H 4 .   ? -5.500  -14.127 3.113   1.00 29.05 ? 582 HOH A O   1 
HETATM 1385 O O   . HOH H 4 .   ? -1.974  -11.191 -14.895 1.00 26.53 ? 583 HOH A O   1 
HETATM 1386 O O   . HOH H 4 .   ? 10.367  -4.056  -0.067  1.00 26.72 ? 584 HOH A O   1 
HETATM 1387 O O   . HOH H 4 .   ? 15.299  -7.643  12.431  1.00 39.45 ? 585 HOH A O   1 
HETATM 1388 O O   . HOH H 4 .   ? -7.129  9.342   2.524   1.00 26.28 ? 586 HOH A O   1 
HETATM 1389 O O   . HOH H 4 .   ? 4.316   11.765  14.447  1.00 14.89 ? 587 HOH A O   1 
HETATM 1390 O O   . HOH H 4 .   ? 6.804   12.408  -2.298  1.00 20.20 ? 588 HOH A O   1 
HETATM 1391 O O   . HOH H 4 .   ? 4.030   6.252   -9.553  1.00 34.36 ? 589 HOH A O   1 
HETATM 1392 O O   . HOH H 4 .   ? -1.696  -15.351 1.078   1.00 27.22 ? 590 HOH A O   1 
HETATM 1393 O O   . HOH H 4 .   ? -2.839  -13.565 -16.856 1.00 29.86 ? 591 HOH A O   1 
HETATM 1394 O O   . HOH H 4 .   ? -15.100 -6.712  -13.381 1.00 25.06 ? 592 HOH A O   1 
HETATM 1395 O O   . HOH H 4 .   ? 7.499   -0.579  17.186  1.00 17.71 ? 593 HOH A O   1 
HETATM 1396 O O   . HOH H 4 .   ? -12.020 -6.259  -3.600  1.00 32.10 ? 594 HOH A O   1 
HETATM 1397 O O   . HOH H 4 .   ? 4.661   15.890  -5.109  1.00 27.20 ? 595 HOH A O   1 
HETATM 1398 O O   . HOH H 4 .   ? 12.506  -2.662  21.757  1.00 35.19 ? 596 HOH A O   1 
HETATM 1399 O O   . HOH H 4 .   ? -13.129 0.171   -0.748  1.00 18.13 ? 597 HOH A O   1 
HETATM 1400 O O   . HOH H 4 .   ? -15.577 -3.533  8.446   1.00 35.54 ? 598 HOH A O   1 
HETATM 1401 O O   . HOH H 4 .   ? -11.569 -21.919 -10.757 1.00 42.03 ? 599 HOH A O   1 
HETATM 1402 O O   . HOH H 4 .   ? 13.204  -3.821  -13.738 1.00 15.28 ? 600 HOH A O   1 
HETATM 1403 O O   . HOH H 4 .   ? -3.672  -3.576  -14.968 1.00 19.91 ? 601 HOH A O   1 
HETATM 1404 O O   . HOH H 4 .   ? 2.839   14.372  17.402  1.00 16.06 ? 602 HOH A O   1 
HETATM 1405 O O   . HOH H 4 .   ? -5.363  15.413  7.192   1.00 33.96 ? 603 HOH A O   1 
HETATM 1406 O O   . HOH H 4 .   ? -7.027  -5.453  12.324  1.00 41.71 ? 604 HOH A O   1 
HETATM 1407 O O   . HOH H 4 .   ? 2.257   -15.235 5.229   1.00 42.93 ? 605 HOH A O   1 
HETATM 1408 O O   . HOH H 4 .   ? 6.006   -10.793 -9.481  1.00 21.54 ? 606 HOH A O   1 
HETATM 1409 O O   . HOH H 4 .   ? 8.106   -11.200 -3.008  1.00 28.21 ? 607 HOH A O   1 
HETATM 1410 O O   . HOH H 4 .   ? 7.534   -5.294  17.180  1.00 19.52 ? 608 HOH A O   1 
HETATM 1411 O O   . HOH H 4 .   ? 12.778  -4.465  18.923  1.00 29.41 ? 609 HOH A O   1 
HETATM 1412 O O   . HOH H 4 .   ? 0.748   -1.396  -14.395 1.00 25.51 ? 610 HOH A O   1 
HETATM 1413 O O   . HOH H 4 .   ? -7.447  -7.321  11.658  1.00 35.06 ? 611 HOH A O   1 
HETATM 1414 O O   . HOH H 4 .   ? -0.575  8.128   -11.603 1.00 26.39 ? 612 HOH A O   1 
HETATM 1415 O O   . HOH H 4 .   ? -0.450  -6.260  13.457  1.00 16.10 ? 613 HOH A O   1 
HETATM 1416 O O   . HOH H 4 .   ? 15.410  0.767   1.928   1.00 35.19 ? 614 HOH A O   1 
HETATM 1417 O O   . HOH H 4 .   ? -8.016  -1.523  9.431   1.00 40.64 ? 615 HOH A O   1 
HETATM 1418 O O   . HOH H 4 .   ? 6.628   5.112   20.768  1.00 38.65 ? 616 HOH A O   1 
HETATM 1419 O O   . HOH H 4 .   ? -1.726  -16.680 -4.175  1.00 33.80 ? 617 HOH A O   1 
HETATM 1420 O O   . HOH H 4 .   ? -13.921 -3.562  -5.912  1.00 29.69 ? 618 HOH A O   1 
HETATM 1421 O O   . HOH H 4 .   ? 8.129   2.660   -14.044 1.00 16.94 ? 619 HOH A O   1 
HETATM 1422 O O   . HOH H 4 .   ? 2.067   -9.197  12.059  1.00 34.30 ? 620 HOH A O   1 
HETATM 1423 O O   . HOH H 4 .   ? 18.917  3.220   6.176   1.00 34.45 ? 621 HOH A O   1 
HETATM 1424 O O   . HOH H 4 .   ? -3.832  -2.550  10.975  1.00 27.17 ? 622 HOH A O   1 
HETATM 1425 O O   . HOH H 4 .   ? 9.474   -12.352 3.320   1.00 40.37 ? 623 HOH A O   1 
HETATM 1426 O O   . HOH H 4 .   ? -5.302  -0.885  12.508  1.00 20.05 ? 624 HOH A O   1 
HETATM 1427 O O   . HOH H 4 .   ? 3.238   20.324  2.078   1.00 24.24 ? 625 HOH A O   1 
HETATM 1428 O O   . HOH H 4 .   ? -12.675 7.874   -0.812  1.00 15.86 ? 626 HOH A O   1 
HETATM 1429 O O   . HOH H 4 .   ? -2.982  15.628  9.676   1.00 23.60 ? 627 HOH A O   1 
HETATM 1430 O O   . HOH H 4 .   ? -11.205 2.302   9.058   1.00 26.22 ? 628 HOH A O   1 
HETATM 1431 O O   . HOH H 4 .   ? -8.419  -5.506  10.702  1.00 32.34 ? 629 HOH A O   1 
HETATM 1432 O O   . HOH H 4 .   ? 4.547   15.165  -0.508  1.00 20.90 ? 630 HOH A O   1 
HETATM 1433 O O   . HOH H 4 .   ? 17.679  -4.336  12.628  1.00 37.12 ? 631 HOH A O   1 
HETATM 1434 O O   . HOH H 4 .   ? -14.157 -6.493  -9.614  1.00 38.53 ? 632 HOH A O   1 
HETATM 1435 O O   . HOH H 4 .   ? 4.779   3.969   -10.752 1.00 14.78 ? 633 HOH A O   1 
HETATM 1436 O O   . HOH H 4 .   ? -0.696  -21.806 -9.265  1.00 48.48 ? 634 HOH A O   1 
HETATM 1437 O O   . HOH H 4 .   ? 7.942   3.425   -7.717  1.00 16.97 ? 635 HOH A O   1 
HETATM 1438 O O   . HOH H 4 .   ? -3.627  -15.122 -13.675 1.00 34.41 ? 636 HOH A O   1 
HETATM 1439 O O   . HOH H 4 .   ? -7.460  10.368  4.471   1.00 34.30 ? 637 HOH A O   1 
HETATM 1440 O O   . HOH H 4 .   ? -7.554  12.295  -8.481  1.00 26.96 ? 638 HOH A O   1 
HETATM 1441 O O   . HOH H 4 .   ? -9.885  -8.369  -3.317  1.00 27.59 ? 639 HOH A O   1 
HETATM 1442 O O   . HOH H 4 .   ? 1.056   22.302  -4.581  1.00 33.01 ? 640 HOH A O   1 
HETATM 1443 O O   . HOH H 4 .   ? 15.146  11.094  11.575  1.00 39.97 ? 641 HOH A O   1 
HETATM 1444 O O   . HOH H 4 .   ? 17.234  14.343  9.714   1.00 26.38 ? 642 HOH A O   1 
HETATM 1445 O O   . HOH H 4 .   ? 11.995  2.313   16.365  1.00 32.13 ? 643 HOH A O   1 
HETATM 1446 O O   . HOH H 4 .   ? -11.325 7.765   -10.528 1.00 38.71 ? 644 HOH A O   1 
HETATM 1447 O O   . HOH H 4 .   ? -4.518  -16.666 -2.911  1.00 29.94 ? 645 HOH A O   1 
HETATM 1448 O O   . HOH H 4 .   ? 1.006   -11.855 8.375   1.00 30.20 ? 646 HOH A O   1 
HETATM 1449 O O   . HOH H 4 .   ? -3.336  11.403  13.572  1.00 24.80 ? 647 HOH A O   1 
HETATM 1450 O O   . HOH H 4 .   ? 22.870  12.434  -1.489  1.00 44.21 ? 648 HOH A O   1 
HETATM 1451 O O   . HOH H 4 .   ? -11.192 -4.750  9.843   1.00 36.91 ? 649 HOH A O   1 
HETATM 1452 O O   . HOH H 4 .   ? 7.311   -13.021 -1.611  1.00 35.27 ? 650 HOH A O   1 
HETATM 1453 O O   . HOH H 4 .   ? -5.159  13.944  9.894   1.00 43.94 ? 651 HOH A O   1 
HETATM 1454 O O   . HOH H 4 .   ? -10.906 -12.529 -5.991  1.00 45.08 ? 652 HOH A O   1 
HETATM 1455 O O   . HOH H 4 .   ? -2.799  -1.737  16.380  1.00 21.17 ? 653 HOH A O   1 
HETATM 1456 O O   . HOH H 4 .   ? -3.084  -21.714 -9.865  1.00 35.23 ? 654 HOH A O   1 
HETATM 1457 O O   . HOH H 4 .   ? 2.669   16.002  15.018  1.00 21.27 ? 655 HOH A O   1 
HETATM 1458 O O   . HOH H 4 .   ? 6.606   9.955   -3.636  1.00 21.13 ? 656 HOH A O   1 
HETATM 1459 O O   . HOH H 4 .   ? 21.459  8.337   10.435  1.00 41.00 ? 657 HOH A O   1 
HETATM 1460 O O   . HOH H 4 .   ? 19.194  1.701   9.963   1.00 39.40 ? 658 HOH A O   1 
HETATM 1461 O O   . HOH H 4 .   ? 5.850   17.735  -1.101  1.00 36.48 ? 659 HOH A O   1 
HETATM 1462 O O   . HOH H 4 .   ? 0.724   2.089   20.351  1.00 37.09 ? 660 HOH A O   1 
HETATM 1463 O O   . HOH H 4 .   ? 1.886   21.840  4.195   1.00 51.54 ? 661 HOH A O   1 
HETATM 1464 O O   . HOH H 4 .   ? 6.836   15.759  17.379  1.00 31.13 ? 662 HOH A O   1 
HETATM 1465 O O   . HOH H 4 .   ? 6.567   6.169   -8.102  1.00 37.57 ? 663 HOH A O   1 
HETATM 1466 O O   . HOH H 4 .   ? 14.965  -7.954  8.816   1.00 31.20 ? 664 HOH A O   1 
HETATM 1467 O O   . HOH H 4 .   ? -6.672  10.066  10.072  1.00 32.41 ? 665 HOH A O   1 
HETATM 1468 O O   . HOH H 4 .   ? -5.055  -1.942  14.784  1.00 28.73 ? 666 HOH A O   1 
HETATM 1469 O O   . HOH H 4 .   ? 11.360  2.628   13.823  1.00 38.89 ? 667 HOH A O   1 
HETATM 1470 O O   . HOH H 4 .   ? -14.614 -1.337  -7.772  1.00 38.29 ? 668 HOH A O   1 
HETATM 1471 O O   . HOH H 4 .   ? -9.074  -13.093 6.361   1.00 42.46 ? 669 HOH A O   1 
HETATM 1472 O O   . HOH H 4 .   ? 1.653   11.781  -6.697  1.00 35.29 ? 670 HOH A O   1 
HETATM 1473 O O   . HOH H 4 .   ? -11.434 -7.343  -23.877 1.00 39.92 ? 671 HOH A O   1 
HETATM 1474 O O   . HOH H 4 .   ? -4.699  -0.770  -16.787 1.00 43.54 ? 672 HOH A O   1 
HETATM 1475 O O   . HOH H 4 .   ? -3.048  -1.991  -18.034 1.00 45.31 ? 673 HOH A O   1 
HETATM 1476 O O   . HOH H 4 .   ? 10.424  13.920  -0.231  1.00 31.17 ? 674 HOH A O   1 
HETATM 1477 O O   . HOH H 4 .   ? -0.849  11.327  23.114  1.00 45.81 ? 675 HOH A O   1 
HETATM 1478 O O   . HOH H 4 .   ? -0.010  11.605  -8.574  1.00 38.58 ? 676 HOH A O   1 
HETATM 1479 O O   . HOH H 4 .   ? 10.872  -9.118  1.077   1.00 50.20 ? 677 HOH A O   1 
HETATM 1480 O O   . HOH H 4 .   ? 14.054  1.917   -5.652  1.00 44.03 ? 678 HOH A O   1 
HETATM 1481 O O   . HOH H 4 .   ? 3.878   -8.826  -15.987 1.00 30.20 ? 679 HOH A O   1 
HETATM 1482 O O   . HOH H 4 .   ? 8.483   -4.801  -17.011 1.00 34.03 ? 680 HOH A O   1 
HETATM 1483 O O   . HOH H 4 .   ? -1.637  -1.602  -15.280 1.00 34.38 ? 681 HOH A O   1 
HETATM 1484 O O   . HOH H 4 .   ? 6.098   -9.454  -11.744 1.00 20.74 ? 682 HOH A O   1 
HETATM 1485 O O   . HOH H 4 .   ? -9.767  11.213  -7.525  1.00 44.54 ? 683 HOH A O   1 
HETATM 1486 O O   . HOH H 4 .   ? -4.718  -15.193 0.507   1.00 37.15 ? 684 HOH A O   1 
HETATM 1487 O O   . HOH H 4 .   ? 16.773  -1.218  1.512   1.00 43.61 ? 685 HOH A O   1 
HETATM 1488 O O   . HOH H 4 .   ? -11.232 -13.728 7.797   1.00 44.73 ? 686 HOH A O   1 
HETATM 1489 O O   . HOH H 4 .   ? 13.882  -3.166  -16.158 1.00 26.42 ? 687 HOH A O   1 
HETATM 1490 O O   . HOH H 4 .   ? 0.613   1.402   -13.893 1.00 36.04 ? 688 HOH A O   1 
HETATM 1491 O O   . HOH H 4 .   ? -3.099  -16.754 5.792   1.00 52.54 ? 689 HOH A O   1 
HETATM 1492 O O   . HOH H 4 .   ? 5.075   14.281  -3.032  1.00 21.50 ? 690 HOH A O   1 
HETATM 1493 O O   . HOH H 4 .   ? 5.327   -12.755 -3.455  1.00 32.27 ? 691 HOH A O   1 
HETATM 1494 O O   . HOH H 4 .   ? -8.565  -22.622 -7.298  1.00 41.89 ? 692 HOH A O   1 
HETATM 1495 O O   . HOH H 4 .   ? -4.324  14.602  11.461  1.00 40.07 ? 693 HOH A O   1 
HETATM 1496 O O   . HOH H 4 .   ? 14.045  14.538  12.988  1.00 35.92 ? 694 HOH A O   1 
HETATM 1497 O O   . HOH H 4 .   ? -7.879  14.740  8.398   1.00 39.90 ? 695 HOH A O   1 
HETATM 1498 O O   . HOH H 4 .   ? -13.033 5.521   9.445   1.00 41.47 ? 696 HOH A O   1 
HETATM 1499 O O   . HOH H 4 .   ? -10.371 -10.104 -4.465  1.00 39.44 ? 697 HOH A O   1 
HETATM 1500 O O   . HOH H 4 .   ? 0.581   -11.230 -14.548 1.00 27.11 ? 698 HOH A O   1 
HETATM 1501 O O   . HOH H 4 .   ? -0.198  -12.285 -17.335 1.00 49.42 ? 699 HOH A O   1 
HETATM 1502 O O   . HOH H 4 .   ? -2.590  -12.792 -12.799 1.00 30.66 ? 700 HOH A O   1 
HETATM 1503 O O   . HOH H 4 .   ? -1.181  -15.707 -16.901 1.00 47.13 ? 701 HOH A O   1 
# 
